data_9N5K
#
_entry.id   9N5K
#
_cell.length_a   1.00
_cell.length_b   1.00
_cell.length_c   1.00
_cell.angle_alpha   90.00
_cell.angle_beta   90.00
_cell.angle_gamma   90.00
#
_symmetry.space_group_name_H-M   'P 1'
#
loop_
_entity.id
_entity.type
_entity.pdbx_description
1 polymer 'Gametocyte surface protein P230'
2 polymer 'Gametocyte surface protein P45/48'
#
loop_
_entity_poly.entity_id
_entity_poly.type
_entity_poly.pdbx_seq_one_letter_code
_entity_poly.pdbx_strand_id
1 'polypeptide(L)'
;MKKIITLKNLFLIILVYIFSEKKDLRCNVIKGNNIKDDEDKRFHLFYYSHNLFKTPETKEKKNKKECFYKNGGIYNLSKE
IRMRKDTSVKIKQRTCPFHKEGSSFEMGSKNITCFYPIVGKKERKTLDTIIIKKNVTNDHVVSSDMHSNVQEKNMILIRN
IDKENKNDIQNVEEKIQRDTYENKDYESDDTLIEWFDDNTNEENFLLTFLKRCLMKIFSSPKRKKTVVQKKHKSNFFINS
SLKYIYMYLTPSDSFNLVRRNRNLDEEDMSPRDNFVIDDEEEEEEEEEEEEEEEEEEEEEEEEEYDDYVYEESGDETEEQ
LQEEHQEEVGAESSEESFNDEDEDSVEARDGDMIRVDEYYEDQDGDTYDSTIKNEDVDEEVGEEVGEEVGEEVGEEVGEE
VGEEVGEEVGEEVGEEEGEEVGEGVGEEVGEEEGEEVGEEEGEYVDEKERQGEIYPFGDEEEKDEGGESFTYEKSEVDKT
DLFKFIEGGEGDDVYKVDGSKVLLDDDTISRVSKKHTARDGEYGEYGEAVEDGENVIKIIRSVLQSGALPSVGVDELDKI
DLSYETTESGDTAVSEDSYDKYASNNTNKEYVCDFTDQLKPTESGPKVKKCEVKVNEPLIKVKIICPLKGSVEKLYDNIE
YVPKKSPYVVLTKEETKLKEKLLSKLIYGLLISPTVNEKENNFKEGVIEFTLPPVVHKATVFYFICDNSKTEDDNKKGNR
GIVEVYVEPYGNKINGCAFLDEDEEEEKYGNQIEEDEHNEKIKMKTFFTQNIYKKNNIYPCYMKLYSGDIGGILFPKNIK
STTCFEEMIPYNKEIKWNKENKSLGNLVNNSVVYNKEMNAKYFNVQYVHIPTSYKDTLNLFCSIILKEEESNLISTSYLV
YVSINEELNFSLFDFYESFVPIKKTIQVAQKNVNNKEHDYTCDFTDKLDKTVPSTANGKKLFICRKHLKEFDTFTLKCNV
NKTQYPNIEIFPKTLKDKKEVLKLDLDIQYQMFSKFFKFNTQNAKYLNLYPYYLIFPFNHIGKKELKNNPTYKNHKDVKY
FEQSSVLSPLSSADSLGKLLNFLDTQETVCLTEKIRYLNLSINELGSDNNTFSVTFQVPPYIDIKEPFYFMFGCNNNKGE
GNIGIVELLISKQEEKIKGCNFHESKLDYFNENISSDTHECTLHAYENDIIGFNCLETTHPNEVEVEVEDAEIYLQPENC
FNNVYKGLNSVDITTILKNAQTYNINNKKTPTFLKIPPYNLLEDVEISCQCTIKQVVKKIKVIITKNDTVLLKREVQSES
TLDDKIYKCEHENFINPRVNKTFDENVEYTCNIKIENFFNYIQIFCPAKDLGIYKNIQMYYDIVKPTRVPQFKKFNNEEL
HKLIPNSEMLHKTKEMLILYNEEKVDLLHFYVFLPIYIKDIYEFNIVCDNSKTMWKNQLGGKVIYHITVSKREQKVKGCS
FDNEHAHMFSYNKTNVKNCIIDAKPKDLIGFVCPSGTLKLTNCFKDAIVHTNLTNINGILYLKNNLANFTYKHQFNYMEI
PALMDNDISFKCICVDLKKKKYNVKSPLGPKVLRALYKKLNIKFDNYVTGTDQNKYLMTYMDLHLSHKRNYLKELFHDLG
KKKPADTDANPESIIESLSINESNESGPFPTGDVDAEHLILEGYDTWESLYDEQLEEVIYNDIESLELKDIEQYVLQVNL
KAPKLMMSAQIHNNRHVCDFSKNNLIVPESLKKKEELGGNPVNIHCYALLKPLDTLYVKCPTSKDNYEAAKVNISENDNE
YELQVISLIEKRFHNFETLESKKPGNGDVVVHNGVVDTGPVLDNSTFEKYFKNIKIKPDKFFEKVINEYDDTEEEKDLES
ILPGAIVSPMKVLKKKDPFTSYAAFVVPPIVPKDLHFKVECNNTEYKDENQYISGYNGIIHIDISNSNRKINGCDFSTNN
SSILTSSVKLVNGETKNCEININNNEVFGIICDNETNLDPEKCFHEIYSKDNKTVKKFREVIPNIDIFSLHNSNKKKVAY
AKVPLDYINKLLFSCSCKTSHTNTIGTMKVTLNKDEKEEEDFKTAQGIKHNNVHLCNFFDNPELTFDNNKIVLCKIDAEL
FSEVIIQLPIFGTKNVEEGVQNEEYKKFSLKPSLVFDDNNNDIKVIGKEKNEVSISLALKGVYGNRIFTFDKNGKKGEGI
SFFIPPIKQDTDLKFIINETIDNSNIKQRGLIYIFVRKNVSENSFKLCDFTTGSTSLMELNSQVKEKKCTVKIKKGDIFG
LKCPKGFAIFPQACFSNVLLEYYKSDYEDSEHINYYIHKDKKYNLKPKDVIELMDENFRELQNIQQYTGISNITDVLHFK
NFNLGNLPLNFKNHYSTAYAKVPDTFNSIINFSCNCYNPEKHVYGTMQVESDNRNFDNIKKNENVIKNFLLPNIEKYALL
LDDEERQKKIKQQQEEEQQEQILKDQDDRLSRHDDYNKNHTYILYDSNEHICDYEKNESLISTLPNDTKKIQKSICKINA
KALDVVTIKCPHTKNFTPKDYFPNSSLITNDKKIVITFDKKNFVTYIDPTKKTFSLKDIYIQSFYGVSLDHLNQIKKIHE
EWDDVHLFYPPHNVLHNVVLNNHIVNLSSALEGVLFMKSKVTGDETATKKNTTLPTDGVSSILIPPYVKEDITFHLFCGK
STTKKPNKKNTSLALIHIHISSNRNIIHGCDFLYLENQTNDAISNNNNNSYSIFTHNKNTENNLICDISLIPKTVIGIKC
PNKKLNPQTCFDEVYYVKQEDVPSKTITADKYNTFSKDKIGNILKNAISINNPDEKDNTYTYLILPEKFEEELIDTKKVL
ACTCDNKYIIHMKIEKSTMDKIKIDEKKTIGKDICKYDVTTKVATCEIIDTIDSSVLKEHHTVHYSITLSRWDKLIIKYP
TNEKTHFENFFVNPFNLKDKVLYNYNKPINIEHILPGAITTDIYDTRTKIKQYILRIPPYVHKDIHFSLEFNNSLSLTKQ
NQNIIYGNVAKIFIHINQGYKEIHGCDFTGKYSHLFTYSKKPLPNDDDICNVTIGNNTFSGFACLSHFELKPNNCFSSVY
DYNEANKVKKLFDLSTKVELDHIKQNTSGYTLSYIIFNKESTKLKFSCTCSSNYSNYTIRITFDPNYIIPEPQSRAIIKY
VDLQDKNFAKYLRKL
;
A
2 'polypeptide(L)'
;MMLYISAKKAQVAFILYIVLVLRIISGNNDFCKPSSLNSEISGFIGYKCNFSNEGVHNLKPDMRERRSIFCTIHSYFIYD
KIRLIIPKKSSSPEFKILPEKCFQKVYTDYENRVETDISELGLIEYEIEENDTNPNYNERTITISPFSPKDIEFFCFCDN
TEKVISSIEGRSAMVHVRVLKYPHNILFTNLTNDLFTYLPKTYNESNFVSNVLEVELNDGELFVLACELINKKCFQEGKE
KALYKSNKIIYHKNLTIFKAPFYVTSKDVNTECTCKFKNNNYKIVLKPKYEKKVIHGCNFSSNVSSKHTFTDSLDISLVD
DSAHISCNVHLSEPKYNHLVGLNCPGDIIPDCFFQVYQPESEELEPSNIVYLDSQINIGDIEYYEDAEGDDKIKLFGIVG
SIPKTTSFTCICKKDKKSAYMTVTIDSAYYGFLAKTFIFLIVAILLYI
;
D
#
# COMPACT_ATOMS: atom_id res chain seq x y z
N THR A 2044 -25.36 57.25 18.20
CA THR A 2044 -24.09 57.09 17.50
C THR A 2044 -22.98 56.73 18.49
N ALA A 2045 -22.76 55.43 18.68
CA ALA A 2045 -21.74 54.94 19.59
C ALA A 2045 -21.33 53.54 19.15
N GLN A 2046 -20.52 52.88 19.97
CA GLN A 2046 -20.04 51.54 19.69
C GLN A 2046 -20.90 50.52 20.42
N GLY A 2047 -20.50 49.26 20.37
CA GLY A 2047 -21.28 48.19 20.95
C GLY A 2047 -20.61 47.52 22.14
N ILE A 2048 -20.55 46.18 22.10
CA ILE A 2048 -20.00 45.40 23.20
C ILE A 2048 -18.74 44.68 22.71
N LYS A 2049 -18.01 45.31 21.79
CA LYS A 2049 -16.75 44.76 21.32
C LYS A 2049 -15.85 44.42 22.51
N HIS A 2050 -15.33 43.19 22.51
CA HIS A 2050 -14.60 42.64 23.65
C HIS A 2050 -13.22 42.15 23.22
N ASN A 2051 -12.52 42.97 22.43
CA ASN A 2051 -11.17 42.66 22.01
C ASN A 2051 -11.11 41.34 21.26
N ASN A 2052 -10.66 40.27 21.92
CA ASN A 2052 -10.58 38.96 21.28
C ASN A 2052 -11.95 38.34 21.05
N VAL A 2053 -13.01 38.91 21.62
CA VAL A 2053 -14.37 38.43 21.45
C VAL A 2053 -15.24 39.60 21.03
N HIS A 2054 -16.28 39.31 20.26
CA HIS A 2054 -17.22 40.32 19.79
C HIS A 2054 -18.64 39.82 19.98
N LEU A 2055 -19.51 40.68 20.51
CA LEU A 2055 -20.86 40.28 20.85
C LEU A 2055 -21.78 41.49 20.78
N CYS A 2056 -23.05 41.22 20.47
CA CYS A 2056 -24.11 42.22 20.59
C CYS A 2056 -25.41 41.47 20.87
N ASN A 2057 -25.75 41.36 22.15
CA ASN A 2057 -26.89 40.57 22.60
C ASN A 2057 -28.11 41.46 22.77
N PHE A 2058 -29.17 41.16 22.04
CA PHE A 2058 -30.44 41.89 22.14
C PHE A 2058 -31.55 41.05 22.76
N PHE A 2059 -31.24 39.84 23.23
CA PHE A 2059 -32.25 38.93 23.74
C PHE A 2059 -32.47 39.10 25.24
N ASP A 2060 -31.40 39.00 26.03
CA ASP A 2060 -31.48 39.08 27.48
C ASP A 2060 -30.48 40.10 28.03
N ASN A 2061 -30.08 41.07 27.20
CA ASN A 2061 -29.16 42.10 27.63
C ASN A 2061 -29.92 43.36 28.02
N PRO A 2062 -29.88 43.79 29.28
CA PRO A 2062 -30.57 45.04 29.62
C PRO A 2062 -30.09 46.23 28.81
N GLU A 2063 -28.83 46.21 28.37
CA GLU A 2063 -28.31 47.30 27.56
C GLU A 2063 -29.05 47.41 26.22
N LEU A 2064 -29.33 46.27 25.60
CA LEU A 2064 -29.88 46.22 24.24
C LEU A 2064 -31.20 45.46 24.20
N THR A 2065 -32.08 45.71 25.16
CA THR A 2065 -33.38 45.07 25.21
C THR A 2065 -34.49 46.11 25.08
N PHE A 2066 -35.71 45.62 24.82
CA PHE A 2066 -36.85 46.51 24.66
C PHE A 2066 -37.24 47.22 25.95
N ASP A 2067 -36.70 46.80 27.09
CA ASP A 2067 -37.02 47.46 28.36
C ASP A 2067 -36.71 48.94 28.29
N ASN A 2068 -35.57 49.31 27.69
CA ASN A 2068 -35.20 50.71 27.56
C ASN A 2068 -36.09 51.39 26.52
N ASN A 2069 -36.63 52.55 26.89
CA ASN A 2069 -37.45 53.35 25.99
C ASN A 2069 -36.63 54.40 25.25
N LYS A 2070 -35.33 54.18 25.09
CA LYS A 2070 -34.45 55.11 24.40
C LYS A 2070 -33.69 54.36 23.30
N ILE A 2071 -32.67 55.01 22.72
CA ILE A 2071 -31.91 54.38 21.64
C ILE A 2071 -31.43 53.01 22.11
N VAL A 2072 -31.66 51.99 21.29
CA VAL A 2072 -31.23 50.63 21.59
C VAL A 2072 -30.62 50.03 20.33
N LEU A 2073 -29.29 50.05 20.24
CA LEU A 2073 -28.60 49.50 19.08
C LEU A 2073 -27.18 49.14 19.51
N CYS A 2074 -26.54 48.33 18.67
CA CYS A 2074 -25.19 47.84 18.94
C CYS A 2074 -24.38 47.87 17.66
N LYS A 2075 -23.05 47.97 17.82
CA LYS A 2075 -22.12 48.05 16.70
C LYS A 2075 -20.91 47.19 17.00
N ILE A 2076 -20.43 46.46 16.00
CA ILE A 2076 -19.33 45.51 16.15
C ILE A 2076 -18.24 45.86 15.17
N ASP A 2077 -17.04 46.17 15.69
CA ASP A 2077 -15.84 46.29 14.88
C ASP A 2077 -15.02 45.00 15.01
N ALA A 2078 -15.59 43.92 14.47
CA ALA A 2078 -14.98 42.61 14.59
C ALA A 2078 -13.65 42.55 13.83
N GLU A 2079 -12.79 41.62 14.25
CA GLU A 2079 -11.48 41.46 13.61
C GLU A 2079 -10.76 40.28 14.23
N LEU A 2080 -9.71 39.83 13.54
CA LEU A 2080 -8.73 38.88 14.07
C LEU A 2080 -9.35 37.55 14.44
N PHE A 2081 -9.95 36.90 13.43
CA PHE A 2081 -10.37 35.50 13.52
C PHE A 2081 -11.14 35.23 14.81
N SER A 2082 -11.82 36.24 15.32
CA SER A 2082 -12.57 36.12 16.57
C SER A 2082 -14.07 36.00 16.27
N GLU A 2083 -14.76 35.35 17.19
CA GLU A 2083 -16.19 35.16 17.04
C GLU A 2083 -16.92 36.49 17.07
N VAL A 2084 -18.08 36.51 16.43
CA VAL A 2084 -19.01 37.63 16.50
C VAL A 2084 -20.38 37.05 16.85
N ILE A 2085 -20.89 37.38 18.03
CA ILE A 2085 -22.13 36.81 18.54
C ILE A 2085 -23.22 37.88 18.46
N ILE A 2086 -24.36 37.50 17.89
CA ILE A 2086 -25.57 38.33 17.91
C ILE A 2086 -26.68 37.49 18.51
N GLN A 2087 -27.23 37.94 19.63
CA GLN A 2087 -28.25 37.19 20.38
C GLN A 2087 -29.54 37.98 20.26
N LEU A 2088 -30.30 37.74 19.16
CA LEU A 2088 -31.49 38.53 18.88
C LEU A 2088 -32.74 37.90 19.50
N PRO A 2089 -33.78 38.70 19.77
CA PRO A 2089 -35.04 38.13 20.25
C PRO A 2089 -35.70 37.22 19.23
N ILE A 2090 -36.81 36.60 19.61
CA ILE A 2090 -37.53 35.70 18.71
C ILE A 2090 -38.35 36.55 17.74
N PHE A 2091 -38.17 36.29 16.44
CA PHE A 2091 -38.90 36.97 15.38
C PHE A 2091 -39.93 35.98 14.83
N GLY A 2092 -41.18 36.13 15.24
CA GLY A 2092 -42.22 35.21 14.85
C GLY A 2092 -42.24 33.99 15.75
N THR A 2093 -43.43 33.40 15.95
CA THR A 2093 -43.56 32.25 16.83
C THR A 2093 -42.66 31.12 16.36
N LYS A 2094 -41.63 30.79 17.15
CA LYS A 2094 -40.68 29.74 16.83
C LYS A 2094 -40.72 28.69 17.92
N ASN A 2095 -40.51 27.43 17.51
CA ASN A 2095 -40.55 26.29 18.43
C ASN A 2095 -39.24 26.23 19.20
N VAL A 2096 -39.17 27.03 20.27
CA VAL A 2096 -38.00 27.04 21.13
C VAL A 2096 -38.42 26.75 22.57
N GLU A 2097 -39.30 27.58 23.13
CA GLU A 2097 -39.72 27.46 24.52
C GLU A 2097 -40.98 28.29 24.71
N GLU A 2098 -41.48 28.29 25.95
CA GLU A 2098 -42.66 29.08 26.32
C GLU A 2098 -42.38 29.74 27.67
N GLY A 2099 -43.13 30.81 27.94
CA GLY A 2099 -42.91 31.60 29.13
C GLY A 2099 -41.99 32.77 28.84
N VAL A 2100 -40.73 32.48 28.49
CA VAL A 2100 -39.85 33.52 27.99
C VAL A 2100 -40.30 34.01 26.63
N GLN A 2101 -41.14 33.24 25.95
CA GLN A 2101 -41.71 33.60 24.67
C GLN A 2101 -43.22 33.69 24.81
N ASN A 2102 -43.67 34.35 25.86
CA ASN A 2102 -45.09 34.47 26.15
C ASN A 2102 -45.78 35.34 25.08
N GLU A 2103 -47.09 35.50 25.24
CA GLU A 2103 -47.85 36.30 24.28
C GLU A 2103 -47.34 37.73 24.24
N GLU A 2104 -47.04 38.31 25.40
CA GLU A 2104 -46.50 39.66 25.44
C GLU A 2104 -45.15 39.75 24.74
N TYR A 2105 -44.40 38.66 24.68
CA TYR A 2105 -43.08 38.64 24.05
C TYR A 2105 -43.10 37.94 22.69
N LYS A 2106 -44.28 37.59 22.18
CA LYS A 2106 -44.40 36.86 20.93
C LYS A 2106 -44.67 37.75 19.72
N LYS A 2107 -45.00 39.02 19.93
CA LYS A 2107 -45.36 39.92 18.83
C LYS A 2107 -44.12 40.63 18.27
N PHE A 2108 -43.10 39.84 17.97
CA PHE A 2108 -41.88 40.31 17.33
C PHE A 2108 -41.68 39.54 16.03
N SER A 2109 -41.27 40.23 14.98
CA SER A 2109 -41.04 39.57 13.70
C SER A 2109 -40.28 40.49 12.77
N LEU A 2110 -39.32 39.93 12.04
CA LEU A 2110 -38.60 40.65 11.00
C LEU A 2110 -38.02 39.63 10.03
N LYS A 2111 -38.00 40.01 8.76
CA LYS A 2111 -37.51 39.09 7.74
C LYS A 2111 -36.03 38.82 7.92
N PRO A 2112 -35.56 37.60 7.67
CA PRO A 2112 -36.30 36.37 7.32
C PRO A 2112 -36.42 35.42 8.51
N SER A 2113 -37.54 34.71 8.65
CA SER A 2113 -37.71 33.69 9.69
C SER A 2113 -37.42 32.34 9.07
N LEU A 2114 -36.13 32.00 9.01
CA LEU A 2114 -35.67 30.79 8.34
C LEU A 2114 -35.53 29.65 9.36
N VAL A 2115 -34.97 28.53 8.92
CA VAL A 2115 -34.83 27.36 9.77
C VAL A 2115 -33.79 27.65 10.86
N PHE A 2116 -34.15 27.37 12.11
CA PHE A 2116 -33.26 27.57 13.24
C PHE A 2116 -33.07 26.31 14.08
N ASP A 2117 -33.56 25.15 13.61
CA ASP A 2117 -33.40 23.90 14.33
C ASP A 2117 -32.01 23.34 14.06
N ASP A 2118 -31.80 22.07 14.40
CA ASP A 2118 -30.49 21.45 14.22
C ASP A 2118 -29.98 21.68 12.80
N ASN A 2119 -30.84 21.50 11.80
CA ASN A 2119 -30.49 21.90 10.44
C ASN A 2119 -30.25 23.39 10.39
N ASN A 2120 -29.13 23.80 9.80
CA ASN A 2120 -28.74 25.21 9.80
C ASN A 2120 -28.09 25.56 8.47
N ASN A 2121 -28.47 26.70 7.92
CA ASN A 2121 -27.84 27.25 6.73
C ASN A 2121 -26.89 28.38 7.15
N ASP A 2122 -26.19 28.95 6.17
CA ASP A 2122 -25.25 30.02 6.46
C ASP A 2122 -25.98 31.21 7.07
N ILE A 2123 -25.32 31.86 8.03
CA ILE A 2123 -25.92 33.02 8.69
C ILE A 2123 -26.23 34.09 7.65
N LYS A 2124 -27.34 34.78 7.85
CA LYS A 2124 -27.84 35.77 6.90
C LYS A 2124 -27.66 37.18 7.46
N VAL A 2125 -27.25 38.11 6.60
CA VAL A 2125 -27.00 39.49 6.99
C VAL A 2125 -27.82 40.40 6.09
N ILE A 2126 -28.56 41.34 6.70
CA ILE A 2126 -29.48 42.20 5.97
C ILE A 2126 -28.69 43.27 5.23
N GLY A 2127 -29.27 43.77 4.14
CA GLY A 2127 -28.62 44.79 3.32
C GLY A 2127 -29.51 46.00 3.06
N LYS A 2128 -29.20 46.73 1.99
CA LYS A 2128 -29.94 47.95 1.69
C LYS A 2128 -31.40 47.66 1.38
N GLU A 2129 -31.67 46.61 0.61
CA GLU A 2129 -33.02 46.28 0.17
C GLU A 2129 -33.91 45.73 1.27
N LYS A 2130 -33.46 45.72 2.53
CA LYS A 2130 -34.13 45.08 3.66
C LYS A 2130 -34.12 43.57 3.55
N ASN A 2131 -33.52 43.01 2.49
CA ASN A 2131 -33.31 41.58 2.37
C ASN A 2131 -31.89 41.26 2.84
N GLU A 2132 -31.48 40.01 2.67
CA GLU A 2132 -30.22 39.54 3.24
C GLU A 2132 -29.37 38.85 2.18
N VAL A 2133 -28.09 38.67 2.53
CA VAL A 2133 -27.16 37.87 1.75
C VAL A 2133 -26.38 37.01 2.74
N SER A 2134 -25.87 35.89 2.24
CA SER A 2134 -25.10 34.98 3.09
C SER A 2134 -23.89 35.70 3.67
N ILE A 2135 -23.66 35.52 4.97
CA ILE A 2135 -22.55 36.19 5.63
C ILE A 2135 -21.22 35.67 5.12
N SER A 2136 -21.16 34.40 4.71
CA SER A 2136 -19.91 33.84 4.23
C SER A 2136 -19.38 34.59 3.02
N LEU A 2137 -20.24 35.29 2.28
CA LEU A 2137 -19.83 36.11 1.15
C LEU A 2137 -19.90 37.60 1.44
N ALA A 2138 -20.75 38.03 2.37
CA ALA A 2138 -20.71 39.43 2.80
C ALA A 2138 -19.36 39.76 3.41
N LEU A 2139 -18.84 38.86 4.24
CA LEU A 2139 -17.47 38.91 4.71
C LEU A 2139 -16.68 37.81 4.00
N LYS A 2140 -15.36 38.00 3.94
CA LYS A 2140 -14.50 37.21 3.06
C LYS A 2140 -14.29 35.81 3.64
N GLY A 2141 -15.35 35.01 3.59
CA GLY A 2141 -15.24 33.58 3.90
C GLY A 2141 -15.48 33.23 5.36
N VAL A 2142 -16.63 33.66 5.90
CA VAL A 2142 -16.93 33.40 7.30
C VAL A 2142 -16.97 31.89 7.56
N TYR A 2143 -16.64 31.51 8.80
CA TYR A 2143 -16.71 30.12 9.23
C TYR A 2143 -17.30 30.08 10.63
N GLY A 2144 -17.86 28.92 10.98
CA GLY A 2144 -18.50 28.76 12.27
C GLY A 2144 -19.87 29.40 12.38
N ASN A 2145 -20.61 29.47 11.28
CA ASN A 2145 -21.94 30.07 11.27
C ASN A 2145 -22.93 29.07 11.87
N ARG A 2146 -23.13 29.16 13.19
CA ARG A 2146 -24.00 28.24 13.91
C ARG A 2146 -24.92 29.01 14.84
N ILE A 2147 -26.07 28.42 15.12
CA ILE A 2147 -27.08 29.00 15.99
C ILE A 2147 -27.05 28.25 17.33
N PHE A 2148 -27.34 28.99 18.41
CA PHE A 2148 -27.30 28.42 19.74
C PHE A 2148 -28.40 29.05 20.59
N THR A 2149 -28.73 28.37 21.68
CA THR A 2149 -29.80 28.81 22.57
C THR A 2149 -29.40 28.51 24.01
N PHE A 2150 -29.97 29.28 24.94
CA PHE A 2150 -29.76 29.07 26.37
C PHE A 2150 -30.86 28.15 26.91
N ASP A 2151 -30.50 27.38 27.93
CA ASP A 2151 -31.38 26.33 28.44
C ASP A 2151 -31.99 26.63 29.81
N LYS A 2152 -31.21 27.19 30.73
CA LYS A 2152 -31.70 27.39 32.10
C LYS A 2152 -33.01 28.18 32.09
N ASN A 2153 -34.02 27.63 32.77
CA ASN A 2153 -35.36 28.21 32.81
C ASN A 2153 -35.95 28.36 31.41
N GLY A 2154 -35.43 27.61 30.44
CA GLY A 2154 -35.95 27.67 29.07
C GLY A 2154 -35.85 29.04 28.44
N LYS A 2155 -34.72 29.73 28.63
CA LYS A 2155 -34.51 31.05 28.05
C LYS A 2155 -33.89 30.93 26.65
N LYS A 2156 -34.60 30.22 25.79
CA LYS A 2156 -34.10 29.95 24.44
C LYS A 2156 -34.09 31.24 23.61
N GLY A 2157 -32.95 31.50 22.97
CA GLY A 2157 -32.83 32.65 22.10
C GLY A 2157 -32.01 32.31 20.87
N GLU A 2158 -32.32 33.00 19.77
CA GLU A 2158 -31.70 32.74 18.47
C GLU A 2158 -30.28 33.33 18.45
N GLY A 2159 -29.41 32.74 19.25
CA GLY A 2159 -28.02 33.14 19.24
C GLY A 2159 -27.38 32.93 17.88
N ILE A 2160 -26.63 33.94 17.44
CA ILE A 2160 -26.00 33.94 16.11
C ILE A 2160 -24.52 34.16 16.32
N SER A 2161 -23.72 33.10 16.16
CA SER A 2161 -22.27 33.16 16.31
C SER A 2161 -21.59 32.86 14.98
N PHE A 2162 -20.54 33.62 14.68
CA PHE A 2162 -19.74 33.37 13.49
C PHE A 2162 -18.35 33.95 13.70
N PHE A 2163 -17.34 33.27 13.14
CA PHE A 2163 -15.94 33.61 13.35
C PHE A 2163 -15.44 34.41 12.15
N ILE A 2164 -14.73 35.50 12.44
CA ILE A 2164 -14.31 36.43 11.38
C ILE A 2164 -13.29 35.75 10.49
N PRO A 2165 -13.36 35.92 9.17
CA PRO A 2165 -12.29 35.46 8.29
C PRO A 2165 -11.31 36.58 8.02
N PRO A 2166 -10.21 36.29 7.31
CA PRO A 2166 -9.28 37.37 6.91
C PRO A 2166 -10.01 38.42 6.10
N ILE A 2167 -9.83 39.68 6.49
CA ILE A 2167 -10.49 40.82 5.86
C ILE A 2167 -9.50 41.96 5.76
N LYS A 2168 -9.48 42.64 4.60
CA LYS A 2168 -8.53 43.72 4.35
C LYS A 2168 -9.18 45.09 4.26
N GLN A 2169 -10.51 45.18 4.41
CA GLN A 2169 -11.22 46.44 4.29
C GLN A 2169 -12.25 46.54 5.41
N ASP A 2170 -12.92 47.69 5.48
CA ASP A 2170 -14.01 47.91 6.41
C ASP A 2170 -15.32 47.58 5.70
N THR A 2171 -15.98 46.52 6.15
CA THR A 2171 -17.22 46.05 5.53
C THR A 2171 -18.42 46.54 6.32
N ASP A 2172 -19.45 47.00 5.61
CA ASP A 2172 -20.64 47.59 6.22
C ASP A 2172 -21.79 46.59 6.13
N LEU A 2173 -22.21 46.09 7.28
CA LEU A 2173 -23.38 45.22 7.40
C LEU A 2173 -24.36 45.89 8.36
N LYS A 2174 -25.61 46.06 7.92
CA LYS A 2174 -26.61 46.79 8.68
C LYS A 2174 -27.87 45.96 8.81
N PHE A 2175 -28.47 46.02 10.01
CA PHE A 2175 -29.69 45.30 10.34
C PHE A 2175 -30.76 46.27 10.81
N ILE A 2176 -31.92 45.72 11.15
CA ILE A 2176 -32.99 46.46 11.80
C ILE A 2176 -33.61 45.55 12.87
N ILE A 2177 -34.20 46.16 13.89
CA ILE A 2177 -34.95 45.44 14.91
C ILE A 2177 -36.33 46.08 14.96
N ASN A 2178 -37.36 45.27 14.72
CA ASN A 2178 -38.71 45.78 14.51
C ASN A 2178 -39.70 45.00 15.38
N GLU A 2179 -40.67 45.73 15.92
CA GLU A 2179 -41.77 45.15 16.69
C GLU A 2179 -42.97 44.99 15.78
N THR A 2180 -43.59 43.81 15.81
CA THR A 2180 -44.69 43.46 14.93
C THR A 2180 -45.91 43.09 15.77
N ILE A 2181 -46.72 44.08 16.11
CA ILE A 2181 -48.00 43.83 16.78
C ILE A 2181 -49.09 43.55 15.76
N ASP A 2182 -49.23 44.42 14.77
CA ASP A 2182 -50.21 44.26 13.69
C ASP A 2182 -49.99 45.40 12.72
N ASN A 2183 -50.67 45.32 11.57
CA ASN A 2183 -50.56 46.38 10.58
C ASN A 2183 -50.96 47.73 11.19
N SER A 2184 -50.17 48.75 10.90
CA SER A 2184 -50.24 50.10 11.45
C SER A 2184 -49.70 50.16 12.88
N ASN A 2185 -49.33 49.02 13.48
CA ASN A 2185 -48.71 49.00 14.80
C ASN A 2185 -47.27 48.48 14.75
N ILE A 2186 -46.69 48.38 13.55
CA ILE A 2186 -45.32 47.90 13.41
C ILE A 2186 -44.38 49.06 13.71
N LYS A 2187 -43.65 48.95 14.83
CA LYS A 2187 -42.76 50.01 15.29
C LYS A 2187 -41.37 49.46 15.50
N GLN A 2188 -40.36 50.23 15.10
CA GLN A 2188 -38.97 49.84 15.29
C GLN A 2188 -38.50 50.21 16.68
N ARG A 2189 -37.52 49.47 17.18
CA ARG A 2189 -36.94 49.74 18.49
C ARG A 2189 -35.42 49.59 18.52
N GLY A 2190 -34.77 49.27 17.41
CA GLY A 2190 -33.32 49.14 17.43
C GLY A 2190 -32.81 48.69 16.08
N LEU A 2191 -31.48 48.54 16.02
CA LEU A 2191 -30.80 48.10 14.81
C LEU A 2191 -29.42 47.60 15.20
N ILE A 2192 -28.75 46.95 14.24
CA ILE A 2192 -27.40 46.45 14.42
C ILE A 2192 -26.56 46.91 13.24
N TYR A 2193 -25.25 47.01 13.45
CA TYR A 2193 -24.33 47.47 12.42
C TYR A 2193 -22.98 46.80 12.67
N ILE A 2194 -22.66 45.79 11.84
CA ILE A 2194 -21.37 45.12 11.91
C ILE A 2194 -20.39 45.86 11.03
N PHE A 2195 -19.21 46.15 11.58
CA PHE A 2195 -18.22 47.00 10.93
C PHE A 2195 -16.83 46.36 11.00
N VAL A 2196 -16.76 45.09 10.58
CA VAL A 2196 -15.50 44.37 10.58
C VAL A 2196 -14.42 45.24 9.94
N ARG A 2197 -13.22 45.17 10.49
CA ARG A 2197 -12.12 46.05 10.11
C ARG A 2197 -11.02 45.27 9.39
N LYS A 2198 -10.01 46.01 8.94
CA LYS A 2198 -8.88 45.42 8.24
C LYS A 2198 -7.91 44.79 9.24
N ASN A 2199 -7.50 43.55 8.96
CA ASN A 2199 -6.52 42.87 9.79
C ASN A 2199 -5.46 42.10 9.01
N VAL A 2200 -5.55 42.07 7.68
CA VAL A 2200 -4.64 41.25 6.88
C VAL A 2200 -4.35 41.93 5.55
N SER A 2201 -3.50 41.31 4.74
CA SER A 2201 -3.18 41.78 3.40
C SER A 2201 -3.19 40.59 2.45
N GLU A 2202 -3.41 40.89 1.16
CA GLU A 2202 -3.48 39.83 0.16
C GLU A 2202 -2.16 39.07 0.08
N ASN A 2203 -1.04 39.80 0.13
CA ASN A 2203 0.27 39.14 0.02
C ASN A 2203 0.50 38.17 1.17
N SER A 2204 0.07 38.54 2.37
CA SER A 2204 0.33 37.76 3.57
C SER A 2204 -0.69 36.66 3.82
N PHE A 2205 -1.70 36.52 2.96
CA PHE A 2205 -2.77 35.54 3.15
C PHE A 2205 -2.62 34.44 2.10
N LYS A 2206 -2.53 33.20 2.57
CA LYS A 2206 -2.48 32.02 1.70
C LYS A 2206 -3.64 31.11 2.04
N LEU A 2207 -4.35 30.64 1.02
CA LEU A 2207 -5.53 29.80 1.21
C LEU A 2207 -5.50 28.63 0.24
N CYS A 2208 -5.96 27.48 0.71
CA CYS A 2208 -6.12 26.28 -0.11
C CYS A 2208 -7.62 26.05 -0.30
N ASP A 2209 -8.18 26.65 -1.34
CA ASP A 2209 -9.58 26.43 -1.69
C ASP A 2209 -9.67 25.08 -2.36
N PHE A 2210 -9.86 24.04 -1.54
CA PHE A 2210 -9.92 22.67 -2.04
C PHE A 2210 -11.14 22.42 -2.90
N THR A 2211 -12.12 23.34 -2.91
CA THR A 2211 -13.32 23.14 -3.71
C THR A 2211 -12.99 23.05 -5.19
N THR A 2212 -12.10 23.91 -5.68
CA THR A 2212 -11.79 23.99 -7.10
C THR A 2212 -10.27 24.03 -7.29
N GLY A 2213 -9.85 23.61 -8.48
CA GLY A 2213 -8.44 23.58 -8.83
C GLY A 2213 -7.99 22.18 -9.21
N SER A 2214 -6.76 22.13 -9.76
CA SER A 2214 -6.17 20.85 -10.12
C SER A 2214 -6.02 19.95 -8.91
N THR A 2215 -5.86 20.53 -7.72
CA THR A 2215 -5.78 19.77 -6.47
C THR A 2215 -7.13 19.63 -5.80
N SER A 2216 -8.22 20.02 -6.47
CA SER A 2216 -9.54 19.93 -5.88
C SER A 2216 -9.84 18.51 -5.44
N LEU A 2217 -10.39 18.37 -4.24
CA LEU A 2217 -10.72 17.07 -3.68
C LEU A 2217 -12.06 16.53 -4.16
N MET A 2218 -12.85 17.33 -4.87
CA MET A 2218 -14.16 16.87 -5.33
C MET A 2218 -14.02 15.69 -6.29
N GLU A 2219 -13.04 15.76 -7.20
CA GLU A 2219 -12.87 14.71 -8.20
C GLU A 2219 -12.36 13.41 -7.61
N LEU A 2220 -11.95 13.39 -6.34
CA LEU A 2220 -11.42 12.18 -5.75
C LEU A 2220 -12.48 11.07 -5.75
N ASN A 2221 -12.03 9.84 -5.98
CA ASN A 2221 -12.91 8.69 -6.05
C ASN A 2221 -12.15 7.48 -5.49
N SER A 2222 -12.70 6.28 -5.71
CA SER A 2222 -12.04 5.07 -5.23
C SER A 2222 -10.64 4.89 -5.84
N GLN A 2223 -10.37 5.50 -6.99
CA GLN A 2223 -9.07 5.38 -7.63
C GLN A 2223 -8.11 6.49 -7.24
N VAL A 2224 -8.62 7.69 -6.96
CA VAL A 2224 -7.81 8.82 -6.52
C VAL A 2224 -8.29 9.21 -5.14
N LYS A 2225 -7.39 9.17 -4.16
CA LYS A 2225 -7.74 9.33 -2.76
C LYS A 2225 -7.31 10.66 -2.14
N GLU A 2226 -6.24 11.27 -2.64
CA GLU A 2226 -5.72 12.47 -1.99
C GLU A 2226 -5.08 13.39 -3.02
N LYS A 2227 -5.04 14.68 -2.69
CA LYS A 2227 -4.38 15.69 -3.49
C LYS A 2227 -3.67 16.66 -2.54
N LYS A 2228 -2.63 17.31 -3.05
CA LYS A 2228 -1.72 18.11 -2.25
C LYS A 2228 -2.13 19.59 -2.27
N CYS A 2229 -1.67 20.30 -1.24
CA CYS A 2229 -1.77 21.76 -1.17
C CYS A 2229 -0.89 22.23 -0.02
N THR A 2230 -0.58 23.53 -0.04
CA THR A 2230 0.31 24.09 0.96
C THR A 2230 0.04 25.58 1.10
N VAL A 2231 0.41 26.12 2.27
CA VAL A 2231 0.37 27.54 2.54
C VAL A 2231 1.75 27.97 3.04
N LYS A 2232 2.30 29.02 2.42
CA LYS A 2232 3.61 29.54 2.80
C LYS A 2232 3.41 30.84 3.57
N ILE A 2233 3.92 30.89 4.79
CA ILE A 2233 3.70 32.01 5.71
C ILE A 2233 5.05 32.47 6.24
N LYS A 2234 5.42 33.70 5.92
CA LYS A 2234 6.60 34.34 6.51
C LYS A 2234 6.15 35.16 7.72
N LYS A 2235 7.04 36.03 8.21
CA LYS A 2235 6.76 36.81 9.41
C LYS A 2235 5.39 37.47 9.33
N GLY A 2236 4.56 37.20 10.32
CA GLY A 2236 3.25 37.84 10.39
C GLY A 2236 2.36 37.56 9.20
N ASP A 2237 2.37 36.34 8.68
CA ASP A 2237 1.51 35.99 7.56
C ASP A 2237 0.22 35.36 8.05
N ILE A 2238 -0.65 35.01 7.11
CA ILE A 2238 -1.97 34.45 7.39
C ILE A 2238 -2.16 33.20 6.54
N PHE A 2239 -2.67 32.14 7.17
CA PHE A 2239 -2.98 30.91 6.47
C PHE A 2239 -4.38 30.43 6.88
N GLY A 2240 -5.06 29.80 5.93
CA GLY A 2240 -6.41 29.32 6.17
C GLY A 2240 -6.67 28.02 5.43
N LEU A 2241 -7.71 27.33 5.88
CA LEU A 2241 -8.12 26.05 5.31
C LEU A 2241 -9.61 26.08 5.05
N LYS A 2242 -10.04 25.43 3.96
CA LYS A 2242 -11.46 25.35 3.61
C LYS A 2242 -11.69 24.02 2.88
N CYS A 2243 -12.09 23.00 3.63
CA CYS A 2243 -12.47 21.75 3.01
C CYS A 2243 -13.78 21.94 2.22
N PRO A 2244 -13.95 21.24 1.11
CA PRO A 2244 -15.22 21.34 0.38
C PRO A 2244 -16.36 20.71 1.16
N LYS A 2245 -17.59 21.04 0.75
CA LYS A 2245 -18.76 20.49 1.40
C LYS A 2245 -18.71 18.96 1.37
N GLY A 2246 -18.99 18.34 2.51
CA GLY A 2246 -18.89 16.90 2.65
C GLY A 2246 -17.65 16.41 3.35
N PHE A 2247 -16.74 17.31 3.74
CA PHE A 2247 -15.53 16.96 4.46
C PHE A 2247 -15.51 17.63 5.82
N ALA A 2248 -14.72 17.06 6.73
CA ALA A 2248 -14.53 17.61 8.06
C ALA A 2248 -13.04 17.68 8.37
N ILE A 2249 -12.67 18.67 9.18
CA ILE A 2249 -11.27 18.93 9.49
C ILE A 2249 -10.81 17.97 10.58
N PHE A 2250 -9.68 17.32 10.35
CA PHE A 2250 -9.03 16.48 11.35
C PHE A 2250 -7.52 16.69 11.24
N PRO A 2251 -6.79 16.60 12.36
CA PRO A 2251 -7.25 16.31 13.73
C PRO A 2251 -7.98 17.50 14.34
N GLN A 2252 -8.92 17.24 15.24
CA GLN A 2252 -9.70 18.31 15.84
C GLN A 2252 -8.84 19.11 16.83
N ALA A 2253 -9.25 20.36 17.06
CA ALA A 2253 -8.54 21.37 17.83
C ALA A 2253 -7.43 22.02 17.00
N CYS A 2254 -7.20 21.57 15.77
CA CYS A 2254 -6.24 22.23 14.90
C CYS A 2254 -6.69 23.66 14.61
N PHE A 2255 -5.76 24.63 14.61
CA PHE A 2255 -4.31 24.42 14.71
C PHE A 2255 -3.78 24.64 16.13
N SER A 2256 -4.68 24.70 17.12
CA SER A 2256 -4.25 24.95 18.49
C SER A 2256 -3.17 23.96 18.92
N ASN A 2257 -3.28 22.73 18.45
CA ASN A 2257 -2.27 21.70 18.71
C ASN A 2257 -2.01 20.94 17.42
N VAL A 2258 -0.73 20.82 17.05
CA VAL A 2258 -0.37 20.29 15.73
C VAL A 2258 0.77 19.30 15.84
N LEU A 2259 1.25 18.82 14.69
CA LEU A 2259 2.29 17.80 14.66
C LEU A 2259 3.63 18.34 15.16
N LEU A 2260 4.39 17.47 15.81
CA LEU A 2260 5.75 17.77 16.26
C LEU A 2260 6.73 17.24 15.21
N GLU A 2261 6.84 17.99 14.12
CA GLU A 2261 7.68 17.60 12.98
C GLU A 2261 9.06 18.26 13.02
N TYR A 2262 9.10 19.59 13.12
CA TYR A 2262 10.37 20.30 13.12
C TYR A 2262 10.27 21.50 14.06
N TYR A 2263 11.37 21.78 14.76
CA TYR A 2263 11.40 22.86 15.74
C TYR A 2263 12.84 23.37 15.85
N LYS A 2264 13.15 24.45 15.14
CA LYS A 2264 14.47 25.06 15.16
C LYS A 2264 14.36 26.54 15.47
N SER A 2265 15.28 27.04 16.29
CA SER A 2265 15.27 28.44 16.70
C SER A 2265 15.85 29.32 15.61
N ASP A 2266 15.53 30.62 15.70
CA ASP A 2266 16.02 31.63 14.79
C ASP A 2266 16.60 32.79 15.58
N TYR A 2267 17.70 33.35 15.09
CA TYR A 2267 18.36 34.45 15.80
C TYR A 2267 17.54 35.73 15.75
N GLU A 2268 16.74 35.91 14.70
CA GLU A 2268 15.95 37.13 14.53
C GLU A 2268 14.84 37.27 15.56
N ASP A 2269 14.53 36.22 16.31
CA ASP A 2269 13.44 36.29 17.28
C ASP A 2269 13.73 37.36 18.32
N SER A 2270 12.68 38.11 18.69
CA SER A 2270 12.79 39.15 19.70
C SER A 2270 12.36 38.70 21.08
N GLU A 2271 11.52 37.65 21.17
CA GLU A 2271 11.02 37.15 22.43
C GLU A 2271 11.29 35.65 22.51
N HIS A 2272 11.72 35.19 23.69
CA HIS A 2272 12.06 33.79 23.89
C HIS A 2272 10.81 32.97 24.21
N ILE A 2273 10.98 31.66 24.30
CA ILE A 2273 9.89 30.71 24.49
C ILE A 2273 10.00 30.10 25.88
N ASN A 2274 8.86 29.70 26.43
CA ASN A 2274 8.77 29.24 27.82
C ASN A 2274 8.17 27.85 27.91
N TYR A 2275 7.25 27.49 27.02
CA TYR A 2275 6.64 26.16 26.97
C TYR A 2275 5.54 26.00 28.03
N TYR A 2276 5.18 27.09 28.72
CA TYR A 2276 4.13 27.01 29.73
C TYR A 2276 3.09 28.11 29.55
N ILE A 2277 2.07 28.13 30.42
CA ILE A 2277 0.98 29.10 30.35
C ILE A 2277 1.46 30.53 30.57
N HIS A 2278 2.71 30.74 30.96
CA HIS A 2278 3.21 32.07 31.22
C HIS A 2278 3.63 32.71 29.89
N LYS A 2279 4.22 33.89 29.96
CA LYS A 2279 4.60 34.66 28.76
C LYS A 2279 3.30 35.05 28.04
N ASP A 2280 3.29 35.05 26.71
CA ASP A 2280 2.14 35.49 25.93
C ASP A 2280 1.21 34.35 25.54
N LYS A 2281 1.49 33.12 25.96
CA LYS A 2281 0.67 31.96 25.62
C LYS A 2281 -0.19 31.55 26.80
N LYS A 2282 -1.28 30.84 26.50
CA LYS A 2282 -2.27 30.49 27.52
C LYS A 2282 -2.69 29.02 27.41
N TYR A 2283 -1.73 28.10 27.32
CA TYR A 2283 -2.05 26.69 27.17
C TYR A 2283 -1.02 25.86 27.92
N ASN A 2284 -1.09 24.53 27.74
CA ASN A 2284 -0.37 23.55 28.55
C ASN A 2284 -0.99 23.35 29.94
N LEU A 2285 -2.31 23.19 29.99
CA LEU A 2285 -2.97 22.69 31.20
C LEU A 2285 -4.03 21.68 30.80
N LYS A 2286 -4.40 20.83 31.75
CA LYS A 2286 -5.27 19.69 31.50
C LYS A 2286 -6.62 19.86 32.20
N PRO A 2287 -7.65 19.18 31.73
CA PRO A 2287 -9.00 19.35 32.29
C PRO A 2287 -9.17 18.66 33.64
N LYS A 2288 -10.13 19.16 34.40
CA LYS A 2288 -10.63 18.45 35.57
C LYS A 2288 -12.11 18.09 35.43
N ASP A 2289 -13.00 19.07 35.29
CA ASP A 2289 -14.43 18.87 35.52
C ASP A 2289 -15.15 18.36 34.28
N VAL A 2290 -14.42 17.86 33.29
CA VAL A 2290 -15.02 17.24 32.11
C VAL A 2290 -14.71 15.76 32.03
N ILE A 2291 -13.50 15.35 32.41
CA ILE A 2291 -13.09 13.96 32.26
C ILE A 2291 -12.61 13.34 33.57
N GLU A 2292 -12.07 14.15 34.49
CA GLU A 2292 -11.53 13.58 35.72
C GLU A 2292 -12.57 13.44 36.81
N LEU A 2293 -13.60 14.27 36.80
CA LEU A 2293 -14.67 14.24 37.79
C LEU A 2293 -15.94 13.76 37.11
N MET A 2294 -16.36 12.54 37.41
CA MET A 2294 -17.52 11.92 36.76
C MET A 2294 -18.49 11.43 37.83
N ASP A 2295 -19.73 11.18 37.39
CA ASP A 2295 -20.78 10.68 38.26
C ASP A 2295 -21.53 9.57 37.53
N GLU A 2296 -22.45 8.93 38.25
CA GLU A 2296 -23.22 7.83 37.67
C GLU A 2296 -24.07 8.31 36.50
N ASN A 2297 -24.67 9.49 36.63
CA ASN A 2297 -25.57 10.01 35.61
C ASN A 2297 -24.85 10.38 34.32
N PHE A 2298 -23.52 10.43 34.33
CA PHE A 2298 -22.74 10.83 33.16
C PHE A 2298 -22.62 9.64 32.21
N ARG A 2299 -23.35 9.68 31.10
CA ARG A 2299 -23.39 8.59 30.13
C ARG A 2299 -22.61 8.93 28.85
N GLU A 2300 -21.84 10.02 28.85
CA GLU A 2300 -21.24 10.54 27.64
C GLU A 2300 -19.75 10.19 27.55
N LEU A 2301 -19.25 9.35 28.44
CA LEU A 2301 -17.80 9.14 28.55
C LEU A 2301 -17.22 8.57 27.26
N GLN A 2302 -17.86 7.55 26.71
CA GLN A 2302 -17.31 6.82 25.56
C GLN A 2302 -17.80 7.37 24.23
N ASN A 2303 -18.62 8.43 24.23
CA ASN A 2303 -19.18 8.98 23.01
C ASN A 2303 -18.42 10.19 22.48
N ILE A 2304 -17.32 10.59 23.13
CA ILE A 2304 -16.57 11.76 22.71
C ILE A 2304 -15.09 11.46 22.64
N GLN A 2305 -14.72 10.18 22.70
CA GLN A 2305 -13.32 9.78 22.59
C GLN A 2305 -12.97 9.60 21.11
N GLN A 2306 -12.95 10.74 20.41
CA GLN A 2306 -12.77 10.76 18.96
C GLN A 2306 -11.38 11.23 18.55
N TYR A 2307 -10.98 12.43 18.97
CA TYR A 2307 -9.71 13.01 18.52
C TYR A 2307 -9.19 13.96 19.58
N THR A 2308 -7.98 13.70 20.07
CA THR A 2308 -7.32 14.58 21.03
C THR A 2308 -5.89 14.07 21.22
N GLY A 2309 -5.15 14.73 22.11
CA GLY A 2309 -3.82 14.27 22.47
C GLY A 2309 -2.68 14.89 21.68
N ILE A 2310 -2.92 15.99 20.96
CA ILE A 2310 -1.88 16.59 20.16
C ILE A 2310 -0.98 17.46 21.04
N SER A 2311 0.22 17.75 20.54
CA SER A 2311 1.22 18.48 21.28
C SER A 2311 0.90 19.98 21.31
N ASN A 2312 1.60 20.70 22.19
CA ASN A 2312 1.29 22.09 22.48
C ASN A 2312 2.24 23.07 21.78
N ILE A 2313 2.99 22.62 20.78
CA ILE A 2313 4.07 23.43 20.23
C ILE A 2313 3.54 24.78 19.74
N THR A 2314 2.46 24.76 18.95
CA THR A 2314 1.94 26.01 18.41
C THR A 2314 1.55 26.96 19.54
N ASP A 2315 0.89 26.44 20.57
CA ASP A 2315 0.65 27.24 21.76
C ASP A 2315 1.97 27.64 22.40
N VAL A 2316 2.92 26.70 22.47
CA VAL A 2316 4.25 27.00 23.01
C VAL A 2316 4.93 28.08 22.17
N LEU A 2317 4.59 28.16 20.88
CA LEU A 2317 5.19 29.12 19.96
C LEU A 2317 4.35 30.38 19.80
N HIS A 2318 3.35 30.59 20.67
CA HIS A 2318 2.54 31.81 20.67
C HIS A 2318 1.72 31.97 19.39
N PHE A 2319 1.48 30.88 18.67
CA PHE A 2319 0.72 30.99 17.42
C PHE A 2319 -0.71 31.42 17.70
N LYS A 2320 -1.20 32.36 16.89
CA LYS A 2320 -2.57 32.85 17.01
C LYS A 2320 -3.50 31.79 16.42
N ASN A 2321 -3.72 30.73 17.19
CA ASN A 2321 -4.47 29.57 16.73
C ASN A 2321 -5.95 29.76 17.01
N PHE A 2322 -6.76 29.56 15.98
CA PHE A 2322 -8.22 29.58 16.09
C PHE A 2322 -8.77 28.32 15.44
N ASN A 2323 -9.76 27.71 16.08
CA ASN A 2323 -10.25 26.40 15.64
C ASN A 2323 -11.74 26.31 15.90
N LEU A 2324 -12.38 25.35 15.24
CA LEU A 2324 -13.79 25.05 15.41
C LEU A 2324 -14.02 23.92 16.40
N GLY A 2325 -13.02 23.57 17.19
CA GLY A 2325 -13.18 22.52 18.17
C GLY A 2325 -13.44 21.17 17.54
N ASN A 2326 -14.22 20.35 18.24
CA ASN A 2326 -14.55 19.01 17.80
C ASN A 2326 -15.84 18.93 17.00
N LEU A 2327 -16.55 20.05 16.84
CA LEU A 2327 -17.83 20.10 16.15
C LEU A 2327 -17.80 21.22 15.13
N PRO A 2328 -17.25 20.97 13.93
CA PRO A 2328 -17.28 21.99 12.88
C PRO A 2328 -18.68 22.23 12.34
N LEU A 2329 -18.80 23.10 11.35
CA LEU A 2329 -20.09 23.41 10.75
C LEU A 2329 -20.75 22.13 10.24
N ASN A 2330 -22.00 22.26 9.80
CA ASN A 2330 -22.72 21.16 9.17
C ASN A 2330 -22.15 21.01 7.75
N PHE A 2331 -21.00 20.33 7.68
CA PHE A 2331 -20.20 20.33 6.47
C PHE A 2331 -20.91 19.71 5.27
N LYS A 2332 -21.96 18.94 5.49
CA LYS A 2332 -22.69 18.38 4.36
C LYS A 2332 -23.26 19.46 3.45
N ASN A 2333 -23.46 20.67 3.97
CA ASN A 2333 -23.86 21.83 3.18
C ASN A 2333 -23.05 23.05 3.57
N HIS A 2334 -21.83 22.84 4.08
CA HIS A 2334 -20.97 23.92 4.52
C HIS A 2334 -19.52 23.49 4.36
N TYR A 2335 -18.62 24.47 4.43
CA TYR A 2335 -17.19 24.23 4.28
C TYR A 2335 -16.54 24.22 5.66
N SER A 2336 -15.84 23.14 5.97
CA SER A 2336 -15.05 23.07 7.20
C SER A 2336 -13.86 24.01 7.06
N THR A 2337 -13.92 25.14 7.77
CA THR A 2337 -12.97 26.23 7.56
C THR A 2337 -12.34 26.64 8.88
N ALA A 2338 -11.09 27.09 8.81
CA ALA A 2338 -10.36 27.58 9.97
C ALA A 2338 -9.31 28.57 9.50
N TYR A 2339 -8.84 29.40 10.44
CA TYR A 2339 -7.85 30.41 10.13
C TYR A 2339 -6.93 30.61 11.33
N ALA A 2340 -5.76 31.17 11.06
CA ALA A 2340 -4.77 31.47 12.09
C ALA A 2340 -3.73 32.40 11.49
N LYS A 2341 -2.94 33.02 12.36
CA LYS A 2341 -1.96 34.02 11.97
C LYS A 2341 -0.62 33.71 12.62
N VAL A 2342 0.46 34.09 11.93
CA VAL A 2342 1.81 33.93 12.47
C VAL A 2342 2.02 34.96 13.58
N PRO A 2343 2.55 34.59 14.74
CA PRO A 2343 2.80 35.58 15.78
C PRO A 2343 3.84 36.60 15.34
N ASP A 2344 3.66 37.85 15.80
CA ASP A 2344 4.53 38.93 15.37
C ASP A 2344 5.90 38.87 16.06
N THR A 2345 5.92 38.53 17.35
CA THR A 2345 7.15 38.55 18.14
C THR A 2345 7.96 37.25 18.03
N PHE A 2346 7.52 36.30 17.20
CA PHE A 2346 8.15 35.00 17.09
C PHE A 2346 8.44 34.71 15.63
N ASN A 2347 9.68 34.31 15.32
CA ASN A 2347 10.10 34.14 13.94
C ASN A 2347 11.01 32.92 13.76
N SER A 2348 10.81 31.87 14.55
CA SER A 2348 11.61 30.66 14.42
C SER A 2348 10.91 29.69 13.45
N ILE A 2349 11.38 28.45 13.41
CA ILE A 2349 10.94 27.45 12.43
C ILE A 2349 10.06 26.43 13.11
N ILE A 2350 8.95 26.09 12.45
CA ILE A 2350 8.08 25.01 12.89
C ILE A 2350 7.40 24.40 11.66
N ASN A 2351 7.16 23.10 11.70
CA ASN A 2351 6.49 22.37 10.63
C ASN A 2351 5.37 21.54 11.21
N PHE A 2352 4.26 21.49 10.50
CA PHE A 2352 3.09 20.71 10.93
C PHE A 2352 2.08 20.71 9.79
N SER A 2353 0.98 19.97 9.99
CA SER A 2353 -0.04 19.85 8.96
C SER A 2353 -1.33 19.36 9.59
N CYS A 2354 -2.43 19.58 8.87
CA CYS A 2354 -3.74 19.07 9.24
C CYS A 2354 -4.45 18.64 7.98
N ASN A 2355 -5.50 17.84 8.13
CA ASN A 2355 -6.12 17.16 7.00
C ASN A 2355 -7.64 17.29 7.03
N CYS A 2356 -8.23 17.22 5.83
CA CYS A 2356 -9.66 17.02 5.68
C CYS A 2356 -9.92 15.51 5.65
N TYR A 2357 -11.18 15.10 5.67
CA TYR A 2357 -11.44 13.67 5.61
C TYR A 2357 -12.92 13.41 5.31
N ASN A 2358 -13.17 12.27 4.67
CA ASN A 2358 -14.51 11.77 4.40
C ASN A 2358 -14.45 10.27 4.13
N PRO A 2359 -15.16 9.44 4.89
CA PRO A 2359 -15.09 7.99 4.68
C PRO A 2359 -16.02 7.45 3.60
N GLU A 2360 -16.90 8.27 3.04
CA GLU A 2360 -17.85 7.78 2.05
C GLU A 2360 -17.13 7.25 0.81
N LYS A 2361 -16.10 7.96 0.36
CA LYS A 2361 -15.34 7.55 -0.83
C LYS A 2361 -13.85 7.37 -0.53
N HIS A 2362 -13.46 7.31 0.75
CA HIS A 2362 -12.07 7.14 1.14
C HIS A 2362 -11.20 8.23 0.51
N VAL A 2363 -11.58 9.48 0.78
CA VAL A 2363 -10.94 10.65 0.21
C VAL A 2363 -10.52 11.58 1.34
N TYR A 2364 -9.30 12.10 1.26
CA TYR A 2364 -8.77 13.01 2.26
C TYR A 2364 -7.77 13.95 1.59
N GLY A 2365 -7.54 15.09 2.24
CA GLY A 2365 -6.62 16.08 1.73
C GLY A 2365 -5.68 16.60 2.80
N THR A 2366 -4.38 16.64 2.51
CA THR A 2366 -3.39 17.08 3.47
C THR A 2366 -3.11 18.58 3.31
N MET A 2367 -2.89 19.25 4.44
CA MET A 2367 -2.65 20.69 4.49
C MET A 2367 -1.30 20.93 5.15
N GLN A 2368 -0.30 21.26 4.33
CA GLN A 2368 1.05 21.51 4.83
C GLN A 2368 1.18 22.96 5.29
N VAL A 2369 1.68 23.14 6.50
CA VAL A 2369 1.90 24.47 7.07
C VAL A 2369 3.33 24.54 7.57
N GLU A 2370 4.06 25.58 7.15
CA GLU A 2370 5.44 25.76 7.57
C GLU A 2370 5.73 27.25 7.67
N SER A 2371 6.77 27.59 8.42
CA SER A 2371 7.22 28.96 8.56
C SER A 2371 8.21 29.28 7.44
N ASP A 2372 7.85 30.23 6.58
CA ASP A 2372 8.71 30.57 5.45
C ASP A 2372 10.08 31.05 5.91
N ASN A 2373 10.16 31.64 7.11
CA ASN A 2373 11.45 32.08 7.63
C ASN A 2373 12.26 30.87 8.07
N ARG A 2374 12.66 30.04 7.10
CA ARG A 2374 13.40 28.81 7.37
C ARG A 2374 14.88 29.17 7.54
N ASN A 2375 15.21 29.64 8.75
CA ASN A 2375 16.57 30.06 9.04
C ASN A 2375 17.44 28.87 9.44
N PHE A 2376 17.32 27.77 8.68
CA PHE A 2376 18.14 26.59 8.92
C PHE A 2376 18.60 25.96 7.61
N ASP A 2377 18.68 26.73 6.53
CA ASP A 2377 18.89 26.20 5.19
C ASP A 2377 20.28 25.61 4.99
N ASN A 2378 21.14 25.63 6.01
CA ASN A 2378 22.50 25.11 5.84
C ASN A 2378 22.97 24.20 6.97
N ILE A 2379 22.29 24.14 8.11
CA ILE A 2379 22.75 23.37 9.25
C ILE A 2379 21.58 22.58 9.81
N LYS A 2380 21.76 21.25 9.96
CA LYS A 2380 20.80 20.38 10.61
C LYS A 2380 19.41 20.49 9.97
N LYS A 2381 19.37 20.62 8.65
CA LYS A 2381 18.11 20.61 7.92
C LYS A 2381 17.85 19.21 7.37
N ASN A 2382 16.84 19.11 6.49
CA ASN A 2382 16.44 17.79 5.98
C ASN A 2382 17.61 17.02 5.38
N GLU A 2383 18.54 17.73 4.73
CA GLU A 2383 19.68 17.04 4.12
C GLU A 2383 20.51 16.31 5.17
N ASN A 2384 20.71 16.93 6.33
CA ASN A 2384 21.48 16.33 7.41
C ASN A 2384 20.66 15.36 8.26
N VAL A 2385 19.36 15.23 7.99
CA VAL A 2385 18.52 14.31 8.73
C VAL A 2385 18.71 12.91 8.15
N ILE A 2386 19.43 12.06 8.89
CA ILE A 2386 19.69 10.70 8.43
C ILE A 2386 18.42 9.89 8.55
N LYS A 2387 18.09 9.14 7.49
CA LYS A 2387 16.90 8.30 7.46
C LYS A 2387 17.33 6.84 7.67
N ASN A 2388 16.65 6.16 8.59
CA ASN A 2388 16.99 4.78 8.92
C ASN A 2388 15.70 3.97 9.03
N PHE A 2389 15.86 2.65 9.10
CA PHE A 2389 14.74 1.73 9.22
C PHE A 2389 15.05 0.69 10.29
N LEU A 2390 13.99 0.16 10.90
CA LEU A 2390 14.12 -0.81 11.97
C LEU A 2390 13.14 -1.96 11.74
N LEU A 2391 13.53 -3.14 12.20
CA LEU A 2391 12.69 -4.33 12.13
C LEU A 2391 12.30 -4.78 13.53
N PRO A 2392 11.14 -5.42 13.68
CA PRO A 2392 10.64 -5.74 15.01
C PRO A 2392 11.09 -7.11 15.50
N ASN A 2393 10.92 -7.32 16.81
CA ASN A 2393 11.08 -8.62 17.43
C ASN A 2393 9.72 -9.28 17.57
N ILE A 2394 9.62 -10.53 17.13
CA ILE A 2394 8.34 -11.21 16.99
C ILE A 2394 8.21 -12.31 18.04
N GLU A 2395 7.05 -12.37 18.68
CA GLU A 2395 6.73 -13.42 19.65
C GLU A 2395 5.28 -13.81 19.43
N LYS A 2396 4.71 -14.58 20.37
CA LYS A 2396 3.32 -15.01 20.30
C LYS A 2396 2.61 -14.62 21.58
N TYR A 2397 1.37 -14.16 21.45
CA TYR A 2397 0.60 -13.73 22.60
C TYR A 2397 0.17 -14.92 23.44
N ALA A 2398 0.02 -14.68 24.75
CA ALA A 2398 -0.42 -15.71 25.69
C ALA A 2398 -1.95 -15.75 25.69
N LEU A 2399 -2.49 -16.39 24.65
CA LEU A 2399 -3.94 -16.51 24.55
C LEU A 2399 -4.52 -17.36 25.68
N LEU A 2400 -3.76 -18.34 26.17
CA LEU A 2400 -4.23 -19.19 27.26
C LEU A 2400 -3.11 -19.46 28.27
N LEU A 2401 -2.19 -18.51 28.44
CA LEU A 2401 -1.00 -18.72 29.22
C LEU A 2401 -0.75 -17.53 30.14
N ASP A 2402 0.28 -17.66 30.99
CA ASP A 2402 0.58 -16.68 32.02
C ASP A 2402 2.02 -16.18 31.92
N ASP A 2403 2.47 -15.45 32.95
CA ASP A 2403 3.78 -14.80 32.93
C ASP A 2403 4.92 -15.79 32.69
N GLU A 2404 5.14 -16.71 33.62
CA GLU A 2404 6.23 -17.68 33.46
C GLU A 2404 6.06 -18.52 32.20
N GLU A 2405 4.82 -18.67 31.74
CA GLU A 2405 4.62 -19.37 30.47
C GLU A 2405 5.26 -18.61 29.32
N ARG A 2406 5.40 -17.29 29.45
CA ARG A 2406 6.06 -16.51 28.40
C ARG A 2406 7.41 -17.08 28.04
N GLN A 2407 8.13 -17.64 29.02
CA GLN A 2407 9.41 -18.27 28.78
C GLN A 2407 9.33 -19.79 28.70
N LYS A 2408 8.33 -20.42 29.35
CA LYS A 2408 8.34 -21.87 29.45
C LYS A 2408 7.45 -22.58 28.43
N LYS A 2409 6.45 -21.92 27.86
CA LYS A 2409 5.45 -22.58 27.03
C LYS A 2409 5.23 -21.91 25.68
N ILE A 2410 5.31 -20.58 25.61
CA ILE A 2410 5.05 -19.88 24.36
C ILE A 2410 6.06 -20.27 23.29
N LYS A 2411 7.19 -20.85 23.69
CA LYS A 2411 8.13 -21.37 22.71
C LYS A 2411 7.49 -22.46 21.85
N GLN A 2412 6.67 -23.31 22.48
CA GLN A 2412 5.97 -24.35 21.72
C GLN A 2412 5.04 -23.74 20.69
N GLN A 2413 4.31 -22.70 21.07
CA GLN A 2413 3.44 -22.03 20.11
C GLN A 2413 4.25 -21.39 18.99
N GLN A 2414 5.38 -20.78 19.33
CA GLN A 2414 6.15 -20.04 18.33
C GLN A 2414 6.84 -20.99 17.34
N GLU A 2415 7.23 -22.18 17.78
CA GLU A 2415 8.08 -23.06 16.98
C GLU A 2415 7.31 -23.95 16.02
N GLU A 2416 5.99 -23.78 15.92
CA GLU A 2416 5.17 -24.63 15.05
C GLU A 2416 4.59 -23.89 13.85
N GLU A 2417 4.22 -22.62 14.00
CA GLU A 2417 3.49 -21.92 12.95
C GLU A 2417 4.32 -21.80 11.68
N GLN A 2418 5.61 -21.46 11.81
CA GLN A 2418 6.45 -21.16 10.67
C GLN A 2418 6.88 -22.40 9.90
N GLN A 2419 6.55 -23.60 10.38
CA GLN A 2419 6.94 -24.81 9.67
C GLN A 2419 6.28 -24.88 8.30
N GLU A 2420 5.01 -24.48 8.21
CA GLU A 2420 4.33 -24.49 6.91
C GLU A 2420 4.94 -23.47 5.96
N GLN A 2421 5.32 -22.29 6.46
CA GLN A 2421 5.99 -21.32 5.61
C GLN A 2421 7.33 -21.86 5.12
N ILE A 2422 8.06 -22.56 5.99
CA ILE A 2422 9.31 -23.18 5.57
C ILE A 2422 9.05 -24.25 4.51
N LEU A 2423 7.97 -25.02 4.68
CA LEU A 2423 7.61 -26.02 3.69
C LEU A 2423 7.36 -25.37 2.33
N LYS A 2424 6.61 -24.28 2.31
CA LYS A 2424 6.37 -23.58 1.05
C LYS A 2424 7.68 -23.06 0.46
N ASP A 2425 8.54 -22.49 1.31
CA ASP A 2425 9.79 -21.91 0.81
C ASP A 2425 10.69 -22.98 0.20
N GLN A 2426 10.76 -24.15 0.83
CA GLN A 2426 11.70 -25.19 0.42
C GLN A 2426 11.01 -26.41 -0.18
N ASP A 2427 10.03 -26.99 0.52
CA ASP A 2427 9.45 -28.25 0.07
C ASP A 2427 8.63 -28.07 -1.20
N ASP A 2428 7.89 -26.96 -1.32
CA ASP A 2428 7.00 -26.77 -2.45
C ASP A 2428 7.79 -26.79 -3.75
N ARG A 2429 7.29 -27.56 -4.73
CA ARG A 2429 7.93 -27.65 -6.03
C ARG A 2429 6.91 -27.44 -7.15
N LEU A 2430 5.66 -27.86 -6.93
CA LEU A 2430 4.61 -27.71 -7.92
C LEU A 2430 3.52 -26.76 -7.45
N SER A 2431 2.93 -27.02 -6.28
CA SER A 2431 1.87 -26.18 -5.75
C SER A 2431 1.51 -26.68 -4.36
N ARG A 2432 1.33 -25.73 -3.43
CA ARG A 2432 1.06 -26.06 -2.04
C ARG A 2432 -0.45 -26.00 -1.81
N HIS A 2433 -1.12 -27.13 -2.05
CA HIS A 2433 -2.54 -27.23 -1.78
C HIS A 2433 -2.79 -27.40 -0.28
N ASP A 2434 -4.04 -27.18 0.12
CA ASP A 2434 -4.45 -27.33 1.51
C ASP A 2434 -4.75 -28.81 1.75
N ASP A 2435 -3.68 -29.58 1.95
CA ASP A 2435 -3.78 -31.01 2.20
C ASP A 2435 -4.03 -31.34 3.66
N TYR A 2436 -4.11 -30.33 4.53
CA TYR A 2436 -4.33 -30.55 5.96
C TYR A 2436 -5.82 -30.75 6.18
N ASN A 2437 -6.22 -31.98 6.55
CA ASN A 2437 -7.63 -32.29 6.74
C ASN A 2437 -7.88 -33.17 7.96
N LYS A 2438 -6.95 -33.19 8.92
CA LYS A 2438 -7.14 -34.01 10.12
C LYS A 2438 -6.16 -33.57 11.19
N ASN A 2439 -6.66 -33.42 12.41
CA ASN A 2439 -5.83 -33.12 13.57
C ASN A 2439 -5.02 -31.83 13.38
N HIS A 2440 -5.75 -30.73 13.23
CA HIS A 2440 -5.11 -29.42 13.09
C HIS A 2440 -6.18 -28.34 13.15
N THR A 2441 -5.73 -27.13 13.48
CA THR A 2441 -6.59 -25.95 13.51
C THR A 2441 -5.74 -24.74 13.19
N TYR A 2442 -6.34 -23.77 12.48
CA TYR A 2442 -5.60 -22.66 11.92
C TYR A 2442 -6.06 -21.30 12.43
N ILE A 2443 -7.36 -21.07 12.49
CA ILE A 2443 -7.86 -19.70 12.68
C ILE A 2443 -7.37 -19.12 14.01
N LEU A 2444 -7.49 -19.89 15.08
CA LEU A 2444 -7.16 -19.37 16.41
C LEU A 2444 -5.68 -19.44 16.74
N TYR A 2445 -4.87 -20.14 15.95
CA TYR A 2445 -3.46 -20.32 16.25
C TYR A 2445 -2.56 -19.30 15.55
N ASP A 2446 -3.14 -18.40 14.75
CA ASP A 2446 -2.33 -17.46 13.98
C ASP A 2446 -1.94 -16.21 14.76
N SER A 2447 -2.33 -16.10 16.03
CA SER A 2447 -1.97 -14.94 16.82
C SER A 2447 -0.46 -14.83 16.97
N ASN A 2448 0.03 -13.58 16.96
CA ASN A 2448 1.46 -13.31 17.08
C ASN A 2448 1.65 -11.99 17.80
N GLU A 2449 2.91 -11.70 18.17
CA GLU A 2449 3.22 -10.44 18.88
C GLU A 2449 4.43 -9.78 18.22
N HIS A 2450 4.44 -8.46 18.11
CA HIS A 2450 5.55 -7.73 17.43
C HIS A 2450 6.02 -6.56 18.30
N ILE A 2451 7.33 -6.32 18.35
CA ILE A 2451 7.86 -5.25 19.25
C ILE A 2451 8.88 -4.38 18.52
N CYS A 2452 8.69 -3.06 18.51
CA CYS A 2452 9.70 -2.14 17.90
C CYS A 2452 10.44 -1.44 19.04
N ASP A 2453 11.54 -2.04 19.52
CA ASP A 2453 12.26 -1.49 20.65
C ASP A 2453 13.33 -0.54 20.14
N TYR A 2454 13.29 0.72 20.61
CA TYR A 2454 14.31 1.69 20.28
C TYR A 2454 15.33 1.88 21.39
N GLU A 2455 14.98 1.57 22.64
CA GLU A 2455 15.98 1.54 23.70
C GLU A 2455 17.02 0.47 23.43
N LYS A 2456 16.66 -0.60 22.72
CA LYS A 2456 17.64 -1.58 22.28
C LYS A 2456 18.51 -1.01 21.17
N ASN A 2457 17.88 -0.40 20.16
CA ASN A 2457 18.60 0.22 19.05
C ASN A 2457 18.71 1.73 19.30
N GLU A 2458 19.53 2.08 20.28
CA GLU A 2458 19.69 3.48 20.65
C GLU A 2458 20.25 4.30 19.50
N SER A 2459 21.01 3.67 18.60
CA SER A 2459 21.64 4.41 17.51
C SER A 2459 20.60 5.03 16.59
N LEU A 2460 19.42 4.40 16.47
CA LEU A 2460 18.39 4.89 15.56
C LEU A 2460 17.62 6.08 16.12
N ILE A 2461 17.75 6.37 17.41
CA ILE A 2461 17.06 7.52 18.01
C ILE A 2461 18.00 8.46 18.75
N SER A 2462 19.18 8.03 19.18
CA SER A 2462 20.11 8.88 19.88
C SER A 2462 21.10 9.51 18.91
N THR A 2463 21.65 10.65 19.33
CA THR A 2463 22.65 11.34 18.52
C THR A 2463 23.93 10.48 18.42
N LEU A 2464 24.64 10.67 17.32
CA LEU A 2464 25.86 9.90 17.10
C LEU A 2464 26.87 10.20 18.22
N PRO A 2465 27.58 9.19 18.74
CA PRO A 2465 28.44 9.45 19.91
C PRO A 2465 29.46 10.55 19.70
N ASN A 2466 30.05 10.63 18.51
CA ASN A 2466 31.09 11.62 18.25
C ASN A 2466 30.76 12.47 17.04
N ASP A 2467 30.09 11.88 16.04
CA ASP A 2467 29.69 12.60 14.84
C ASP A 2467 28.41 13.40 15.10
N THR A 2468 28.53 14.37 16.00
CA THR A 2468 27.40 15.21 16.40
C THR A 2468 27.01 16.22 15.34
N LYS A 2469 27.61 16.20 14.15
CA LYS A 2469 27.27 17.14 13.09
C LYS A 2469 26.05 16.72 12.28
N LYS A 2470 25.26 15.77 12.77
CA LYS A 2470 24.09 15.29 12.05
C LYS A 2470 23.01 14.89 13.04
N ILE A 2471 21.78 14.80 12.53
CA ILE A 2471 20.64 14.33 13.30
C ILE A 2471 20.01 13.16 12.54
N GLN A 2472 19.31 12.30 13.29
CA GLN A 2472 18.86 11.01 12.78
C GLN A 2472 17.34 10.93 12.76
N LYS A 2473 16.83 10.16 11.79
CA LYS A 2473 15.43 9.83 11.70
C LYS A 2473 15.30 8.33 11.45
N SER A 2474 14.33 7.70 12.11
CA SER A 2474 14.18 6.25 12.06
C SER A 2474 12.71 5.89 11.89
N ILE A 2475 12.46 4.73 11.28
CA ILE A 2475 11.12 4.26 10.99
C ILE A 2475 11.11 2.75 11.19
N CYS A 2476 10.29 2.28 12.13
CA CYS A 2476 10.08 0.85 12.34
C CYS A 2476 8.83 0.39 11.60
N LYS A 2477 8.94 -0.76 10.94
CA LYS A 2477 7.86 -1.32 10.15
C LYS A 2477 7.36 -2.60 10.82
N ILE A 2478 6.06 -2.69 11.06
CA ILE A 2478 5.42 -3.91 11.54
C ILE A 2478 4.25 -4.21 10.62
N ASN A 2479 4.29 -5.36 9.96
CA ASN A 2479 3.20 -5.83 9.12
C ASN A 2479 2.30 -6.79 9.91
N ALA A 2480 1.75 -6.27 11.01
CA ALA A 2480 0.93 -7.08 11.89
C ALA A 2480 -0.41 -7.39 11.21
N LYS A 2481 -1.04 -8.48 11.68
CA LYS A 2481 -2.31 -8.92 11.14
C LYS A 2481 -3.34 -9.09 12.25
N ALA A 2482 -4.49 -9.69 11.93
CA ALA A 2482 -5.54 -9.88 12.91
C ALA A 2482 -5.08 -10.82 14.02
N LEU A 2483 -5.66 -10.64 15.21
CA LEU A 2483 -5.39 -11.48 16.38
C LEU A 2483 -3.94 -11.39 16.83
N ASP A 2484 -3.23 -10.32 16.46
CA ASP A 2484 -1.83 -10.14 16.82
C ASP A 2484 -1.69 -8.98 17.78
N VAL A 2485 -0.96 -9.20 18.87
CA VAL A 2485 -0.72 -8.13 19.88
C VAL A 2485 0.48 -7.31 19.44
N VAL A 2486 0.31 -6.00 19.31
CA VAL A 2486 1.44 -5.11 18.92
C VAL A 2486 1.88 -4.28 20.15
N THR A 2487 3.11 -4.49 20.62
CA THR A 2487 3.63 -3.70 21.77
C THR A 2487 4.84 -2.89 21.29
N ILE A 2488 4.85 -1.59 21.57
CA ILE A 2488 5.96 -0.71 21.07
C ILE A 2488 6.78 -0.20 22.26
N LYS A 2489 8.10 -0.23 22.14
CA LYS A 2489 8.98 0.29 23.23
C LYS A 2489 9.70 1.56 22.75
N CYS A 2490 9.73 2.59 23.61
CA CYS A 2490 10.37 3.85 23.25
C CYS A 2490 10.90 4.48 24.52
N PRO A 2491 11.65 5.58 24.41
CA PRO A 2491 12.14 6.27 25.62
C PRO A 2491 11.02 6.72 26.54
N HIS A 2492 11.37 7.28 27.69
CA HIS A 2492 10.40 7.55 28.76
C HIS A 2492 10.05 9.03 28.80
N THR A 2493 8.75 9.31 28.92
CA THR A 2493 8.25 10.67 29.12
C THR A 2493 6.89 10.58 29.79
N LYS A 2494 6.66 11.42 30.79
CA LYS A 2494 5.51 11.31 31.67
C LYS A 2494 4.48 12.40 31.37
N ASN A 2495 3.39 12.39 32.13
CA ASN A 2495 2.18 13.13 31.82
C ASN A 2495 2.11 14.43 32.62
N PHE A 2496 0.99 15.13 32.50
CA PHE A 2496 0.78 16.41 33.17
C PHE A 2496 0.37 16.21 34.63
N THR A 2497 0.26 17.32 35.36
CA THR A 2497 -0.16 17.29 36.76
C THR A 2497 -0.75 18.65 37.11
N PRO A 2498 -2.06 18.82 36.91
CA PRO A 2498 -2.71 20.09 37.27
C PRO A 2498 -2.74 20.30 38.78
N LYS A 2499 -3.12 21.53 39.16
CA LYS A 2499 -3.23 21.90 40.56
C LYS A 2499 -4.36 22.90 40.73
N ASP A 2500 -4.83 23.03 41.97
CA ASP A 2500 -5.92 23.93 42.30
C ASP A 2500 -5.72 24.47 43.71
N TYR A 2501 -6.11 25.73 43.91
CA TYR A 2501 -5.93 26.38 45.20
C TYR A 2501 -6.99 27.46 45.37
N PHE A 2502 -7.48 27.61 46.60
CA PHE A 2502 -8.41 28.69 46.95
C PHE A 2502 -8.64 28.72 48.46
N PRO A 2503 -8.80 29.91 49.06
CA PRO A 2503 -9.18 29.98 50.49
C PRO A 2503 -10.68 29.81 50.71
N ASN A 2504 -11.11 28.56 50.73
CA ASN A 2504 -12.53 28.23 50.84
C ASN A 2504 -13.00 28.48 52.27
N SER A 2505 -13.59 29.65 52.51
CA SER A 2505 -14.12 30.00 53.82
C SER A 2505 -15.02 31.23 53.73
N SER A 2506 -16.22 31.14 54.29
CA SER A 2506 -17.17 32.24 54.28
C SER A 2506 -17.44 32.72 52.86
N LEU A 2507 -17.55 31.77 51.93
CA LEU A 2507 -17.79 32.09 50.53
C LEU A 2507 -18.27 30.83 49.83
N ILE A 2508 -19.02 31.02 48.74
CA ILE A 2508 -19.57 29.91 47.97
C ILE A 2508 -19.77 30.38 46.54
N THR A 2509 -19.62 29.44 45.60
CA THR A 2509 -19.83 29.70 44.18
C THR A 2509 -20.97 28.81 43.70
N ASN A 2510 -22.18 29.36 43.68
CA ASN A 2510 -23.38 28.65 43.26
C ASN A 2510 -23.96 29.22 41.97
N ASP A 2511 -23.17 29.98 41.21
CA ASP A 2511 -23.60 30.57 39.95
C ASP A 2511 -23.03 29.83 38.76
N LYS A 2512 -22.92 28.50 38.86
CA LYS A 2512 -22.34 27.66 37.82
C LYS A 2512 -23.26 26.48 37.51
N LYS A 2513 -24.55 26.78 37.33
CA LYS A 2513 -25.56 25.78 37.01
C LYS A 2513 -26.33 26.27 35.79
N ILE A 2514 -25.84 25.94 34.60
CA ILE A 2514 -26.48 26.34 33.36
C ILE A 2514 -25.90 25.51 32.21
N VAL A 2515 -26.70 25.28 31.18
CA VAL A 2515 -26.28 24.52 30.02
C VAL A 2515 -26.73 25.24 28.75
N ILE A 2516 -26.04 24.95 27.65
CA ILE A 2516 -26.34 25.53 26.35
C ILE A 2516 -26.52 24.40 25.36
N THR A 2517 -27.57 24.50 24.54
CA THR A 2517 -27.97 23.44 23.62
C THR A 2517 -27.85 23.93 22.18
N PHE A 2518 -27.24 23.11 21.33
CA PHE A 2518 -27.19 23.39 19.90
C PHE A 2518 -26.65 22.16 19.18
N ASP A 2519 -27.18 21.92 18.00
CA ASP A 2519 -26.73 20.83 17.12
C ASP A 2519 -26.75 19.49 17.86
N LYS A 2520 -27.94 19.14 18.34
CA LYS A 2520 -28.23 17.84 18.95
C LYS A 2520 -27.46 17.60 20.24
N LYS A 2521 -26.82 18.64 20.80
CA LYS A 2521 -25.98 18.46 21.97
C LYS A 2521 -26.26 19.56 22.98
N ASN A 2522 -26.02 19.24 24.25
CA ASN A 2522 -26.16 20.18 25.36
C ASN A 2522 -24.82 20.28 26.07
N PHE A 2523 -24.38 21.51 26.33
CA PHE A 2523 -23.07 21.77 26.89
C PHE A 2523 -23.19 22.56 28.19
N VAL A 2524 -22.38 22.19 29.18
CA VAL A 2524 -22.28 22.93 30.43
C VAL A 2524 -21.20 23.98 30.25
N THR A 2525 -21.61 25.25 30.25
CA THR A 2525 -20.68 26.36 30.04
C THR A 2525 -21.06 27.49 30.99
N TYR A 2526 -20.48 28.67 30.76
CA TYR A 2526 -20.62 29.79 31.68
C TYR A 2526 -20.95 31.06 30.89
N ILE A 2527 -21.65 31.97 31.57
CA ILE A 2527 -22.16 33.19 30.94
C ILE A 2527 -21.92 34.36 31.87
N ASP A 2528 -21.54 35.50 31.31
CA ASP A 2528 -21.42 36.71 32.10
C ASP A 2528 -22.81 37.13 32.58
N PRO A 2529 -22.98 37.45 33.86
CA PRO A 2529 -24.34 37.72 34.37
C PRO A 2529 -25.03 38.88 33.67
N THR A 2530 -24.30 39.91 33.26
CA THR A 2530 -24.88 41.12 32.71
C THR A 2530 -24.58 41.32 31.23
N LYS A 2531 -23.31 41.21 30.83
CA LYS A 2531 -22.93 41.44 29.45
C LYS A 2531 -23.05 40.21 28.56
N LYS A 2532 -23.30 39.03 29.15
CA LYS A 2532 -23.51 37.81 28.37
C LYS A 2532 -22.36 37.55 27.41
N THR A 2533 -21.13 37.82 27.87
CA THR A 2533 -19.94 37.68 27.05
C THR A 2533 -19.34 36.29 27.29
N PHE A 2534 -19.45 35.43 26.30
CA PHE A 2534 -18.82 34.12 26.31
C PHE A 2534 -18.42 33.78 24.88
N SER A 2535 -18.08 32.53 24.63
CA SER A 2535 -17.67 32.13 23.29
C SER A 2535 -17.86 30.64 23.08
N LEU A 2536 -18.28 30.27 21.88
CA LEU A 2536 -18.22 28.86 21.47
C LEU A 2536 -16.79 28.37 21.38
N LYS A 2537 -15.84 29.29 21.19
CA LYS A 2537 -14.43 28.92 21.28
C LYS A 2537 -14.12 28.32 22.64
N ASP A 2538 -14.64 28.93 23.70
CA ASP A 2538 -14.53 28.33 25.03
C ASP A 2538 -15.20 26.96 25.06
N ILE A 2539 -16.38 26.83 24.46
CA ILE A 2539 -17.02 25.53 24.35
C ILE A 2539 -16.16 24.60 23.51
N TYR A 2540 -15.60 25.11 22.40
CA TYR A 2540 -14.80 24.27 21.52
C TYR A 2540 -13.58 23.69 22.23
N ILE A 2541 -12.99 24.45 23.16
CA ILE A 2541 -11.85 23.98 23.92
C ILE A 2541 -12.24 23.36 25.25
N GLN A 2542 -13.54 23.36 25.59
CA GLN A 2542 -13.99 22.76 26.84
C GLN A 2542 -13.64 21.28 26.94
N SER A 2543 -13.40 20.62 25.81
CA SER A 2543 -12.95 19.23 25.87
C SER A 2543 -11.61 19.11 26.57
N PHE A 2544 -10.86 20.20 26.68
CA PHE A 2544 -9.56 20.21 27.34
C PHE A 2544 -9.58 20.88 28.71
N TYR A 2545 -10.72 21.39 29.16
CA TYR A 2545 -10.77 22.10 30.43
C TYR A 2545 -12.13 21.97 31.07
N GLY A 2546 -12.16 22.20 32.39
CA GLY A 2546 -13.40 22.17 33.15
C GLY A 2546 -13.19 22.83 34.49
N VAL A 2547 -14.30 23.17 35.15
CA VAL A 2547 -14.30 23.89 36.41
C VAL A 2547 -15.16 23.13 37.41
N SER A 2548 -14.62 22.86 38.59
CA SER A 2548 -15.35 22.21 39.66
C SER A 2548 -15.03 22.91 40.98
N LEU A 2549 -16.03 22.95 41.86
CA LEU A 2549 -15.88 23.58 43.17
C LEU A 2549 -15.36 25.01 43.00
N ASP A 2550 -14.74 25.57 44.04
CA ASP A 2550 -14.22 26.94 44.00
C ASP A 2550 -12.71 26.90 44.11
N HIS A 2551 -12.03 26.69 42.97
CA HIS A 2551 -10.57 26.83 42.90
C HIS A 2551 -10.23 27.29 41.48
N LEU A 2552 -10.16 28.61 41.29
CA LEU A 2552 -9.81 29.20 40.00
C LEU A 2552 -8.93 30.43 40.21
N ASN A 2553 -7.92 30.30 41.08
CA ASN A 2553 -7.07 31.42 41.44
C ASN A 2553 -5.82 31.43 40.57
N GLN A 2554 -5.63 32.53 39.82
CA GLN A 2554 -4.40 32.80 39.09
C GLN A 2554 -4.05 31.67 38.12
N ILE A 2555 -4.92 31.51 37.12
CA ILE A 2555 -4.68 30.50 36.10
C ILE A 2555 -3.76 31.04 35.00
N LYS A 2556 -3.74 32.35 34.79
CA LYS A 2556 -2.95 32.92 33.71
C LYS A 2556 -1.45 32.70 33.90
N LYS A 2557 -1.01 32.44 35.13
CA LYS A 2557 0.40 32.18 35.43
C LYS A 2557 0.53 30.75 35.92
N ILE A 2558 0.92 29.85 35.02
CA ILE A 2558 1.12 28.44 35.34
C ILE A 2558 2.38 27.96 34.63
N HIS A 2559 3.15 27.11 35.32
CA HIS A 2559 4.37 26.52 34.79
C HIS A 2559 4.32 25.00 34.94
N GLU A 2560 3.19 24.41 34.54
CA GLU A 2560 3.03 22.97 34.63
C GLU A 2560 4.08 22.25 33.80
N GLU A 2561 4.63 21.17 34.36
CA GLU A 2561 5.67 20.39 33.71
C GLU A 2561 5.37 18.91 33.86
N TRP A 2562 5.91 18.12 32.95
CA TRP A 2562 5.86 16.67 33.09
C TRP A 2562 6.81 16.23 34.19
N ASP A 2563 6.60 15.00 34.65
CA ASP A 2563 7.51 14.38 35.61
C ASP A 2563 8.77 13.85 34.95
N ASP A 2564 8.85 13.92 33.61
CA ASP A 2564 10.02 13.49 32.86
C ASP A 2564 10.38 14.57 31.84
N VAL A 2565 11.56 14.45 31.26
CA VAL A 2565 12.14 15.52 30.44
C VAL A 2565 12.05 15.21 28.96
N HIS A 2566 12.17 13.94 28.57
CA HIS A 2566 12.28 13.61 27.15
C HIS A 2566 11.04 14.03 26.39
N LEU A 2567 11.25 14.47 25.15
CA LEU A 2567 10.18 14.92 24.27
C LEU A 2567 9.53 13.73 23.58
N PHE A 2568 8.20 13.79 23.44
CA PHE A 2568 7.46 12.74 22.77
C PHE A 2568 6.25 13.35 22.06
N TYR A 2569 5.74 12.61 21.08
CA TYR A 2569 4.54 13.04 20.37
C TYR A 2569 3.68 11.83 20.03
N PRO A 2570 2.45 11.73 20.56
CA PRO A 2570 1.77 12.66 21.48
C PRO A 2570 2.36 12.59 22.89
N PRO A 2571 2.10 13.60 23.73
CA PRO A 2571 2.73 13.61 25.06
C PRO A 2571 2.41 12.40 25.92
N HIS A 2572 1.19 11.85 25.80
CA HIS A 2572 0.76 10.74 26.63
C HIS A 2572 -0.07 9.78 25.79
N ASN A 2573 -0.08 8.51 26.22
CA ASN A 2573 -0.91 7.49 25.60
C ASN A 2573 -0.78 7.50 24.08
N VAL A 2574 0.44 7.24 23.60
CA VAL A 2574 0.69 7.27 22.18
C VAL A 2574 -0.14 6.20 21.46
N LEU A 2575 -0.21 5.01 22.03
CA LEU A 2575 -1.01 3.95 21.43
C LEU A 2575 -2.50 4.25 21.47
N HIS A 2576 -2.93 5.20 22.31
CA HIS A 2576 -4.31 5.65 22.30
C HIS A 2576 -4.51 6.73 21.23
N ASN A 2577 -3.75 7.83 21.34
CA ASN A 2577 -3.76 8.87 20.32
C ASN A 2577 -2.71 8.57 19.26
N VAL A 2578 -2.96 7.45 18.56
CA VAL A 2578 -2.00 6.96 17.58
C VAL A 2578 -1.73 8.02 16.51
N VAL A 2579 -0.48 8.10 16.08
CA VAL A 2579 -0.12 8.98 14.98
C VAL A 2579 -0.51 8.34 13.66
N LEU A 2580 -0.73 9.18 12.65
CA LEU A 2580 -1.18 8.77 11.32
C LEU A 2580 -0.28 9.43 10.27
N ASN A 2581 1.04 9.26 10.45
CA ASN A 2581 2.06 9.90 9.63
C ASN A 2581 2.15 11.38 9.95
N ASN A 2582 1.14 12.14 9.55
CA ASN A 2582 1.06 13.57 9.83
C ASN A 2582 -0.35 13.92 10.33
N HIS A 2583 -0.84 13.14 11.28
CA HIS A 2583 -2.22 13.26 11.73
C HIS A 2583 -2.40 12.41 12.98
N ILE A 2584 -3.10 12.97 13.98
CA ILE A 2584 -3.37 12.29 15.24
C ILE A 2584 -4.84 11.92 15.29
N VAL A 2585 -5.12 10.69 15.75
CA VAL A 2585 -6.48 10.21 15.96
C VAL A 2585 -6.49 9.33 17.19
N ASN A 2586 -7.66 9.24 17.83
CA ASN A 2586 -7.83 8.41 19.01
C ASN A 2586 -8.17 6.99 18.58
N LEU A 2587 -7.42 6.02 19.11
CA LEU A 2587 -7.63 4.63 18.73
C LEU A 2587 -8.90 4.04 19.35
N SER A 2588 -9.40 4.62 20.44
CA SER A 2588 -10.58 4.07 21.08
C SER A 2588 -11.79 4.06 20.14
N SER A 2589 -11.98 5.16 19.41
CA SER A 2589 -13.09 5.25 18.46
C SER A 2589 -12.66 5.02 17.02
N ALA A 2590 -11.44 5.39 16.65
CA ALA A 2590 -10.98 5.16 15.29
C ALA A 2590 -10.91 3.66 14.98
N LEU A 2591 -10.43 2.87 15.93
CA LEU A 2591 -10.33 1.42 15.79
C LEU A 2591 -11.31 0.81 16.79
N GLU A 2592 -12.55 0.64 16.36
CA GLU A 2592 -13.57 0.03 17.22
C GLU A 2592 -13.17 -1.39 17.57
N GLY A 2593 -13.36 -1.76 18.83
CA GLY A 2593 -13.00 -3.08 19.30
C GLY A 2593 -11.55 -3.25 19.70
N VAL A 2594 -10.79 -2.17 19.81
CA VAL A 2594 -9.39 -2.26 20.19
C VAL A 2594 -9.27 -2.36 21.70
N LEU A 2595 -8.35 -3.20 22.17
CA LEU A 2595 -8.09 -3.39 23.59
C LEU A 2595 -6.69 -2.87 23.91
N PHE A 2596 -6.60 -1.96 24.87
CA PHE A 2596 -5.32 -1.47 25.35
C PHE A 2596 -4.74 -2.48 26.35
N MET A 2597 -3.55 -2.99 26.05
CA MET A 2597 -2.94 -4.06 26.82
C MET A 2597 -1.85 -3.49 27.72
N LYS A 2598 -1.77 -4.04 28.94
CA LYS A 2598 -0.94 -3.46 29.99
C LYS A 2598 0.54 -3.48 29.60
N SER A 2599 1.24 -2.43 30.02
CA SER A 2599 2.68 -2.35 29.83
C SER A 2599 3.40 -3.29 30.79
N LYS A 2600 4.61 -3.69 30.40
CA LYS A 2600 5.44 -4.55 31.24
C LYS A 2600 6.91 -4.25 30.94
N VAL A 2601 7.52 -3.41 31.76
CA VAL A 2601 8.95 -3.18 31.63
C VAL A 2601 9.72 -4.41 32.07
N THR A 2602 9.34 -5.00 33.21
CA THR A 2602 9.98 -6.20 33.72
C THR A 2602 9.05 -6.87 34.72
N GLY A 2603 9.02 -8.19 34.70
CA GLY A 2603 8.26 -8.95 35.68
C GLY A 2603 9.05 -9.16 36.95
N ASP A 2604 9.53 -8.07 37.53
CA ASP A 2604 10.40 -8.14 38.70
C ASP A 2604 9.61 -8.61 39.92
N GLU A 2605 10.31 -8.74 41.04
CA GLU A 2605 9.68 -9.20 42.28
C GLU A 2605 8.66 -8.19 42.80
N THR A 2606 8.75 -6.93 42.39
CA THR A 2606 7.83 -5.89 42.82
C THR A 2606 6.77 -5.59 41.77
N ALA A 2607 6.65 -6.43 40.75
CA ALA A 2607 5.68 -6.18 39.69
C ALA A 2607 4.25 -6.24 40.23
N THR A 2608 3.39 -5.40 39.65
CA THR A 2608 1.99 -5.33 40.04
C THR A 2608 1.16 -5.17 38.76
N LYS A 2609 -0.12 -4.84 38.93
CA LYS A 2609 -1.03 -4.65 37.80
C LYS A 2609 -0.72 -3.29 37.18
N LYS A 2610 0.15 -3.31 36.16
CA LYS A 2610 0.55 -2.09 35.50
C LYS A 2610 -0.51 -1.67 34.48
N ASN A 2611 -0.27 -0.54 33.81
CA ASN A 2611 -1.24 0.06 32.91
C ASN A 2611 -0.60 0.26 31.53
N THR A 2612 -1.37 0.84 30.61
CA THR A 2612 -0.95 1.05 29.24
C THR A 2612 -0.38 2.45 29.01
N THR A 2613 -0.25 3.26 30.06
CA THR A 2613 0.12 4.66 29.88
C THR A 2613 1.52 4.75 29.28
N LEU A 2614 1.60 5.39 28.12
CA LEU A 2614 2.86 5.71 27.47
C LEU A 2614 3.02 7.22 27.37
N PRO A 2615 4.25 7.71 27.28
CA PRO A 2615 5.55 7.00 27.38
C PRO A 2615 6.09 7.02 28.82
N THR A 2616 5.22 6.89 29.83
CA THR A 2616 5.68 7.02 31.20
C THR A 2616 6.76 6.01 31.50
N ASP A 2617 6.53 4.75 31.15
CA ASP A 2617 7.51 3.69 31.34
C ASP A 2617 8.16 3.25 30.04
N GLY A 2618 7.76 3.83 28.91
CA GLY A 2618 8.33 3.46 27.62
C GLY A 2618 7.85 2.13 27.08
N VAL A 2619 6.83 1.56 27.71
CA VAL A 2619 6.30 0.24 27.28
C VAL A 2619 4.77 0.29 27.28
N SER A 2620 4.12 -0.43 26.36
CA SER A 2620 2.64 -0.50 26.32
C SER A 2620 2.23 -1.50 25.24
N SER A 2621 0.95 -1.87 25.18
CA SER A 2621 0.54 -2.91 24.21
C SER A 2621 -0.92 -2.74 23.80
N ILE A 2622 -1.25 -3.16 22.58
CA ILE A 2622 -2.63 -3.12 22.12
C ILE A 2622 -2.94 -4.42 21.37
N LEU A 2623 -4.23 -4.65 21.13
CA LEU A 2623 -4.70 -5.82 20.41
C LEU A 2623 -5.34 -5.39 19.10
N ILE A 2624 -5.02 -6.09 18.02
CA ILE A 2624 -5.55 -5.79 16.70
C ILE A 2624 -6.87 -6.56 16.54
N PRO A 2625 -8.02 -5.89 16.45
CA PRO A 2625 -9.28 -6.62 16.34
C PRO A 2625 -9.34 -7.39 15.03
N PRO A 2626 -10.02 -8.54 15.01
CA PRO A 2626 -10.19 -9.26 13.73
C PRO A 2626 -10.95 -8.44 12.70
N TYR A 2627 -11.91 -7.62 13.12
CA TYR A 2627 -12.67 -6.76 12.22
C TYR A 2627 -12.17 -5.33 12.34
N VAL A 2628 -11.91 -4.71 11.20
CA VAL A 2628 -11.46 -3.32 11.15
C VAL A 2628 -12.21 -2.61 10.03
N LYS A 2629 -12.60 -1.36 10.29
CA LYS A 2629 -13.44 -0.63 9.34
C LYS A 2629 -12.72 -0.44 8.00
N GLU A 2630 -11.43 -0.11 8.04
CA GLU A 2630 -10.68 0.18 6.82
C GLU A 2630 -9.23 -0.23 7.00
N ASP A 2631 -8.51 -0.30 5.89
CA ASP A 2631 -7.12 -0.71 5.86
C ASP A 2631 -6.16 0.41 6.22
N ILE A 2632 -6.67 1.59 6.59
CA ILE A 2632 -5.80 2.72 6.89
C ILE A 2632 -4.81 2.33 7.97
N THR A 2633 -3.54 2.65 7.73
CA THR A 2633 -2.46 2.34 8.66
C THR A 2633 -2.35 3.43 9.72
N PHE A 2634 -1.59 3.14 10.77
CA PHE A 2634 -1.36 4.09 11.85
C PHE A 2634 0.11 4.07 12.24
N HIS A 2635 0.51 5.10 12.99
CA HIS A 2635 1.91 5.30 13.36
C HIS A 2635 1.97 5.84 14.79
N LEU A 2636 3.19 6.02 15.28
CA LEU A 2636 3.43 6.68 16.56
C LEU A 2636 4.88 7.17 16.58
N PHE A 2637 5.08 8.36 17.13
CA PHE A 2637 6.38 9.03 17.14
C PHE A 2637 7.07 8.86 18.48
N CYS A 2638 8.40 8.78 18.44
CA CYS A 2638 9.22 8.73 19.64
C CYS A 2638 10.43 9.61 19.43
N GLY A 2639 10.94 10.19 20.54
CA GLY A 2639 12.06 11.10 20.46
C GLY A 2639 12.87 11.08 21.74
N LYS A 2640 13.97 11.83 21.70
CA LYS A 2640 14.88 11.92 22.84
C LYS A 2640 15.55 13.29 22.82
N SER A 2641 16.05 13.70 23.98
CA SER A 2641 16.72 14.98 24.12
C SER A 2641 17.68 14.92 25.30
N THR A 2642 18.47 15.98 25.45
CA THR A 2642 19.51 16.03 26.48
C THR A 2642 19.07 16.81 27.72
N THR A 2643 18.28 17.86 27.56
CA THR A 2643 17.88 18.72 28.67
C THR A 2643 16.38 18.96 28.61
N LYS A 2644 15.89 19.79 29.54
CA LYS A 2644 14.46 20.04 29.69
C LYS A 2644 13.92 21.05 28.69
N LYS A 2645 14.79 21.80 28.00
CA LYS A 2645 14.38 22.79 27.00
C LYS A 2645 15.19 22.56 25.74
N PRO A 2646 14.98 21.45 25.00
CA PRO A 2646 15.73 21.16 23.77
C PRO A 2646 14.95 21.49 22.49
N ASN A 2647 15.55 21.24 21.33
CA ASN A 2647 14.88 21.49 20.02
C ASN A 2647 15.64 20.72 18.94
N LYS A 2648 15.28 20.91 17.66
CA LYS A 2648 15.93 20.16 16.56
C LYS A 2648 17.45 20.30 16.68
N LYS A 2649 17.92 21.45 17.18
CA LYS A 2649 19.38 21.67 17.38
C LYS A 2649 19.91 20.59 18.34
N ASN A 2650 19.13 20.24 19.37
CA ASN A 2650 19.57 19.21 20.36
C ASN A 2650 18.46 18.19 20.59
N THR A 2651 18.02 17.50 19.53
CA THR A 2651 17.00 16.43 19.67
C THR A 2651 17.02 15.53 18.44
N SER A 2652 16.51 14.30 18.56
CA SER A 2652 16.44 13.36 17.40
C SER A 2652 15.01 12.83 17.28
N LEU A 2653 14.58 12.51 16.05
CA LEU A 2653 13.17 12.06 15.85
C LEU A 2653 13.14 10.61 15.38
N ALA A 2654 12.19 9.82 15.90
CA ALA A 2654 12.04 8.44 15.47
C ALA A 2654 10.57 8.18 15.14
N LEU A 2655 10.34 7.23 14.22
CA LEU A 2655 9.01 6.88 13.78
C LEU A 2655 8.82 5.37 13.87
N ILE A 2656 7.56 4.95 14.01
CA ILE A 2656 7.21 3.55 14.10
C ILE A 2656 5.95 3.32 13.29
N HIS A 2657 5.90 2.20 12.56
CA HIS A 2657 4.81 1.88 11.65
C HIS A 2657 4.26 0.50 12.00
N ILE A 2658 2.94 0.42 12.12
CA ILE A 2658 2.23 -0.84 12.37
C ILE A 2658 1.05 -0.91 11.42
N HIS A 2659 0.96 -1.99 10.65
CA HIS A 2659 -0.11 -2.17 9.67
C HIS A 2659 -1.24 -3.01 10.28
N ILE A 2660 -2.47 -2.65 9.93
CA ILE A 2660 -3.66 -3.34 10.42
C ILE A 2660 -4.52 -3.71 9.22
N SER A 2661 -5.01 -4.95 9.21
CA SER A 2661 -5.85 -5.43 8.11
C SER A 2661 -7.28 -4.95 8.28
N SER A 2662 -7.96 -4.78 7.14
CA SER A 2662 -9.34 -4.33 7.11
C SER A 2662 -10.29 -5.52 7.22
N ASN A 2663 -11.59 -5.27 7.07
CA ASN A 2663 -12.56 -6.35 7.08
C ASN A 2663 -13.80 -5.91 6.30
N ARG A 2664 -14.57 -6.90 5.85
CA ARG A 2664 -15.73 -6.66 5.00
C ARG A 2664 -17.02 -7.29 5.51
N ASN A 2665 -16.95 -8.19 6.50
CA ASN A 2665 -18.13 -8.91 6.99
C ASN A 2665 -18.57 -8.31 8.32
N ILE A 2666 -19.87 -8.03 8.43
CA ILE A 2666 -20.40 -7.37 9.61
C ILE A 2666 -20.28 -8.29 10.82
N ILE A 2667 -20.12 -7.69 11.99
CA ILE A 2667 -20.00 -8.42 13.24
C ILE A 2667 -21.40 -8.73 13.77
N HIS A 2668 -21.47 -9.68 14.70
CA HIS A 2668 -22.70 -10.01 15.39
C HIS A 2668 -22.75 -9.32 16.75
N GLY A 2669 -23.86 -9.49 17.46
CA GLY A 2669 -24.04 -8.89 18.76
C GLY A 2669 -24.87 -7.62 18.70
N CYS A 2670 -25.21 -7.12 19.88
CA CYS A 2670 -26.03 -5.92 20.02
C CYS A 2670 -25.15 -4.73 20.37
N ASP A 2671 -25.37 -3.63 19.67
CA ASP A 2671 -24.72 -2.34 19.98
C ASP A 2671 -25.75 -1.50 20.72
N PHE A 2672 -25.64 -1.46 22.05
CA PHE A 2672 -26.58 -0.69 22.85
C PHE A 2672 -26.54 0.79 22.47
N LEU A 2673 -25.36 1.30 22.16
CA LEU A 2673 -25.27 2.66 21.65
C LEU A 2673 -26.01 2.81 20.33
N TYR A 2674 -26.16 1.72 19.57
CA TYR A 2674 -26.99 1.78 18.37
C TYR A 2674 -28.46 1.89 18.73
N LEU A 2675 -28.89 1.26 19.82
CA LEU A 2675 -30.26 1.48 20.30
C LEU A 2675 -30.44 2.92 20.76
N GLU A 2676 -29.42 3.49 21.41
CA GLU A 2676 -29.45 4.91 21.72
C GLU A 2676 -29.55 5.75 20.44
N ASN A 2677 -28.87 5.31 19.38
CA ASN A 2677 -28.97 6.00 18.10
C ASN A 2677 -30.37 5.88 17.52
N GLN A 2678 -31.04 4.76 17.75
CA GLN A 2678 -32.44 4.63 17.33
C GLN A 2678 -33.33 5.61 18.09
N THR A 2679 -33.13 5.71 19.40
CA THR A 2679 -33.87 6.71 20.17
C THR A 2679 -33.54 8.12 19.67
N ASN A 2680 -32.31 8.32 19.21
CA ASN A 2680 -31.96 9.61 18.59
C ASN A 2680 -32.72 9.83 17.29
N ASP A 2681 -32.80 8.79 16.45
CA ASP A 2681 -33.61 8.87 15.24
C ASP A 2681 -35.03 9.28 15.57
N ALA A 2682 -35.55 8.80 16.69
CA ALA A 2682 -36.82 9.34 17.20
C ALA A 2682 -36.66 10.82 17.57
N ILE A 2683 -35.53 11.17 18.17
CA ILE A 2683 -35.29 12.56 18.58
C ILE A 2683 -35.06 13.45 17.36
N SER A 2684 -34.23 12.99 16.42
CA SER A 2684 -33.79 13.80 15.30
C SER A 2684 -34.12 13.09 13.99
N ASN A 2685 -34.23 13.87 12.92
CA ASN A 2685 -34.70 13.38 11.63
C ASN A 2685 -33.62 13.31 10.57
N ASN A 2686 -32.47 13.96 10.76
CA ASN A 2686 -31.41 14.00 9.76
C ASN A 2686 -30.31 12.97 10.03
N ASN A 2687 -30.67 11.82 10.59
CA ASN A 2687 -29.73 10.75 10.90
C ASN A 2687 -29.75 9.65 9.84
N ASN A 2688 -29.90 10.03 8.57
CA ASN A 2688 -30.00 9.04 7.51
C ASN A 2688 -28.82 8.06 7.53
N ASN A 2689 -27.64 8.56 7.90
CA ASN A 2689 -26.44 7.72 7.96
C ASN A 2689 -26.46 6.88 9.23
N SER A 2690 -27.43 5.96 9.28
CA SER A 2690 -27.58 5.03 10.40
C SER A 2690 -26.84 3.74 10.06
N TYR A 2691 -25.52 3.80 10.18
CA TYR A 2691 -24.64 2.68 9.84
C TYR A 2691 -23.92 2.20 11.10
N SER A 2692 -23.90 0.88 11.28
CA SER A 2692 -23.18 0.27 12.39
C SER A 2692 -22.45 -0.97 11.86
N ILE A 2693 -21.47 -1.42 12.63
CA ILE A 2693 -20.65 -2.56 12.23
C ILE A 2693 -21.14 -3.86 12.88
N PHE A 2694 -22.39 -3.89 13.34
CA PHE A 2694 -22.99 -5.06 13.96
C PHE A 2694 -24.33 -5.36 13.30
N THR A 2695 -24.59 -6.65 13.08
CA THR A 2695 -25.85 -7.05 12.45
C THR A 2695 -27.03 -6.68 13.35
N HIS A 2696 -26.86 -6.78 14.67
CA HIS A 2696 -27.89 -6.38 15.64
C HIS A 2696 -29.19 -7.17 15.41
N ASN A 2697 -29.08 -8.48 15.63
CA ASN A 2697 -30.24 -9.34 15.54
C ASN A 2697 -31.36 -8.83 16.44
N LYS A 2698 -32.57 -8.77 15.88
CA LYS A 2698 -33.71 -8.15 16.55
C LYS A 2698 -34.77 -9.19 16.87
N ASN A 2699 -35.33 -9.10 18.07
CA ASN A 2699 -36.46 -9.94 18.44
C ASN A 2699 -37.72 -9.47 17.72
N THR A 2700 -38.72 -10.35 17.68
CA THR A 2700 -39.94 -10.06 16.92
C THR A 2700 -40.64 -8.81 17.44
N GLU A 2701 -40.76 -8.67 18.76
CA GLU A 2701 -41.52 -7.57 19.34
C GLU A 2701 -40.73 -6.81 20.39
N ASN A 2702 -39.83 -7.49 21.10
CA ASN A 2702 -39.09 -6.90 22.20
C ASN A 2702 -37.81 -6.26 21.70
N ASN A 2703 -37.43 -5.14 22.32
CA ASN A 2703 -36.17 -4.46 22.05
C ASN A 2703 -35.14 -4.64 23.15
N LEU A 2704 -35.57 -4.79 24.40
CA LEU A 2704 -34.63 -5.03 25.48
C LEU A 2704 -33.94 -6.38 25.33
N ILE A 2705 -34.59 -7.34 24.67
CA ILE A 2705 -34.03 -8.67 24.49
C ILE A 2705 -33.04 -8.66 23.34
N CYS A 2706 -31.98 -9.45 23.48
CA CYS A 2706 -30.97 -9.65 22.43
C CYS A 2706 -30.78 -11.14 22.25
N ASP A 2707 -31.62 -11.75 21.42
CA ASP A 2707 -31.55 -13.19 21.15
C ASP A 2707 -30.39 -13.44 20.19
N ILE A 2708 -29.21 -13.72 20.75
CA ILE A 2708 -28.02 -13.99 19.95
C ILE A 2708 -27.77 -15.49 20.00
N SER A 2709 -27.48 -16.08 18.84
CA SER A 2709 -27.22 -17.50 18.73
C SER A 2709 -25.71 -17.73 18.67
N LEU A 2710 -25.20 -18.58 19.55
CA LEU A 2710 -23.78 -18.91 19.57
C LEU A 2710 -23.49 -19.86 18.43
N ILE A 2711 -23.00 -19.33 17.33
CA ILE A 2711 -22.72 -20.09 16.11
C ILE A 2711 -21.21 -20.14 15.93
N PRO A 2712 -20.61 -21.31 15.69
CA PRO A 2712 -19.17 -21.36 15.45
C PRO A 2712 -18.80 -20.66 14.14
N LYS A 2713 -17.52 -20.30 14.04
CA LYS A 2713 -16.99 -19.58 12.89
C LYS A 2713 -17.65 -18.21 12.72
N THR A 2714 -18.05 -17.60 13.84
CA THR A 2714 -18.66 -16.27 13.83
C THR A 2714 -18.07 -15.46 14.98
N VAL A 2715 -18.14 -14.14 14.83
CA VAL A 2715 -17.61 -13.20 15.81
C VAL A 2715 -18.74 -12.28 16.25
N ILE A 2716 -18.89 -12.13 17.56
CA ILE A 2716 -19.94 -11.29 18.13
C ILE A 2716 -19.30 -9.98 18.61
N GLY A 2717 -20.12 -8.94 18.70
CA GLY A 2717 -19.64 -7.62 19.00
C GLY A 2717 -20.48 -6.86 20.02
N ILE A 2718 -21.05 -7.58 20.99
CA ILE A 2718 -21.89 -6.95 22.01
C ILE A 2718 -21.11 -5.79 22.62
N LYS A 2719 -21.63 -4.57 22.46
CA LYS A 2719 -20.91 -3.34 22.80
C LYS A 2719 -21.58 -2.69 24.01
N CYS A 2720 -20.88 -2.73 25.15
CA CYS A 2720 -21.33 -2.08 26.37
C CYS A 2720 -20.17 -1.27 26.92
N PRO A 2721 -20.38 -0.01 27.32
CA PRO A 2721 -19.25 0.82 27.73
C PRO A 2721 -18.46 0.20 28.88
N ASN A 2722 -17.13 0.30 28.78
CA ASN A 2722 -16.20 -0.18 29.80
C ASN A 2722 -16.68 -1.49 30.41
N LYS A 2723 -17.05 -1.46 31.70
CA LYS A 2723 -17.56 -2.63 32.40
C LYS A 2723 -18.98 -2.38 32.92
N LYS A 2724 -19.75 -1.57 32.20
CA LYS A 2724 -21.14 -1.36 32.57
C LYS A 2724 -21.95 -2.65 32.48
N LEU A 2725 -21.43 -3.66 31.80
CA LEU A 2725 -22.09 -4.97 31.77
C LEU A 2725 -22.32 -5.46 33.19
N ASN A 2726 -23.54 -5.90 33.45
CA ASN A 2726 -23.98 -6.26 34.80
C ASN A 2726 -24.51 -7.69 34.79
N PRO A 2727 -23.97 -8.60 35.63
CA PRO A 2727 -22.90 -8.43 36.61
C PRO A 2727 -21.53 -8.21 35.96
N GLN A 2728 -20.63 -7.50 36.63
CA GLN A 2728 -19.28 -7.31 36.10
C GLN A 2728 -18.52 -8.62 35.98
N THR A 2729 -18.91 -9.63 36.76
CA THR A 2729 -18.29 -10.95 36.66
C THR A 2729 -18.85 -11.77 35.51
N CYS A 2730 -19.89 -11.30 34.83
CA CYS A 2730 -20.43 -12.02 33.70
C CYS A 2730 -19.34 -12.24 32.66
N PHE A 2731 -19.30 -13.44 32.07
CA PHE A 2731 -20.31 -14.49 32.20
C PHE A 2731 -20.04 -15.46 33.35
N ASP A 2732 -19.10 -15.12 34.24
CA ASP A 2732 -18.86 -15.97 35.40
C ASP A 2732 -20.12 -16.09 36.25
N GLU A 2733 -20.87 -15.00 36.38
CA GLU A 2733 -22.17 -15.00 37.03
C GLU A 2733 -23.21 -14.53 36.04
N VAL A 2734 -24.22 -15.35 35.78
CA VAL A 2734 -25.25 -15.07 34.80
C VAL A 2734 -26.61 -15.40 35.41
N TYR A 2735 -27.67 -15.08 34.67
CA TYR A 2735 -29.03 -15.35 35.07
C TYR A 2735 -29.72 -16.12 33.96
N TYR A 2736 -30.40 -17.21 34.32
CA TYR A 2736 -30.99 -18.14 33.36
C TYR A 2736 -32.49 -17.94 33.32
N VAL A 2737 -33.01 -17.64 32.12
CA VAL A 2737 -34.44 -17.65 31.85
C VAL A 2737 -34.71 -18.76 30.84
N LYS A 2738 -35.95 -19.21 30.80
CA LYS A 2738 -36.34 -20.38 30.03
C LYS A 2738 -37.30 -19.99 28.92
N GLN A 2739 -37.47 -20.90 27.96
CA GLN A 2739 -38.31 -20.69 26.79
C GLN A 2739 -39.77 -20.80 27.21
N GLU A 2740 -40.33 -19.67 27.66
CA GLU A 2740 -41.73 -19.59 28.06
C GLU A 2740 -42.59 -18.80 27.08
N ASP A 2741 -42.10 -17.67 26.59
CA ASP A 2741 -42.80 -16.86 25.61
C ASP A 2741 -41.92 -16.74 24.37
N VAL A 2742 -42.45 -17.15 23.22
CA VAL A 2742 -41.68 -17.08 21.98
C VAL A 2742 -41.30 -15.64 21.65
N PRO A 2743 -42.23 -14.67 21.63
CA PRO A 2743 -41.82 -13.27 21.43
C PRO A 2743 -41.14 -12.68 22.66
N SER A 2744 -41.53 -13.10 23.86
CA SER A 2744 -40.94 -12.59 25.09
C SER A 2744 -41.07 -11.08 25.18
N LYS A 2745 -42.20 -10.56 24.71
CA LYS A 2745 -42.44 -9.12 24.75
C LYS A 2745 -42.60 -8.62 26.18
N THR A 2746 -43.17 -9.44 27.07
CA THR A 2746 -43.41 -9.06 28.45
C THR A 2746 -42.24 -9.58 29.30
N ILE A 2747 -41.15 -8.81 29.29
CA ILE A 2747 -39.95 -9.15 30.06
C ILE A 2747 -39.45 -7.88 30.74
N THR A 2748 -38.67 -8.08 31.80
CA THR A 2748 -38.08 -6.98 32.56
C THR A 2748 -36.63 -7.29 32.84
N ALA A 2749 -35.79 -6.24 32.80
CA ALA A 2749 -34.36 -6.42 33.05
C ALA A 2749 -34.09 -6.71 34.53
N ASP A 2750 -34.83 -6.06 35.43
CA ASP A 2750 -34.60 -6.25 36.85
C ASP A 2750 -34.94 -7.65 37.32
N LYS A 2751 -35.70 -8.41 36.53
CA LYS A 2751 -36.05 -9.78 36.92
C LYS A 2751 -34.83 -10.67 37.03
N TYR A 2752 -33.74 -10.30 36.35
CA TYR A 2752 -32.54 -11.15 36.31
C TYR A 2752 -31.72 -10.99 37.59
N ASN A 2753 -32.33 -11.39 38.70
CA ASN A 2753 -31.65 -11.37 40.00
C ASN A 2753 -31.86 -12.60 40.85
N THR A 2754 -32.81 -13.48 40.52
CA THR A 2754 -33.14 -14.64 41.34
C THR A 2754 -33.27 -15.87 40.43
N PHE A 2755 -32.21 -16.68 40.37
CA PHE A 2755 -32.23 -17.92 39.61
C PHE A 2755 -31.26 -18.90 40.26
N SER A 2756 -31.47 -20.18 39.97
CA SER A 2756 -30.66 -21.25 40.52
C SER A 2756 -29.90 -21.95 39.40
N LYS A 2757 -28.63 -22.27 39.65
CA LYS A 2757 -27.78 -22.94 38.68
C LYS A 2757 -27.06 -24.09 39.35
N ASP A 2758 -27.13 -25.27 38.74
CA ASP A 2758 -26.40 -26.43 39.23
C ASP A 2758 -25.81 -27.26 38.09
N LYS A 2759 -25.58 -26.65 36.92
CA LYS A 2759 -25.07 -27.34 35.75
C LYS A 2759 -23.67 -26.83 35.44
N ILE A 2760 -22.80 -27.74 35.04
CA ILE A 2760 -21.41 -27.43 34.70
C ILE A 2760 -20.67 -26.97 35.95
N GLY A 2761 -21.11 -25.85 36.53
CA GLY A 2761 -20.54 -25.30 37.73
C GLY A 2761 -20.36 -23.81 37.62
N ASN A 2762 -19.58 -23.25 38.53
CA ASN A 2762 -19.27 -21.82 38.54
C ASN A 2762 -17.82 -21.55 38.14
N ILE A 2763 -16.86 -22.17 38.82
CA ILE A 2763 -15.45 -22.04 38.46
C ILE A 2763 -14.96 -23.39 37.96
N LEU A 2764 -15.03 -23.59 36.64
CA LEU A 2764 -14.55 -24.83 36.03
C LEU A 2764 -13.68 -24.53 34.82
N LYS A 2765 -13.97 -23.43 34.13
CA LYS A 2765 -13.21 -22.97 32.98
C LYS A 2765 -12.79 -21.54 33.20
N ASN A 2766 -11.49 -21.26 33.00
CA ASN A 2766 -10.93 -19.94 33.20
C ASN A 2766 -10.18 -19.50 31.96
N ALA A 2767 -10.18 -18.20 31.71
CA ALA A 2767 -9.49 -17.63 30.56
C ALA A 2767 -8.55 -16.52 30.99
N ILE A 2768 -7.91 -15.88 30.02
CA ILE A 2768 -6.95 -14.79 30.31
C ILE A 2768 -7.73 -13.47 30.40
N SER A 2769 -7.14 -12.47 31.06
CA SER A 2769 -7.77 -11.16 31.17
C SER A 2769 -7.79 -10.48 29.81
N ILE A 2770 -8.96 -9.98 29.41
CA ILE A 2770 -9.11 -9.31 28.09
C ILE A 2770 -9.79 -7.94 28.27
N ASN A 2771 -10.05 -7.53 29.52
CA ASN A 2771 -10.61 -6.21 29.78
C ASN A 2771 -10.01 -5.68 31.06
N ASN A 2772 -9.26 -4.58 30.96
CA ASN A 2772 -8.64 -3.93 32.12
C ASN A 2772 -9.27 -2.55 32.31
N PRO A 2773 -10.22 -2.39 33.23
CA PRO A 2773 -10.92 -1.10 33.35
C PRO A 2773 -10.06 0.02 33.89
N ASP A 2774 -8.75 -0.20 34.10
CA ASP A 2774 -7.89 0.90 34.55
C ASP A 2774 -7.95 2.06 33.57
N GLU A 2775 -7.89 1.78 32.26
CA GLU A 2775 -8.11 2.78 31.24
C GLU A 2775 -9.61 2.92 31.03
N LYS A 2776 -10.17 4.08 31.40
CA LYS A 2776 -11.61 4.27 31.39
C LYS A 2776 -12.17 4.35 29.97
N ASP A 2777 -11.31 4.19 28.96
CA ASP A 2777 -11.72 4.23 27.55
C ASP A 2777 -11.49 2.88 26.88
N ASN A 2778 -11.72 1.78 27.60
CA ASN A 2778 -11.58 0.45 27.03
C ASN A 2778 -12.87 -0.02 26.39
N THR A 2779 -12.75 -1.04 25.54
CA THR A 2779 -13.86 -1.55 24.77
C THR A 2779 -14.52 -2.73 25.49
N TYR A 2780 -15.38 -3.45 24.78
CA TYR A 2780 -16.13 -4.58 25.41
C TYR A 2780 -15.32 -5.88 25.31
N THR A 2781 -15.79 -6.93 25.99
CA THR A 2781 -15.10 -8.25 25.94
C THR A 2781 -15.38 -8.93 24.59
N TYR A 2782 -14.54 -9.89 24.21
CA TYR A 2782 -14.73 -10.62 22.93
C TYR A 2782 -14.97 -12.11 23.20
N LEU A 2783 -15.90 -12.72 22.47
CA LEU A 2783 -16.19 -14.17 22.65
C LEU A 2783 -16.05 -14.87 21.29
N ILE A 2784 -15.27 -15.95 21.22
CA ILE A 2784 -15.03 -16.64 19.91
C ILE A 2784 -15.03 -18.16 20.11
N LEU A 2785 -14.97 -18.92 19.01
CA LEU A 2785 -14.97 -20.37 19.07
C LEU A 2785 -14.02 -20.93 18.03
N PRO A 2786 -13.51 -22.15 18.25
CA PRO A 2786 -12.59 -22.76 17.28
C PRO A 2786 -13.34 -23.29 16.06
N GLU A 2787 -12.59 -23.95 15.18
CA GLU A 2787 -13.17 -24.47 13.94
C GLU A 2787 -14.13 -25.63 14.19
N LYS A 2788 -14.05 -26.28 15.35
CA LYS A 2788 -14.91 -27.40 15.68
C LYS A 2788 -15.68 -27.10 16.96
N PHE A 2789 -16.87 -27.69 17.08
CA PHE A 2789 -17.76 -27.42 18.20
C PHE A 2789 -18.34 -28.72 18.72
N GLU A 2790 -18.68 -28.74 20.00
CA GLU A 2790 -19.18 -29.91 20.68
C GLU A 2790 -20.62 -29.67 21.13
N GLU A 2791 -21.44 -30.73 21.06
CA GLU A 2791 -22.86 -30.65 21.36
C GLU A 2791 -23.22 -31.23 22.72
N GLU A 2792 -22.24 -31.65 23.51
CA GLU A 2792 -22.53 -32.39 24.74
C GLU A 2792 -23.06 -31.48 25.83
N LEU A 2793 -22.48 -30.29 25.98
CA LEU A 2793 -22.74 -29.44 27.13
C LEU A 2793 -23.83 -28.41 26.90
N ILE A 2794 -24.54 -28.48 25.78
CA ILE A 2794 -25.53 -27.46 25.44
C ILE A 2794 -26.81 -27.70 26.22
N ASP A 2795 -27.47 -26.61 26.62
CA ASP A 2795 -28.81 -26.63 27.16
C ASP A 2795 -29.73 -25.95 26.14
N THR A 2796 -30.76 -26.66 25.70
CA THR A 2796 -31.56 -26.20 24.56
C THR A 2796 -32.65 -25.22 24.99
N LYS A 2797 -33.54 -25.65 25.90
CA LYS A 2797 -34.72 -24.88 26.25
C LYS A 2797 -34.45 -23.80 27.29
N LYS A 2798 -33.20 -23.43 27.52
CA LYS A 2798 -32.86 -22.42 28.51
C LYS A 2798 -31.76 -21.51 27.95
N VAL A 2799 -31.75 -20.27 28.43
CA VAL A 2799 -30.82 -19.24 27.95
C VAL A 2799 -30.23 -18.50 29.13
N LEU A 2800 -28.93 -18.27 29.10
CA LEU A 2800 -28.25 -17.43 30.07
C LEU A 2800 -28.28 -15.99 29.60
N ALA A 2801 -28.22 -15.06 30.55
CA ALA A 2801 -28.38 -13.65 30.23
C ALA A 2801 -27.50 -12.78 31.11
N CYS A 2802 -27.16 -11.61 30.58
CA CYS A 2802 -26.49 -10.55 31.33
C CYS A 2802 -27.09 -9.22 30.88
N THR A 2803 -26.92 -8.20 31.71
CA THR A 2803 -27.59 -6.92 31.49
C THR A 2803 -26.57 -5.79 31.36
N CYS A 2804 -26.97 -4.75 30.64
CA CYS A 2804 -26.15 -3.57 30.44
C CYS A 2804 -27.06 -2.37 30.19
N ASP A 2805 -26.64 -1.21 30.69
CA ASP A 2805 -27.38 0.05 30.57
C ASP A 2805 -28.71 0.03 31.32
N ASN A 2806 -28.94 -0.97 32.16
CA ASN A 2806 -30.14 -1.11 32.98
C ASN A 2806 -31.40 -1.39 32.18
N LYS A 2807 -31.31 -1.46 30.85
CA LYS A 2807 -32.47 -1.69 30.00
C LYS A 2807 -32.35 -2.95 29.16
N TYR A 2808 -31.21 -3.14 28.50
CA TYR A 2808 -31.06 -4.20 27.50
C TYR A 2808 -30.61 -5.50 28.14
N ILE A 2809 -31.04 -6.61 27.55
CA ILE A 2809 -30.80 -7.94 28.08
C ILE A 2809 -30.13 -8.78 27.01
N ILE A 2810 -29.03 -9.43 27.37
CA ILE A 2810 -28.30 -10.33 26.47
C ILE A 2810 -28.87 -11.73 26.62
N HIS A 2811 -29.02 -12.43 25.49
CA HIS A 2811 -29.53 -13.80 25.47
C HIS A 2811 -28.62 -14.65 24.59
N MET A 2812 -27.99 -15.66 25.20
CA MET A 2812 -27.09 -16.58 24.50
C MET A 2812 -27.83 -17.90 24.30
N LYS A 2813 -28.32 -18.14 23.09
CA LYS A 2813 -29.10 -19.33 22.77
C LYS A 2813 -28.38 -20.18 21.72
N ILE A 2814 -28.85 -21.42 21.57
CA ILE A 2814 -28.36 -22.34 20.56
C ILE A 2814 -29.55 -23.08 19.96
N GLU A 2815 -29.52 -23.29 18.64
CA GLU A 2815 -30.62 -23.89 17.91
C GLU A 2815 -30.21 -25.21 17.31
N LYS A 2816 -31.19 -26.12 17.19
CA LYS A 2816 -30.94 -27.42 16.57
C LYS A 2816 -30.51 -27.30 15.12
N SER A 2817 -30.80 -26.17 14.47
CA SER A 2817 -30.36 -25.98 13.10
C SER A 2817 -28.84 -25.98 13.00
N THR A 2818 -28.16 -25.37 13.96
CA THR A 2818 -26.70 -25.39 13.96
C THR A 2818 -26.17 -26.81 14.13
N MET A 2819 -26.79 -27.59 15.01
CA MET A 2819 -26.35 -28.96 15.22
C MET A 2819 -26.56 -29.79 13.96
N ASP A 2820 -27.70 -29.62 13.28
CA ASP A 2820 -27.91 -30.31 12.01
C ASP A 2820 -26.87 -29.87 10.98
N LYS A 2821 -26.58 -28.57 10.91
CA LYS A 2821 -25.61 -28.07 9.94
C LYS A 2821 -24.24 -28.70 10.17
N ILE A 2822 -23.79 -28.75 11.42
CA ILE A 2822 -22.48 -29.32 11.69
C ILE A 2822 -22.48 -30.83 11.45
N LYS A 2823 -23.56 -31.51 11.84
CA LYS A 2823 -23.64 -32.95 11.62
C LYS A 2823 -23.72 -33.32 10.15
N ILE A 2824 -24.14 -32.38 9.29
CA ILE A 2824 -24.15 -32.64 7.85
C ILE A 2824 -22.88 -32.15 7.16
N ASP A 2825 -22.16 -31.18 7.74
CA ASP A 2825 -20.97 -30.63 7.13
C ASP A 2825 -19.67 -31.22 7.65
N GLU A 2826 -19.70 -32.01 8.73
CA GLU A 2826 -18.47 -32.56 9.27
C GLU A 2826 -17.78 -33.47 8.26
N LYS A 2827 -18.55 -34.26 7.53
CA LYS A 2827 -17.98 -35.17 6.54
C LYS A 2827 -17.50 -34.37 5.33
N LYS A 2828 -16.20 -34.05 5.31
CA LYS A 2828 -15.62 -33.20 4.29
C LYS A 2828 -14.84 -34.03 3.30
N THR A 2829 -15.07 -33.78 2.01
CA THR A 2829 -14.33 -34.42 0.93
C THR A 2829 -13.59 -33.36 0.13
N ILE A 2830 -12.34 -33.64 -0.20
CA ILE A 2830 -11.45 -32.67 -0.84
C ILE A 2830 -11.02 -33.23 -2.19
N GLY A 2831 -11.14 -32.41 -3.23
CA GLY A 2831 -10.73 -32.80 -4.57
C GLY A 2831 -9.70 -31.88 -5.16
N LYS A 2832 -8.62 -32.45 -5.70
CA LYS A 2832 -7.51 -31.69 -6.29
C LYS A 2832 -7.67 -31.75 -7.81
N ASP A 2833 -8.31 -30.72 -8.38
CA ASP A 2833 -8.61 -30.66 -9.80
C ASP A 2833 -7.60 -29.78 -10.53
N ILE A 2834 -7.68 -29.81 -11.86
CA ILE A 2834 -6.81 -29.03 -12.72
C ILE A 2834 -7.69 -28.24 -13.70
N CYS A 2835 -7.15 -27.13 -14.17
CA CYS A 2835 -7.90 -26.20 -15.01
C CYS A 2835 -7.70 -26.53 -16.49
N LYS A 2836 -8.22 -25.68 -17.36
CA LYS A 2836 -8.13 -25.84 -18.80
C LYS A 2836 -7.35 -24.68 -19.40
N TYR A 2837 -7.00 -24.82 -20.68
CA TYR A 2837 -6.15 -23.83 -21.34
C TYR A 2837 -6.24 -24.04 -22.85
N ASP A 2838 -5.68 -23.09 -23.58
CA ASP A 2838 -5.51 -23.21 -25.02
C ASP A 2838 -4.18 -22.56 -25.41
N VAL A 2839 -3.56 -23.11 -26.46
CA VAL A 2839 -2.28 -22.61 -26.93
C VAL A 2839 -2.44 -21.70 -28.13
N THR A 2840 -3.41 -21.99 -29.01
CA THR A 2840 -3.65 -21.11 -30.15
C THR A 2840 -4.06 -19.72 -29.70
N THR A 2841 -4.69 -19.61 -28.54
CA THR A 2841 -5.11 -18.33 -27.98
C THR A 2841 -4.31 -17.91 -26.75
N LYS A 2842 -3.48 -18.80 -26.21
CA LYS A 2842 -2.69 -18.49 -25.01
C LYS A 2842 -3.59 -18.11 -23.84
N VAL A 2843 -4.71 -18.81 -23.72
CA VAL A 2843 -5.68 -18.57 -22.65
C VAL A 2843 -5.50 -19.63 -21.58
N ALA A 2844 -5.87 -19.28 -20.35
CA ALA A 2844 -5.76 -20.21 -19.22
C ALA A 2844 -6.71 -19.74 -18.13
N THR A 2845 -7.71 -20.57 -17.81
CA THR A 2845 -8.70 -20.20 -16.81
C THR A 2845 -9.25 -21.47 -16.17
N CYS A 2846 -9.78 -21.31 -14.96
CA CYS A 2846 -10.33 -22.41 -14.17
C CYS A 2846 -11.84 -22.27 -14.03
N GLU A 2847 -12.47 -23.34 -13.56
CA GLU A 2847 -13.89 -23.37 -13.27
C GLU A 2847 -14.09 -23.34 -11.76
N ILE A 2848 -14.91 -22.41 -11.29
CA ILE A 2848 -15.03 -22.14 -9.87
C ILE A 2848 -16.49 -22.22 -9.43
N ILE A 2849 -17.35 -21.44 -10.08
CA ILE A 2849 -18.71 -21.22 -9.57
C ILE A 2849 -19.51 -22.51 -9.58
N ASP A 2850 -19.30 -23.37 -10.58
CA ASP A 2850 -20.03 -24.62 -10.69
C ASP A 2850 -19.60 -25.67 -9.66
N THR A 2851 -18.79 -25.31 -8.66
CA THR A 2851 -18.22 -26.28 -7.73
C THR A 2851 -18.91 -26.28 -6.36
N ILE A 2852 -19.15 -25.10 -5.79
CA ILE A 2852 -19.57 -25.00 -4.40
C ILE A 2852 -21.04 -24.62 -4.28
N ASP A 2853 -21.84 -24.97 -5.28
CA ASP A 2853 -23.27 -24.70 -5.19
C ASP A 2853 -23.85 -25.40 -3.97
N SER A 2854 -24.66 -24.67 -3.21
CA SER A 2854 -25.24 -25.18 -1.97
C SER A 2854 -26.55 -25.93 -2.18
N SER A 2855 -27.05 -26.00 -3.41
CA SER A 2855 -28.27 -26.73 -3.72
C SER A 2855 -28.01 -28.09 -4.34
N VAL A 2856 -26.76 -28.57 -4.28
CA VAL A 2856 -26.36 -29.81 -4.92
C VAL A 2856 -25.79 -30.74 -3.85
N LEU A 2857 -26.08 -32.04 -3.99
CA LEU A 2857 -25.47 -33.02 -3.12
C LEU A 2857 -23.97 -33.08 -3.39
N LYS A 2858 -23.17 -33.04 -2.33
CA LYS A 2858 -21.73 -32.83 -2.43
C LYS A 2858 -20.99 -34.13 -2.14
N GLU A 2859 -20.16 -34.54 -3.10
CA GLU A 2859 -19.13 -35.55 -2.88
C GLU A 2859 -17.73 -34.96 -2.98
N HIS A 2860 -17.61 -33.66 -3.22
CA HIS A 2860 -16.34 -32.94 -3.33
C HIS A 2860 -16.42 -31.65 -2.52
N HIS A 2861 -16.82 -31.78 -1.25
CA HIS A 2861 -17.16 -30.63 -0.42
C HIS A 2861 -16.12 -29.52 -0.47
N THR A 2862 -14.89 -29.82 -0.86
CA THR A 2862 -13.86 -28.81 -1.03
C THR A 2862 -13.03 -29.13 -2.26
N VAL A 2863 -12.61 -28.08 -2.96
CA VAL A 2863 -11.84 -28.21 -4.19
C VAL A 2863 -10.70 -27.21 -4.17
N HIS A 2864 -9.52 -27.66 -4.58
CA HIS A 2864 -8.34 -26.82 -4.67
C HIS A 2864 -7.90 -26.73 -6.12
N TYR A 2865 -7.68 -25.52 -6.61
CA TYR A 2865 -7.31 -25.27 -8.00
C TYR A 2865 -5.93 -24.62 -8.04
N SER A 2866 -4.98 -25.31 -8.65
CA SER A 2866 -3.65 -24.76 -8.92
C SER A 2866 -3.42 -24.77 -10.42
N ILE A 2867 -3.08 -23.61 -10.97
CA ILE A 2867 -2.85 -23.43 -12.40
C ILE A 2867 -1.54 -22.68 -12.57
N THR A 2868 -0.60 -23.26 -13.31
CA THR A 2868 0.69 -22.64 -13.55
C THR A 2868 0.63 -21.85 -14.86
N LEU A 2869 1.03 -20.59 -14.79
CA LEU A 2869 0.96 -19.67 -15.92
C LEU A 2869 2.37 -19.20 -16.28
N SER A 2870 2.43 -18.26 -17.22
CA SER A 2870 3.70 -17.70 -17.67
C SER A 2870 3.44 -16.23 -18.04
N ARG A 2871 4.37 -15.64 -18.78
CA ARG A 2871 4.21 -14.24 -19.17
C ARG A 2871 2.94 -14.04 -19.99
N TRP A 2872 2.35 -12.86 -19.84
CA TRP A 2872 1.25 -12.37 -20.68
C TRP A 2872 0.02 -13.27 -20.62
N ASP A 2873 -0.03 -14.23 -19.71
CA ASP A 2873 -1.20 -15.10 -19.60
C ASP A 2873 -2.34 -14.36 -18.92
N LYS A 2874 -3.52 -14.41 -19.54
CA LYS A 2874 -4.69 -13.68 -19.05
C LYS A 2874 -5.51 -14.62 -18.16
N LEU A 2875 -5.35 -14.46 -16.85
CA LEU A 2875 -6.10 -15.26 -15.89
C LEU A 2875 -7.41 -14.57 -15.53
N ILE A 2876 -8.47 -15.36 -15.44
CA ILE A 2876 -9.80 -14.85 -15.10
C ILE A 2876 -10.34 -15.68 -13.94
N ILE A 2877 -10.91 -15.00 -12.95
CA ILE A 2877 -11.48 -15.63 -11.76
C ILE A 2877 -12.96 -15.29 -11.70
N LYS A 2878 -13.80 -16.32 -11.64
CA LYS A 2878 -15.25 -16.16 -11.54
C LYS A 2878 -15.68 -16.59 -10.15
N TYR A 2879 -16.31 -15.68 -9.41
CA TYR A 2879 -16.76 -15.96 -8.06
C TYR A 2879 -18.10 -15.26 -7.83
N PRO A 2880 -18.94 -15.80 -6.94
CA PRO A 2880 -20.22 -15.14 -6.65
C PRO A 2880 -20.10 -14.10 -5.55
N THR A 2881 -21.23 -13.48 -5.21
CA THR A 2881 -21.33 -12.56 -4.08
C THR A 2881 -22.32 -13.12 -3.07
N ASN A 2882 -22.63 -12.33 -2.05
CA ASN A 2882 -23.66 -12.71 -1.08
C ASN A 2882 -25.03 -12.20 -1.49
N GLU A 2883 -25.40 -12.44 -2.76
CA GLU A 2883 -26.75 -12.18 -3.26
C GLU A 2883 -27.26 -13.24 -4.22
N LYS A 2884 -26.38 -14.00 -4.87
CA LYS A 2884 -26.79 -14.96 -5.88
C LYS A 2884 -27.55 -16.13 -5.27
N THR A 2885 -28.38 -16.77 -6.09
CA THR A 2885 -29.13 -17.93 -5.64
C THR A 2885 -28.17 -19.01 -5.14
N HIS A 2886 -28.48 -19.56 -3.96
CA HIS A 2886 -27.67 -20.57 -3.30
C HIS A 2886 -26.31 -20.05 -2.86
N PHE A 2887 -26.08 -18.73 -2.94
CA PHE A 2887 -24.84 -18.10 -2.52
C PHE A 2887 -25.10 -16.83 -1.73
N GLU A 2888 -26.20 -16.78 -0.99
CA GLU A 2888 -26.62 -15.56 -0.31
C GLU A 2888 -25.69 -15.16 0.84
N ASN A 2889 -24.79 -16.05 1.27
CA ASN A 2889 -23.89 -15.77 2.37
C ASN A 2889 -22.44 -16.01 1.98
N PHE A 2890 -22.13 -15.91 0.69
CA PHE A 2890 -20.77 -16.14 0.22
C PHE A 2890 -19.86 -14.99 0.65
N PHE A 2891 -18.65 -15.34 1.09
CA PHE A 2891 -17.63 -14.36 1.44
C PHE A 2891 -16.29 -14.82 0.87
N VAL A 2892 -15.41 -13.85 0.65
CA VAL A 2892 -14.14 -14.08 -0.03
C VAL A 2892 -13.00 -13.88 0.96
N ASN A 2893 -12.07 -14.84 0.99
CA ASN A 2893 -10.88 -14.75 1.83
C ASN A 2893 -9.68 -15.09 0.96
N PRO A 2894 -8.74 -14.15 0.72
CA PRO A 2894 -8.66 -12.78 1.25
C PRO A 2894 -9.82 -11.90 0.82
N PHE A 2895 -9.77 -10.62 1.16
CA PHE A 2895 -10.93 -9.74 1.06
C PHE A 2895 -11.02 -9.04 -0.29
N ASN A 2896 -10.07 -9.28 -1.19
CA ASN A 2896 -10.17 -8.79 -2.56
C ASN A 2896 -9.15 -9.50 -3.45
N LEU A 2897 -9.61 -10.03 -4.58
CA LEU A 2897 -8.70 -10.75 -5.48
C LEU A 2897 -7.70 -9.84 -6.16
N LYS A 2898 -7.93 -8.52 -6.15
CA LYS A 2898 -7.13 -7.59 -6.92
C LYS A 2898 -6.08 -6.85 -6.09
N ASP A 2899 -6.28 -6.71 -4.78
CA ASP A 2899 -5.37 -5.93 -3.97
C ASP A 2899 -5.06 -6.55 -2.60
N LYS A 2900 -5.45 -7.80 -2.35
CA LYS A 2900 -5.22 -8.41 -1.05
C LYS A 2900 -4.81 -9.87 -1.16
N VAL A 2901 -4.07 -10.22 -2.22
CA VAL A 2901 -3.62 -11.61 -2.36
C VAL A 2901 -2.64 -11.94 -1.24
N LEU A 2902 -2.40 -13.24 -1.06
CA LEU A 2902 -1.53 -13.73 -0.02
C LEU A 2902 -0.12 -13.98 -0.56
N TYR A 2903 0.88 -13.49 0.17
CA TYR A 2903 2.28 -13.72 -0.14
C TYR A 2903 2.97 -14.63 0.88
N ASN A 2904 2.64 -14.49 2.15
CA ASN A 2904 3.07 -15.39 3.21
C ASN A 2904 1.86 -16.10 3.78
N TYR A 2905 2.12 -17.22 4.45
CA TYR A 2905 1.02 -18.06 4.92
C TYR A 2905 0.04 -17.27 5.76
N ASN A 2906 -1.19 -17.15 5.27
CA ASN A 2906 -2.27 -16.45 5.97
C ASN A 2906 -1.88 -15.00 6.29
N LYS A 2907 -1.19 -14.35 5.37
CA LYS A 2907 -0.78 -12.95 5.52
C LYS A 2907 -0.98 -12.23 4.19
N PRO A 2908 -2.03 -11.42 4.06
CA PRO A 2908 -2.31 -10.78 2.76
C PRO A 2908 -1.39 -9.60 2.49
N ILE A 2909 -1.27 -9.27 1.20
CA ILE A 2909 -0.52 -8.10 0.75
C ILE A 2909 -1.03 -7.73 -0.62
N ASN A 2910 -0.78 -6.49 -1.03
CA ASN A 2910 -1.24 -6.01 -2.33
C ASN A 2910 -0.45 -6.68 -3.45
N ILE A 2911 -1.09 -6.80 -4.61
CA ILE A 2911 -0.44 -7.43 -5.76
C ILE A 2911 0.73 -6.58 -6.26
N GLU A 2912 0.58 -5.26 -6.22
CA GLU A 2912 1.61 -4.38 -6.76
C GLU A 2912 2.82 -4.27 -5.83
N HIS A 2913 2.68 -4.66 -4.56
CA HIS A 2913 3.81 -4.58 -3.65
C HIS A 2913 4.86 -5.64 -3.95
N ILE A 2914 4.46 -6.77 -4.52
CA ILE A 2914 5.40 -7.84 -4.86
C ILE A 2914 5.29 -8.28 -6.31
N LEU A 2915 4.19 -7.99 -7.02
CA LEU A 2915 4.02 -8.37 -8.43
C LEU A 2915 3.63 -7.11 -9.20
N PRO A 2916 4.60 -6.25 -9.51
CA PRO A 2916 4.27 -4.99 -10.18
C PRO A 2916 3.79 -5.20 -11.60
N GLY A 2917 3.12 -4.18 -12.12
CA GLY A 2917 2.62 -4.21 -13.49
C GLY A 2917 1.54 -5.24 -13.75
N ALA A 2918 0.58 -5.37 -12.83
CA ALA A 2918 -0.52 -6.30 -12.96
C ALA A 2918 -1.81 -5.54 -13.26
N ILE A 2919 -2.55 -6.01 -14.26
CA ILE A 2919 -3.79 -5.37 -14.67
C ILE A 2919 -4.93 -5.88 -13.79
N THR A 2920 -5.83 -4.96 -13.44
CA THR A 2920 -6.97 -5.28 -12.57
C THR A 2920 -8.26 -4.85 -13.24
N THR A 2921 -9.27 -5.70 -13.18
CA THR A 2921 -10.58 -5.38 -13.75
C THR A 2921 -11.63 -6.23 -13.02
N ASP A 2922 -12.35 -5.59 -12.10
CA ASP A 2922 -13.43 -6.23 -11.36
C ASP A 2922 -14.77 -5.78 -11.93
N ILE A 2923 -15.61 -6.74 -12.32
CA ILE A 2923 -16.87 -6.46 -12.98
C ILE A 2923 -17.97 -7.29 -12.33
N TYR A 2924 -19.22 -6.92 -12.63
CA TYR A 2924 -20.40 -7.58 -12.11
C TYR A 2924 -21.33 -7.92 -13.26
N ASP A 2925 -21.90 -9.11 -13.22
CA ASP A 2925 -22.81 -9.54 -14.27
C ASP A 2925 -24.16 -8.84 -14.13
N THR A 2926 -24.87 -8.72 -15.26
CA THR A 2926 -26.13 -7.98 -15.27
C THR A 2926 -27.23 -8.77 -14.57
N ARG A 2927 -27.34 -10.07 -14.84
CA ARG A 2927 -28.47 -10.86 -14.37
C ARG A 2927 -28.05 -11.96 -13.41
N THR A 2928 -27.09 -12.80 -13.77
CA THR A 2928 -26.74 -13.97 -12.98
C THR A 2928 -26.01 -13.65 -11.69
N LYS A 2929 -25.81 -12.38 -11.33
CA LYS A 2929 -25.16 -12.02 -10.07
C LYS A 2929 -23.79 -12.68 -9.94
N ILE A 2930 -23.01 -12.60 -11.01
CA ILE A 2930 -21.69 -13.20 -11.09
C ILE A 2930 -20.66 -12.09 -11.11
N LYS A 2931 -19.63 -12.23 -10.28
CA LYS A 2931 -18.52 -11.29 -10.22
C LYS A 2931 -17.29 -11.92 -10.87
N GLN A 2932 -16.71 -11.23 -11.84
CA GLN A 2932 -15.54 -11.71 -12.56
C GLN A 2932 -14.36 -10.78 -12.34
N TYR A 2933 -13.16 -11.34 -12.39
CA TYR A 2933 -11.93 -10.58 -12.23
C TYR A 2933 -10.94 -11.01 -13.31
N ILE A 2934 -10.09 -10.07 -13.72
CA ILE A 2934 -9.05 -10.31 -14.70
C ILE A 2934 -7.71 -10.10 -14.00
N LEU A 2935 -6.81 -11.08 -14.13
CA LEU A 2935 -5.54 -11.10 -13.42
C LEU A 2935 -4.40 -11.44 -14.37
N ARG A 2936 -4.35 -10.74 -15.50
CA ARG A 2936 -3.30 -10.97 -16.47
C ARG A 2936 -1.94 -10.75 -15.82
N ILE A 2937 -1.02 -11.70 -16.05
CA ILE A 2937 0.29 -11.69 -15.42
C ILE A 2937 1.18 -10.67 -16.11
N PRO A 2938 2.07 -9.97 -15.40
CA PRO A 2938 2.95 -9.02 -16.08
C PRO A 2938 3.84 -9.73 -17.08
N PRO A 2939 4.24 -9.05 -18.15
CA PRO A 2939 5.07 -9.72 -19.16
C PRO A 2939 6.37 -10.28 -18.62
N TYR A 2940 6.98 -9.63 -17.63
CA TYR A 2940 8.29 -10.01 -17.12
C TYR A 2940 8.23 -10.32 -15.63
N VAL A 2941 8.94 -11.36 -15.22
CA VAL A 2941 9.08 -11.74 -13.81
C VAL A 2941 10.53 -12.12 -13.56
N HIS A 2942 11.05 -11.71 -12.41
CA HIS A 2942 12.46 -11.88 -12.09
C HIS A 2942 12.72 -12.94 -11.03
N LYS A 2943 11.67 -13.54 -10.46
CA LYS A 2943 11.86 -14.50 -9.39
C LYS A 2943 10.70 -15.49 -9.40
N ASP A 2944 10.93 -16.67 -8.84
CA ASP A 2944 9.87 -17.65 -8.67
C ASP A 2944 8.75 -17.04 -7.83
N ILE A 2945 7.52 -17.14 -8.34
CA ILE A 2945 6.36 -16.50 -7.72
C ILE A 2945 5.25 -17.53 -7.61
N HIS A 2946 4.61 -17.58 -6.44
CA HIS A 2946 3.45 -18.46 -6.23
C HIS A 2946 2.65 -17.87 -5.08
N PHE A 2947 1.43 -17.41 -5.39
CA PHE A 2947 0.56 -16.79 -4.40
C PHE A 2947 -0.78 -17.50 -4.40
N SER A 2948 -1.46 -17.44 -3.26
CA SER A 2948 -2.72 -18.15 -3.05
C SER A 2948 -3.81 -17.17 -2.63
N LEU A 2949 -5.03 -17.44 -3.10
CA LEU A 2949 -6.20 -16.65 -2.75
C LEU A 2949 -7.40 -17.58 -2.78
N GLU A 2950 -8.18 -17.58 -1.70
CA GLU A 2950 -9.19 -18.61 -1.46
C GLU A 2950 -10.60 -18.04 -1.57
N PHE A 2951 -11.56 -18.95 -1.46
CA PHE A 2951 -12.98 -18.60 -1.43
C PHE A 2951 -13.63 -19.44 -0.33
N ASN A 2952 -14.85 -19.06 0.05
CA ASN A 2952 -15.57 -19.77 1.10
C ASN A 2952 -17.06 -19.49 0.97
N ASN A 2953 -17.85 -20.57 0.97
CA ASN A 2953 -19.31 -20.47 0.89
C ASN A 2953 -19.99 -21.28 1.98
N SER A 2954 -19.29 -21.58 3.08
CA SER A 2954 -19.83 -22.45 4.10
C SER A 2954 -21.05 -21.85 4.80
N LEU A 2955 -21.28 -20.54 4.65
CA LEU A 2955 -22.37 -19.87 5.33
C LEU A 2955 -23.69 -19.95 4.57
N SER A 2956 -23.70 -20.47 3.35
CA SER A 2956 -24.89 -20.51 2.52
C SER A 2956 -25.55 -21.88 2.58
N LEU A 2957 -26.87 -21.90 2.44
CA LEU A 2957 -27.64 -23.13 2.45
C LEU A 2957 -28.97 -22.87 1.75
N THR A 2958 -29.69 -23.96 1.47
CA THR A 2958 -30.97 -23.88 0.79
C THR A 2958 -31.82 -25.08 1.22
N LYS A 2959 -33.12 -24.98 0.93
CA LYS A 2959 -34.09 -26.00 1.31
C LYS A 2959 -34.57 -26.73 0.07
N GLN A 2960 -34.44 -28.06 0.08
CA GLN A 2960 -34.89 -28.91 -1.02
C GLN A 2960 -35.68 -30.08 -0.45
N ASN A 2961 -36.90 -30.26 -0.92
CA ASN A 2961 -37.78 -31.33 -0.45
C ASN A 2961 -37.89 -31.30 1.07
N GLN A 2962 -37.95 -30.10 1.63
CA GLN A 2962 -37.98 -29.85 3.07
C GLN A 2962 -36.69 -30.25 3.76
N ASN A 2963 -35.63 -30.54 3.00
CA ASN A 2963 -34.32 -30.86 3.54
C ASN A 2963 -33.35 -29.74 3.23
N ILE A 2964 -32.31 -29.64 4.06
CA ILE A 2964 -31.37 -28.52 4.01
C ILE A 2964 -30.09 -28.99 3.32
N ILE A 2965 -29.63 -28.21 2.35
CA ILE A 2965 -28.36 -28.43 1.66
C ILE A 2965 -27.50 -27.19 1.87
N TYR A 2966 -26.27 -27.39 2.30
CA TYR A 2966 -25.40 -26.30 2.74
C TYR A 2966 -24.31 -26.03 1.71
N GLY A 2967 -23.55 -24.96 1.96
CA GLY A 2967 -22.52 -24.51 1.05
C GLY A 2967 -21.22 -25.27 1.23
N ASN A 2968 -20.19 -24.76 0.55
CA ASN A 2968 -18.90 -25.45 0.47
C ASN A 2968 -17.79 -24.41 0.43
N VAL A 2969 -16.55 -24.88 0.21
CA VAL A 2969 -15.36 -24.04 0.22
C VAL A 2969 -14.55 -24.32 -1.04
N ALA A 2970 -13.75 -23.34 -1.44
CA ALA A 2970 -12.91 -23.47 -2.62
C ALA A 2970 -11.64 -22.65 -2.41
N LYS A 2971 -10.60 -23.00 -3.18
CA LYS A 2971 -9.32 -22.31 -3.09
C LYS A 2971 -8.67 -22.26 -4.46
N ILE A 2972 -7.74 -21.32 -4.62
CA ILE A 2972 -7.06 -21.08 -5.89
C ILE A 2972 -5.58 -20.87 -5.62
N PHE A 2973 -4.74 -21.40 -6.51
CA PHE A 2973 -3.30 -21.21 -6.44
C PHE A 2973 -2.77 -20.92 -7.84
N ILE A 2974 -1.73 -20.10 -7.91
CA ILE A 2974 -1.16 -19.66 -9.18
C ILE A 2974 0.36 -19.75 -9.09
N HIS A 2975 0.99 -20.17 -10.19
CA HIS A 2975 2.45 -20.20 -10.32
C HIS A 2975 2.85 -19.53 -11.62
N ILE A 2976 3.91 -18.72 -11.56
CA ILE A 2976 4.31 -17.91 -12.71
C ILE A 2976 5.77 -18.18 -13.07
N ASN A 2977 6.67 -18.00 -12.10
CA ASN A 2977 8.11 -18.10 -12.35
C ASN A 2977 8.58 -16.91 -13.17
N GLN A 2978 9.86 -16.90 -13.56
CA GLN A 2978 10.42 -15.76 -14.27
C GLN A 2978 9.80 -15.63 -15.66
N GLY A 2979 10.07 -14.49 -16.30
CA GLY A 2979 9.59 -14.20 -17.62
C GLY A 2979 10.65 -14.40 -18.69
N TYR A 2980 10.46 -13.72 -19.82
CA TYR A 2980 11.40 -13.83 -20.93
C TYR A 2980 11.22 -12.61 -21.83
N LYS A 2981 12.33 -12.17 -22.42
CA LYS A 2981 12.34 -11.01 -23.31
C LYS A 2981 11.77 -9.78 -22.59
N GLU A 2982 12.52 -9.38 -21.56
CA GLU A 2982 12.11 -8.24 -20.73
C GLU A 2982 11.68 -7.07 -21.60
N ILE A 2983 10.77 -6.25 -21.05
CA ILE A 2983 10.12 -5.20 -21.83
C ILE A 2983 11.17 -4.31 -22.48
N HIS A 2984 11.05 -4.12 -23.78
CA HIS A 2984 11.90 -3.18 -24.52
C HIS A 2984 11.19 -1.84 -24.56
N GLY A 2985 11.34 -1.07 -23.48
CA GLY A 2985 10.68 0.22 -23.38
C GLY A 2985 11.40 1.16 -22.43
N CYS A 2986 10.62 1.92 -21.65
CA CYS A 2986 11.20 2.89 -20.73
C CYS A 2986 10.19 3.14 -19.61
N ASP A 2987 10.71 3.25 -18.38
CA ASP A 2987 9.90 3.51 -17.21
C ASP A 2987 10.11 4.94 -16.72
N PHE A 2988 9.03 5.53 -16.20
CA PHE A 2988 9.05 6.91 -15.72
C PHE A 2988 8.61 6.99 -14.27
N THR A 2989 8.91 5.97 -13.48
CA THR A 2989 8.54 5.94 -12.06
C THR A 2989 9.66 5.50 -11.13
N GLY A 2990 10.73 4.91 -11.64
CA GLY A 2990 11.85 4.53 -10.79
C GLY A 2990 11.70 3.16 -10.17
N LYS A 2991 10.61 2.94 -9.43
CA LYS A 2991 10.41 1.67 -8.75
C LYS A 2991 10.27 0.51 -9.72
N TYR A 2992 9.94 0.79 -10.99
CA TYR A 2992 9.81 -0.23 -12.02
C TYR A 2992 11.11 -0.43 -12.79
N SER A 2993 12.26 -0.14 -12.17
CA SER A 2993 13.53 -0.21 -12.89
C SER A 2993 13.84 -1.62 -13.36
N HIS A 2994 13.33 -2.64 -12.66
CA HIS A 2994 13.63 -4.02 -12.98
C HIS A 2994 12.69 -4.61 -14.02
N LEU A 2995 11.70 -3.85 -14.49
CA LEU A 2995 10.74 -4.32 -15.48
C LEU A 2995 10.96 -3.73 -16.87
N PHE A 2996 11.48 -2.50 -16.94
CA PHE A 2996 11.73 -1.84 -18.21
C PHE A 2996 13.23 -1.61 -18.38
N THR A 2997 13.68 -1.63 -19.64
CA THR A 2997 15.10 -1.45 -19.92
C THR A 2997 15.60 -0.12 -19.37
N TYR A 2998 14.83 0.94 -19.59
CA TYR A 2998 15.20 2.26 -19.11
C TYR A 2998 14.34 2.62 -17.89
N SER A 2999 14.96 3.30 -16.92
CA SER A 2999 14.28 3.73 -15.70
C SER A 2999 14.52 5.22 -15.54
N LYS A 3000 13.60 6.03 -16.05
CA LYS A 3000 13.71 7.49 -16.00
C LYS A 3000 13.14 7.96 -14.66
N LYS A 3001 14.02 8.31 -13.74
CA LYS A 3001 13.59 8.83 -12.45
C LYS A 3001 13.14 10.28 -12.64
N PRO A 3002 11.90 10.63 -12.32
CA PRO A 3002 11.41 11.98 -12.65
C PRO A 3002 12.17 13.06 -11.90
N LEU A 3003 12.32 14.20 -12.56
CA LEU A 3003 12.93 15.38 -11.99
C LEU A 3003 12.09 16.59 -12.37
N PRO A 3004 12.18 17.68 -11.62
CA PRO A 3004 11.37 18.87 -11.95
C PRO A 3004 11.65 19.34 -13.37
N ASN A 3005 10.57 19.68 -14.08
CA ASN A 3005 10.65 20.17 -15.46
C ASN A 3005 11.59 19.29 -16.30
N ASP A 3006 11.22 18.02 -16.40
CA ASP A 3006 12.03 17.03 -17.10
C ASP A 3006 11.52 16.81 -18.52
N ASP A 3007 12.41 16.31 -19.37
CA ASP A 3007 12.08 15.98 -20.75
C ASP A 3007 12.88 14.76 -21.15
N ASP A 3008 12.33 13.98 -22.09
CA ASP A 3008 12.98 12.75 -22.52
C ASP A 3008 12.56 12.43 -23.94
N ILE A 3009 13.38 11.59 -24.59
CA ILE A 3009 13.11 11.08 -25.92
C ILE A 3009 13.32 9.57 -25.85
N CYS A 3010 12.24 8.83 -25.64
CA CYS A 3010 12.31 7.38 -25.44
C CYS A 3010 12.16 6.70 -26.80
N ASN A 3011 13.29 6.51 -27.49
CA ASN A 3011 13.29 5.84 -28.78
C ASN A 3011 13.37 4.33 -28.57
N VAL A 3012 12.42 3.60 -29.17
CA VAL A 3012 12.34 2.15 -29.05
C VAL A 3012 12.20 1.56 -30.44
N THR A 3013 13.00 0.54 -30.74
CA THR A 3013 12.93 -0.21 -31.98
C THR A 3013 12.77 -1.67 -31.64
N ILE A 3014 11.61 -2.24 -31.97
CA ILE A 3014 11.26 -3.60 -31.58
C ILE A 3014 10.80 -4.37 -32.83
N GLY A 3015 10.76 -5.69 -32.70
CA GLY A 3015 10.32 -6.56 -33.76
C GLY A 3015 9.14 -7.42 -33.38
N ASN A 3016 8.81 -8.40 -34.22
CA ASN A 3016 7.72 -9.32 -33.91
C ASN A 3016 8.07 -10.16 -32.69
N ASN A 3017 7.04 -10.50 -31.91
CA ASN A 3017 7.20 -11.27 -30.69
C ASN A 3017 8.12 -10.56 -29.70
N THR A 3018 8.09 -9.22 -29.70
CA THR A 3018 8.89 -8.41 -28.81
C THR A 3018 7.96 -7.59 -27.92
N PHE A 3019 8.20 -7.62 -26.62
CA PHE A 3019 7.35 -6.93 -25.65
C PHE A 3019 7.88 -5.52 -25.42
N SER A 3020 6.99 -4.54 -25.44
CA SER A 3020 7.34 -3.15 -25.22
C SER A 3020 6.22 -2.45 -24.49
N GLY A 3021 6.56 -1.36 -23.82
CA GLY A 3021 5.59 -0.61 -23.06
C GLY A 3021 6.25 0.53 -22.32
N PHE A 3022 5.44 1.24 -21.54
CA PHE A 3022 5.93 2.34 -20.74
C PHE A 3022 5.06 2.49 -19.51
N ALA A 3023 5.61 3.14 -18.49
CA ALA A 3023 4.91 3.42 -17.24
C ALA A 3023 5.04 4.89 -16.91
N CYS A 3024 3.90 5.54 -16.66
CA CYS A 3024 3.86 6.95 -16.32
C CYS A 3024 3.01 7.13 -15.07
N LEU A 3025 3.31 8.19 -14.32
CA LEU A 3025 2.61 8.42 -13.05
C LEU A 3025 1.12 8.59 -13.29
N SER A 3026 0.32 8.09 -12.35
CA SER A 3026 -1.13 8.17 -12.49
C SER A 3026 -1.60 9.62 -12.54
N HIS A 3027 -0.97 10.48 -11.75
CA HIS A 3027 -1.36 11.90 -11.75
C HIS A 3027 -1.12 12.56 -13.11
N PHE A 3028 -0.30 11.95 -13.96
CA PHE A 3028 -0.06 12.50 -15.28
C PHE A 3028 -1.23 12.20 -16.20
N GLU A 3029 -1.21 12.83 -17.37
CA GLU A 3029 -2.23 12.65 -18.39
C GLU A 3029 -1.58 12.16 -19.68
N LEU A 3030 -2.16 11.14 -20.29
CA LEU A 3030 -1.64 10.57 -21.52
C LEU A 3030 -2.18 11.37 -22.71
N LYS A 3031 -1.29 12.08 -23.40
CA LYS A 3031 -1.67 12.88 -24.57
C LYS A 3031 -0.90 12.37 -25.78
N PRO A 3032 -1.56 11.77 -26.79
CA PRO A 3032 -3.00 11.51 -26.91
C PRO A 3032 -3.51 10.51 -25.88
N ASN A 3033 -4.82 10.51 -25.63
CA ASN A 3033 -5.41 9.62 -24.63
C ASN A 3033 -5.48 8.19 -25.13
N ASN A 3034 -5.34 7.24 -24.20
CA ASN A 3034 -5.55 5.83 -24.46
C ASN A 3034 -4.47 5.21 -25.33
N CYS A 3035 -3.25 5.76 -25.28
CA CYS A 3035 -2.12 5.10 -25.93
C CYS A 3035 -1.86 3.76 -25.23
N PHE A 3036 -1.57 2.71 -26.01
CA PHE A 3036 -1.30 2.76 -27.46
C PHE A 3036 -2.55 2.61 -28.32
N SER A 3037 -3.74 2.55 -27.71
CA SER A 3037 -4.95 2.29 -28.47
C SER A 3037 -5.09 3.28 -29.62
N SER A 3038 -4.68 4.53 -29.41
CA SER A 3038 -4.66 5.55 -30.46
C SER A 3038 -3.41 6.38 -30.28
N VAL A 3039 -2.56 6.41 -31.31
CA VAL A 3039 -1.22 6.98 -31.21
C VAL A 3039 -0.95 7.89 -32.39
N TYR A 3040 0.06 8.74 -32.21
CA TYR A 3040 0.55 9.58 -33.30
C TYR A 3040 1.29 8.73 -34.33
N ASP A 3041 1.55 9.34 -35.49
CA ASP A 3041 2.32 8.71 -36.55
C ASP A 3041 3.63 9.45 -36.74
N TYR A 3042 4.75 8.73 -36.67
CA TYR A 3042 6.05 9.37 -36.74
C TYR A 3042 6.24 10.10 -38.07
N ASN A 3043 5.83 9.46 -39.17
CA ASN A 3043 6.03 10.02 -40.50
C ASN A 3043 4.82 10.80 -41.02
N GLU A 3044 3.60 10.43 -40.63
CA GLU A 3044 2.40 11.07 -41.13
C GLU A 3044 2.00 12.28 -40.28
N ALA A 3045 2.95 13.19 -40.06
CA ALA A 3045 2.69 14.46 -39.39
C ALA A 3045 2.03 14.25 -38.03
N ASN A 3046 2.46 13.21 -37.32
CA ASN A 3046 1.95 12.92 -35.98
C ASN A 3046 0.42 12.86 -35.97
N LYS A 3047 -0.14 12.20 -36.98
CA LYS A 3047 -1.58 12.03 -37.06
C LYS A 3047 -2.03 10.91 -36.13
N VAL A 3048 -3.17 11.13 -35.46
CA VAL A 3048 -3.68 10.15 -34.51
C VAL A 3048 -4.29 8.99 -35.30
N LYS A 3049 -3.76 7.79 -35.06
CA LYS A 3049 -4.22 6.58 -35.74
C LYS A 3049 -4.56 5.51 -34.73
N LYS A 3050 -5.66 4.80 -34.97
CA LYS A 3050 -6.07 3.73 -34.10
C LYS A 3050 -5.06 2.58 -34.13
N LEU A 3051 -4.90 1.92 -32.98
CA LEU A 3051 -3.97 0.80 -32.91
C LEU A 3051 -4.37 -0.32 -33.85
N PHE A 3052 -5.67 -0.64 -33.91
CA PHE A 3052 -6.14 -1.68 -34.82
C PHE A 3052 -5.89 -1.30 -36.27
N ASP A 3053 -6.13 -0.03 -36.62
CA ASP A 3053 -5.90 0.41 -37.99
C ASP A 3053 -4.43 0.29 -38.37
N LEU A 3054 -3.53 0.65 -37.44
CA LEU A 3054 -2.10 0.56 -37.73
C LEU A 3054 -1.69 -0.87 -38.03
N SER A 3055 -2.19 -1.83 -37.26
CA SER A 3055 -1.87 -3.24 -37.47
C SER A 3055 -2.95 -4.07 -36.78
N THR A 3056 -3.65 -4.89 -37.57
CA THR A 3056 -4.76 -5.68 -37.05
C THR A 3056 -4.30 -6.82 -36.14
N LYS A 3057 -3.01 -7.13 -36.11
CA LYS A 3057 -2.49 -8.23 -35.32
C LYS A 3057 -1.89 -7.78 -33.99
N VAL A 3058 -2.11 -6.52 -33.61
CA VAL A 3058 -1.52 -5.96 -32.39
C VAL A 3058 -2.48 -6.17 -31.23
N GLU A 3059 -2.11 -7.03 -30.29
CA GLU A 3059 -2.85 -7.18 -29.05
C GLU A 3059 -2.48 -6.04 -28.10
N LEU A 3060 -3.45 -5.60 -27.32
CA LEU A 3060 -3.31 -4.42 -26.47
C LEU A 3060 -3.83 -4.71 -25.07
N ASP A 3061 -3.26 -3.99 -24.11
CA ASP A 3061 -3.70 -4.04 -22.72
C ASP A 3061 -3.20 -2.78 -22.02
N HIS A 3062 -4.08 -2.15 -21.23
CA HIS A 3062 -3.80 -0.86 -20.64
C HIS A 3062 -4.09 -0.88 -19.16
N ILE A 3063 -3.36 -0.05 -18.42
CA ILE A 3063 -3.57 0.14 -16.98
C ILE A 3063 -3.72 1.65 -16.78
N LYS A 3064 -4.97 2.13 -16.75
CA LYS A 3064 -5.19 3.56 -16.55
C LYS A 3064 -4.62 4.03 -15.22
N GLN A 3065 -4.90 3.28 -14.16
CA GLN A 3065 -4.36 3.59 -12.84
C GLN A 3065 -4.26 2.30 -12.03
N ASN A 3066 -3.42 2.34 -11.01
CA ASN A 3066 -3.23 1.21 -10.10
C ASN A 3066 -3.11 1.74 -8.69
N THR A 3067 -3.03 0.81 -7.72
CA THR A 3067 -3.01 1.21 -6.32
C THR A 3067 -1.79 2.08 -6.00
N SER A 3068 -0.62 1.70 -6.51
CA SER A 3068 0.59 2.46 -6.21
C SER A 3068 0.57 3.85 -6.82
N GLY A 3069 -0.24 4.07 -7.85
CA GLY A 3069 -0.36 5.39 -8.45
C GLY A 3069 0.45 5.56 -9.72
N TYR A 3070 0.40 4.55 -10.59
CA TYR A 3070 1.13 4.58 -11.85
C TYR A 3070 0.21 4.16 -12.99
N THR A 3071 0.52 4.63 -14.19
CA THR A 3071 -0.22 4.32 -15.41
C THR A 3071 0.71 3.61 -16.37
N LEU A 3072 0.24 2.51 -16.94
CA LEU A 3072 1.07 1.68 -17.81
C LEU A 3072 0.28 1.28 -19.06
N SER A 3073 1.02 1.01 -20.13
CA SER A 3073 0.44 0.53 -21.37
C SER A 3073 1.30 -0.61 -21.90
N TYR A 3074 0.65 -1.63 -22.47
CA TYR A 3074 1.32 -2.81 -22.98
C TYR A 3074 0.97 -3.01 -24.44
N ILE A 3075 1.95 -3.50 -25.21
CA ILE A 3075 1.75 -3.77 -26.63
C ILE A 3075 2.67 -4.91 -27.03
N ILE A 3076 2.14 -5.82 -27.85
CA ILE A 3076 2.90 -6.96 -28.36
C ILE A 3076 2.59 -7.11 -29.85
N PHE A 3077 3.63 -7.25 -30.66
CA PHE A 3077 3.49 -7.44 -32.10
C PHE A 3077 3.67 -8.91 -32.43
N ASN A 3078 2.73 -9.46 -33.20
CA ASN A 3078 2.71 -10.89 -33.52
C ASN A 3078 2.60 -11.06 -35.03
N LYS A 3079 3.72 -11.37 -35.68
CA LYS A 3079 3.74 -11.73 -37.10
C LYS A 3079 3.06 -10.66 -37.95
N GLU A 3080 3.54 -9.43 -37.82
CA GLU A 3080 3.04 -8.32 -38.63
C GLU A 3080 3.97 -8.14 -39.83
N SER A 3081 3.39 -8.23 -41.04
CA SER A 3081 4.18 -8.16 -42.27
C SER A 3081 4.31 -6.71 -42.77
N THR A 3082 4.76 -5.83 -41.89
CA THR A 3082 5.00 -4.44 -42.25
C THR A 3082 5.93 -3.83 -41.22
N LYS A 3083 6.56 -2.71 -41.60
CA LYS A 3083 7.49 -1.98 -40.73
C LYS A 3083 7.10 -0.50 -40.78
N LEU A 3084 6.21 -0.10 -39.88
CA LEU A 3084 5.75 1.28 -39.77
C LEU A 3084 6.25 1.89 -38.46
N LYS A 3085 5.84 3.13 -38.22
CA LYS A 3085 6.30 3.88 -37.06
C LYS A 3085 5.13 4.63 -36.43
N PHE A 3086 5.28 4.95 -35.15
CA PHE A 3086 4.29 5.73 -34.42
C PHE A 3086 4.95 6.29 -33.16
N SER A 3087 4.19 7.06 -32.41
CA SER A 3087 4.74 7.74 -31.23
C SER A 3087 3.63 8.02 -30.23
N CYS A 3088 4.04 8.21 -28.97
CA CYS A 3088 3.14 8.61 -27.89
C CYS A 3088 3.87 9.65 -27.04
N THR A 3089 3.19 10.15 -26.02
CA THR A 3089 3.76 11.20 -25.19
C THR A 3089 3.01 11.27 -23.86
N CYS A 3090 3.73 11.12 -22.76
CA CYS A 3090 3.19 11.41 -21.43
C CYS A 3090 3.44 12.89 -21.12
N SER A 3091 2.38 13.59 -20.72
CA SER A 3091 2.44 15.03 -20.53
C SER A 3091 1.89 15.41 -19.15
N SER A 3092 2.41 16.51 -18.62
CA SER A 3092 1.96 17.03 -17.34
C SER A 3092 2.41 18.48 -17.23
N ASN A 3093 1.93 19.16 -16.19
CA ASN A 3093 2.24 20.57 -16.01
C ASN A 3093 3.74 20.80 -15.84
N TYR A 3094 4.39 19.96 -15.03
CA TYR A 3094 5.81 20.12 -14.71
C TYR A 3094 6.63 18.90 -15.14
N SER A 3095 6.12 18.10 -16.06
CA SER A 3095 6.86 16.93 -16.53
C SER A 3095 6.28 16.45 -17.83
N ASN A 3096 7.14 16.19 -18.81
CA ASN A 3096 6.72 15.67 -20.11
C ASN A 3096 7.69 14.56 -20.54
N TYR A 3097 7.15 13.58 -21.25
CA TYR A 3097 7.94 12.46 -21.75
C TYR A 3097 7.43 12.08 -23.12
N THR A 3098 8.34 11.94 -24.07
CA THR A 3098 8.00 11.63 -25.46
C THR A 3098 8.50 10.23 -25.81
N ILE A 3099 7.64 9.44 -26.45
CA ILE A 3099 7.98 8.08 -26.87
C ILE A 3099 7.97 8.04 -28.39
N ARG A 3100 9.10 7.65 -28.97
CA ARG A 3100 9.23 7.47 -30.41
C ARG A 3100 9.37 5.98 -30.69
N ILE A 3101 8.46 5.43 -31.49
CA ILE A 3101 8.34 4.00 -31.67
C ILE A 3101 8.47 3.68 -33.16
N THR A 3102 9.29 2.68 -33.47
CA THR A 3102 9.41 2.14 -34.82
C THR A 3102 9.41 0.63 -34.74
N PHE A 3103 8.69 -0.01 -35.67
CA PHE A 3103 8.54 -1.46 -35.68
C PHE A 3103 9.49 -2.05 -36.72
N ASP A 3104 10.40 -2.92 -36.27
CA ASP A 3104 11.37 -3.53 -37.16
C ASP A 3104 11.87 -4.84 -36.56
N PRO A 3105 11.69 -5.97 -37.25
CA PRO A 3105 12.27 -7.23 -36.76
C PRO A 3105 13.77 -7.11 -36.57
N ASN A 3106 14.27 -7.64 -35.46
CA ASN A 3106 15.67 -7.53 -35.12
C ASN A 3106 15.97 -8.50 -33.97
N TYR A 3107 17.27 -8.68 -33.71
CA TYR A 3107 17.71 -9.54 -32.63
C TYR A 3107 19.09 -9.06 -32.19
N ILE A 3108 19.18 -8.51 -30.98
CA ILE A 3108 20.44 -7.98 -30.48
C ILE A 3108 20.69 -8.58 -29.10
N ILE A 3109 20.14 -9.76 -28.85
CA ILE A 3109 20.26 -10.44 -27.56
C ILE A 3109 21.05 -11.72 -27.75
N PRO A 3110 22.06 -12.00 -26.94
CA PRO A 3110 22.69 -13.32 -26.93
C PRO A 3110 22.02 -14.35 -26.02
N GLU A 3111 20.82 -14.06 -25.53
CA GLU A 3111 20.09 -14.94 -24.63
C GLU A 3111 20.89 -15.20 -23.36
N PRO A 3112 21.39 -14.16 -22.68
CA PRO A 3112 22.07 -14.40 -21.40
C PRO A 3112 21.09 -14.71 -20.28
N GLN A 3113 19.97 -13.97 -20.25
CA GLN A 3113 18.91 -14.19 -19.27
C GLN A 3113 19.49 -14.34 -17.86
N SER A 3114 20.04 -13.22 -17.37
CA SER A 3114 20.73 -13.19 -16.09
C SER A 3114 20.00 -14.06 -15.07
N ARG A 3115 20.73 -15.02 -14.51
CA ARG A 3115 20.14 -16.12 -13.74
C ARG A 3115 20.22 -15.79 -12.26
N ALA A 3116 19.09 -15.37 -11.69
CA ALA A 3116 18.97 -15.19 -10.26
C ALA A 3116 18.55 -16.52 -9.63
N ILE A 3117 19.40 -17.05 -8.74
CA ILE A 3117 19.12 -18.36 -8.16
C ILE A 3117 17.78 -18.35 -7.41
N ILE A 3118 17.38 -17.20 -6.89
CA ILE A 3118 16.14 -17.10 -6.14
C ILE A 3118 14.96 -17.35 -7.07
N ASP B 30 25.96 4.12 -44.25
CA ASP B 30 26.17 2.76 -44.84
C ASP B 30 27.40 2.09 -44.22
N PHE B 31 28.50 2.82 -44.17
CA PHE B 31 29.76 2.33 -43.63
C PHE B 31 30.12 3.11 -42.38
N CYS B 32 30.53 2.39 -41.33
CA CYS B 32 30.93 3.02 -40.08
C CYS B 32 31.93 2.11 -39.39
N LYS B 33 32.67 2.69 -38.44
CA LYS B 33 33.65 1.92 -37.70
C LYS B 33 32.95 0.81 -36.91
N PRO B 34 33.55 -0.37 -36.79
CA PRO B 34 32.83 -1.48 -36.15
C PRO B 34 32.33 -1.16 -34.75
N SER B 35 33.12 -0.47 -33.94
CA SER B 35 32.75 -0.24 -32.55
C SER B 35 31.49 0.61 -32.42
N SER B 36 31.15 1.40 -33.45
CA SER B 36 29.99 2.28 -33.37
C SER B 36 28.67 1.53 -33.48
N LEU B 37 28.67 0.27 -33.91
CA LEU B 37 27.43 -0.46 -34.09
C LEU B 37 26.80 -0.89 -32.79
N ASN B 38 27.58 -1.02 -31.71
CA ASN B 38 27.06 -1.43 -30.42
C ASN B 38 26.58 -0.26 -29.57
N SER B 39 26.78 0.97 -30.03
CA SER B 39 26.34 2.15 -29.31
C SER B 39 24.99 2.68 -29.77
N GLU B 40 24.33 1.99 -30.71
CA GLU B 40 23.06 2.45 -31.26
C GLU B 40 21.92 2.00 -30.34
N ILE B 41 21.88 2.61 -29.16
CA ILE B 41 20.83 2.34 -28.18
C ILE B 41 20.82 3.46 -27.17
N SER B 42 19.63 3.87 -26.76
CA SER B 42 19.46 4.88 -25.73
C SER B 42 19.52 4.25 -24.34
N GLY B 43 19.55 5.11 -23.33
CA GLY B 43 19.57 4.66 -21.96
C GLY B 43 20.74 3.76 -21.64
N PHE B 44 20.47 2.48 -21.39
CA PHE B 44 21.49 1.51 -21.06
C PHE B 44 21.24 0.22 -21.84
N ILE B 45 22.32 -0.54 -22.06
CA ILE B 45 22.20 -1.79 -22.81
C ILE B 45 21.68 -2.93 -21.92
N GLY B 46 21.85 -2.83 -20.61
CA GLY B 46 21.37 -3.85 -19.70
C GLY B 46 22.41 -4.91 -19.37
N TYR B 47 21.94 -6.11 -19.02
CA TYR B 47 22.82 -7.23 -18.67
C TYR B 47 23.70 -6.86 -17.47
N LYS B 48 23.03 -6.56 -16.36
CA LYS B 48 23.68 -6.11 -15.14
C LYS B 48 23.38 -7.08 -14.00
N CYS B 49 24.42 -7.50 -13.28
CA CYS B 49 24.24 -8.21 -12.01
C CYS B 49 24.06 -7.17 -10.91
N ASN B 50 22.81 -6.92 -10.53
CA ASN B 50 22.48 -5.86 -9.59
C ASN B 50 22.32 -6.44 -8.20
N PHE B 51 23.13 -5.95 -7.25
CA PHE B 51 23.06 -6.35 -5.85
C PHE B 51 22.88 -5.15 -4.93
N SER B 52 22.48 -4.01 -5.47
CA SER B 52 22.31 -2.81 -4.66
C SER B 52 21.10 -2.98 -3.73
N ASN B 53 20.95 -2.04 -2.81
CA ASN B 53 19.83 -2.09 -1.87
C ASN B 53 18.50 -2.11 -2.62
N GLU B 54 18.41 -1.37 -3.72
CA GLU B 54 17.23 -1.37 -4.57
C GLU B 54 17.36 -2.31 -5.76
N GLY B 55 18.47 -3.02 -5.89
CA GLY B 55 18.72 -3.86 -7.03
C GLY B 55 17.79 -5.05 -7.10
N VAL B 56 18.14 -5.98 -7.99
CA VAL B 56 17.33 -7.18 -8.20
C VAL B 56 17.24 -8.00 -6.91
N HIS B 57 18.39 -8.21 -6.26
CA HIS B 57 18.47 -8.99 -5.04
C HIS B 57 19.43 -8.28 -4.09
N ASN B 58 18.90 -7.42 -3.23
CA ASN B 58 19.72 -6.71 -2.27
C ASN B 58 20.20 -7.67 -1.17
N LEU B 59 21.31 -7.29 -0.54
CA LEU B 59 21.89 -8.06 0.55
C LEU B 59 21.44 -7.56 1.92
N LYS B 60 20.49 -6.62 1.97
CA LYS B 60 20.04 -6.10 3.24
C LYS B 60 19.36 -7.21 4.05
N PRO B 61 19.47 -7.18 5.38
CA PRO B 61 18.74 -8.17 6.19
C PRO B 61 17.24 -8.05 6.00
N ASP B 62 16.64 -9.08 5.41
CA ASP B 62 15.20 -9.07 5.13
C ASP B 62 14.64 -10.46 5.38
N MET B 63 13.49 -10.50 6.06
CA MET B 63 12.78 -11.76 6.32
C MET B 63 12.23 -12.42 5.06
N ARG B 64 12.20 -11.71 3.93
CA ARG B 64 11.52 -12.22 2.74
C ARG B 64 12.37 -13.18 1.92
N GLU B 65 13.65 -13.37 2.25
CA GLU B 65 14.48 -14.27 1.48
C GLU B 65 15.67 -14.71 2.32
N ARG B 66 16.13 -15.94 2.07
CA ARG B 66 17.29 -16.49 2.77
C ARG B 66 18.26 -17.23 1.88
N ARG B 67 17.89 -17.57 0.64
CA ARG B 67 18.76 -18.40 -0.20
C ARG B 67 19.96 -17.60 -0.70
N SER B 68 20.98 -18.34 -1.13
CA SER B 68 22.17 -17.73 -1.68
C SER B 68 21.89 -17.14 -3.07
N ILE B 69 22.79 -16.26 -3.51
CA ILE B 69 22.63 -15.53 -4.75
C ILE B 69 23.82 -15.81 -5.65
N PHE B 70 23.56 -16.37 -6.84
CA PHE B 70 24.57 -16.53 -7.89
C PHE B 70 23.96 -15.98 -9.18
N CYS B 71 24.51 -14.88 -9.68
CA CYS B 71 24.12 -14.38 -11.00
C CYS B 71 25.01 -14.97 -12.09
N THR B 72 25.13 -16.30 -12.05
CA THR B 72 26.09 -16.99 -12.90
C THR B 72 25.68 -16.89 -14.37
N ILE B 73 26.67 -16.63 -15.22
CA ILE B 73 26.50 -16.67 -16.68
C ILE B 73 27.60 -17.59 -17.20
N HIS B 74 27.29 -18.88 -17.32
CA HIS B 74 28.23 -19.87 -17.82
C HIS B 74 28.06 -19.97 -19.32
N SER B 75 28.99 -19.36 -20.06
CA SER B 75 28.85 -19.29 -21.51
C SER B 75 30.09 -18.62 -22.09
N TYR B 76 30.29 -18.83 -23.38
CA TYR B 76 31.29 -18.07 -24.13
C TYR B 76 30.90 -16.60 -24.16
N PHE B 77 31.90 -15.73 -24.26
CA PHE B 77 31.68 -14.30 -24.28
C PHE B 77 32.36 -13.69 -25.48
N ILE B 78 31.60 -12.97 -26.29
CA ILE B 78 32.11 -12.27 -27.46
C ILE B 78 31.93 -10.77 -27.20
N TYR B 79 32.97 -10.16 -26.63
CA TYR B 79 32.92 -8.75 -26.23
C TYR B 79 31.62 -8.43 -25.50
N ASP B 80 31.09 -9.40 -24.76
CA ASP B 80 29.82 -9.22 -24.07
C ASP B 80 30.01 -8.38 -22.81
N LYS B 81 28.94 -7.70 -22.41
CA LYS B 81 28.96 -6.79 -21.28
C LYS B 81 28.34 -7.47 -20.07
N ILE B 82 29.14 -7.68 -19.03
CA ILE B 82 28.66 -8.12 -17.72
C ILE B 82 28.94 -7.00 -16.75
N ARG B 83 27.89 -6.49 -16.10
CA ARG B 83 27.97 -5.30 -15.27
C ARG B 83 27.52 -5.62 -13.86
N LEU B 84 28.26 -5.12 -12.88
CA LEU B 84 27.96 -5.30 -11.47
C LEU B 84 27.56 -3.95 -10.87
N ILE B 85 26.38 -3.91 -10.25
CA ILE B 85 25.85 -2.70 -9.63
C ILE B 85 25.95 -2.87 -8.12
N ILE B 86 26.54 -1.89 -7.45
CA ILE B 86 26.78 -1.97 -6.00
C ILE B 86 26.32 -0.66 -5.35
N PRO B 87 25.92 -0.69 -4.09
CA PRO B 87 25.55 0.56 -3.42
C PRO B 87 26.77 1.41 -3.12
N LYS B 88 26.55 2.73 -3.03
CA LYS B 88 27.62 3.64 -2.69
C LYS B 88 28.07 3.41 -1.26
N LYS B 89 29.39 3.44 -1.04
CA LYS B 89 29.93 3.18 0.29
C LYS B 89 29.51 4.26 1.27
N SER B 90 29.36 5.50 0.81
CA SER B 90 28.88 6.56 1.70
C SER B 90 27.48 6.25 2.22
N SER B 91 26.70 5.49 1.45
CA SER B 91 25.36 5.10 1.89
C SER B 91 25.35 3.76 2.60
N SER B 92 26.20 2.81 2.18
CA SER B 92 26.27 1.48 2.79
C SER B 92 27.73 1.14 3.04
N PRO B 93 28.36 1.78 4.04
CA PRO B 93 29.77 1.48 4.30
C PRO B 93 30.03 0.02 4.64
N GLU B 94 29.09 -0.65 5.32
CA GLU B 94 29.28 -2.06 5.65
C GLU B 94 29.28 -2.95 4.42
N PHE B 95 28.75 -2.47 3.29
CA PHE B 95 28.73 -3.27 2.07
C PHE B 95 30.17 -3.41 1.54
N LYS B 96 30.63 -4.65 1.45
CA LYS B 96 31.99 -4.95 1.02
C LYS B 96 32.02 -5.39 -0.44
N ILE B 97 33.09 -5.02 -1.12
CA ILE B 97 33.34 -5.45 -2.49
C ILE B 97 34.62 -6.27 -2.47
N LEU B 98 34.54 -7.51 -2.93
CA LEU B 98 35.65 -8.45 -2.87
C LEU B 98 35.86 -9.08 -4.24
N PRO B 99 36.96 -8.77 -4.94
CA PRO B 99 38.02 -7.79 -4.59
C PRO B 99 37.50 -6.36 -4.66
N GLU B 100 38.12 -5.45 -3.92
CA GLU B 100 37.60 -4.08 -3.84
C GLU B 100 37.65 -3.35 -5.17
N LYS B 101 38.51 -3.78 -6.09
CA LYS B 101 38.64 -3.14 -7.40
C LYS B 101 38.07 -4.01 -8.52
N CYS B 102 37.13 -4.90 -8.20
CA CYS B 102 36.49 -5.71 -9.21
C CYS B 102 35.84 -4.81 -10.26
N PHE B 103 35.99 -5.15 -11.54
CA PHE B 103 36.61 -6.39 -12.03
C PHE B 103 38.12 -6.29 -12.23
N GLN B 104 38.72 -5.15 -11.91
CA GLN B 104 40.16 -4.98 -12.10
C GLN B 104 40.92 -6.11 -11.42
N LYS B 105 40.49 -6.52 -10.24
CA LYS B 105 41.00 -7.69 -9.55
C LYS B 105 39.85 -8.64 -9.28
N VAL B 106 40.07 -9.93 -9.51
CA VAL B 106 39.03 -10.94 -9.41
C VAL B 106 39.57 -12.17 -8.68
N TYR B 107 38.64 -12.99 -8.21
CA TYR B 107 38.95 -14.24 -7.52
C TYR B 107 38.91 -15.40 -8.50
N THR B 108 39.86 -16.33 -8.34
CA THR B 108 39.90 -17.53 -9.16
C THR B 108 39.45 -18.79 -8.43
N ASP B 109 39.45 -18.79 -7.10
CA ASP B 109 38.99 -19.91 -6.30
C ASP B 109 37.76 -19.46 -5.51
N TYR B 110 36.59 -19.95 -5.92
CA TYR B 110 35.35 -19.55 -5.28
C TYR B 110 35.34 -19.96 -3.80
N GLU B 111 35.74 -21.19 -3.52
CA GLU B 111 35.69 -21.69 -2.15
C GLU B 111 36.69 -20.95 -1.25
N ASN B 112 37.91 -20.71 -1.75
CA ASN B 112 38.97 -20.11 -0.96
C ASN B 112 39.12 -18.61 -1.19
N ARG B 113 38.53 -18.06 -2.26
CA ARG B 113 38.62 -16.64 -2.56
C ARG B 113 40.08 -16.20 -2.67
N VAL B 114 40.78 -16.78 -3.65
CA VAL B 114 42.18 -16.47 -3.91
C VAL B 114 42.22 -15.32 -4.92
N GLU B 115 42.78 -14.18 -4.50
CA GLU B 115 42.77 -12.99 -5.33
C GLU B 115 43.94 -12.99 -6.30
N THR B 116 43.63 -12.67 -7.56
CA THR B 116 44.66 -12.52 -8.58
C THR B 116 44.25 -11.41 -9.53
N ASP B 117 45.24 -10.70 -10.06
CA ASP B 117 44.96 -9.65 -11.05
C ASP B 117 44.27 -10.26 -12.27
N ILE B 118 43.22 -9.60 -12.73
CA ILE B 118 42.44 -10.14 -13.85
C ILE B 118 43.31 -10.25 -15.10
N SER B 119 44.29 -9.35 -15.26
CA SER B 119 45.18 -9.44 -16.41
C SER B 119 46.00 -10.72 -16.39
N GLU B 120 46.32 -11.22 -15.20
CA GLU B 120 47.11 -12.45 -15.10
C GLU B 120 46.33 -13.69 -15.51
N LEU B 121 45.01 -13.60 -15.64
CA LEU B 121 44.21 -14.75 -16.07
C LEU B 121 44.49 -15.15 -17.51
N GLY B 122 45.17 -14.32 -18.28
CA GLY B 122 45.37 -14.56 -19.69
C GLY B 122 44.26 -14.07 -20.59
N LEU B 123 43.32 -13.29 -20.06
CA LEU B 123 42.26 -12.74 -20.89
C LEU B 123 42.86 -11.91 -22.02
N ILE B 124 42.25 -12.03 -23.20
CA ILE B 124 42.79 -11.46 -24.43
C ILE B 124 41.91 -10.30 -24.86
N GLU B 125 42.52 -9.13 -25.08
CA GLU B 125 41.83 -7.96 -25.62
C GLU B 125 40.53 -7.68 -24.87
N TYR B 126 40.65 -7.59 -23.54
CA TYR B 126 39.53 -7.29 -22.67
C TYR B 126 39.66 -5.86 -22.14
N GLU B 127 38.59 -5.38 -21.52
CA GLU B 127 38.57 -4.05 -20.94
C GLU B 127 37.56 -4.01 -19.80
N ILE B 128 37.81 -3.10 -18.85
CA ILE B 128 36.94 -2.93 -17.69
C ILE B 128 36.65 -1.45 -17.53
N GLU B 129 35.51 -1.14 -16.90
CA GLU B 129 35.09 0.23 -16.68
C GLU B 129 34.59 0.38 -15.25
N GLU B 130 34.70 1.59 -14.73
CA GLU B 130 34.21 1.93 -13.39
C GLU B 130 33.43 3.24 -13.49
N ASN B 131 32.11 3.13 -13.57
CA ASN B 131 31.24 4.28 -13.73
C ASN B 131 30.56 4.60 -12.40
N ASP B 132 30.67 5.86 -11.97
CA ASP B 132 30.08 6.32 -10.72
C ASP B 132 29.28 7.60 -10.94
N THR B 133 28.73 7.79 -12.14
CA THR B 133 27.95 8.99 -12.44
C THR B 133 26.52 8.84 -11.96
N ASN B 134 26.34 8.48 -10.68
CA ASN B 134 25.02 8.35 -10.10
C ASN B 134 25.14 8.38 -8.57
N PRO B 135 24.39 9.26 -7.89
CA PRO B 135 24.52 9.33 -6.43
C PRO B 135 23.97 8.12 -5.69
N ASN B 136 23.21 7.25 -6.36
CA ASN B 136 22.56 6.13 -5.69
C ASN B 136 23.39 4.85 -5.69
N TYR B 137 24.23 4.65 -6.71
CA TYR B 137 24.95 3.39 -6.84
C TYR B 137 26.22 3.60 -7.65
N ASN B 138 27.12 2.62 -7.56
CA ASN B 138 28.33 2.59 -8.35
C ASN B 138 28.28 1.40 -9.29
N GLU B 139 28.72 1.61 -10.54
CA GLU B 139 28.62 0.61 -11.59
C GLU B 139 30.00 0.13 -11.99
N ARG B 140 30.15 -1.18 -12.12
CA ARG B 140 31.37 -1.81 -12.63
C ARG B 140 31.01 -2.61 -13.88
N THR B 141 31.74 -2.36 -14.97
CA THR B 141 31.46 -2.99 -16.25
C THR B 141 32.73 -3.64 -16.78
N ILE B 142 32.63 -4.89 -17.22
CA ILE B 142 33.73 -5.63 -17.81
C ILE B 142 33.27 -6.22 -19.13
N THR B 143 34.13 -6.11 -20.15
CA THR B 143 33.88 -6.68 -21.46
C THR B 143 34.97 -7.69 -21.78
N ILE B 144 34.56 -8.88 -22.21
CA ILE B 144 35.47 -10.01 -22.40
C ILE B 144 35.37 -10.47 -23.85
N SER B 145 36.53 -10.63 -24.49
CA SER B 145 36.61 -11.12 -25.86
C SER B 145 36.68 -12.64 -25.88
N PRO B 146 36.33 -13.26 -27.02
CA PRO B 146 36.27 -14.73 -27.07
C PRO B 146 37.61 -15.36 -27.41
N PHE B 147 38.68 -14.58 -27.25
CA PHE B 147 40.01 -14.94 -27.75
C PHE B 147 40.92 -15.48 -26.66
N SER B 148 40.38 -15.83 -25.50
CA SER B 148 41.20 -16.39 -24.44
C SER B 148 41.76 -17.74 -24.91
N PRO B 149 43.08 -17.96 -24.82
CA PRO B 149 43.63 -19.24 -25.28
C PRO B 149 43.14 -20.43 -24.48
N LYS B 150 42.62 -20.21 -23.27
CA LYS B 150 42.18 -21.29 -22.41
C LYS B 150 40.93 -20.85 -21.66
N ASP B 151 40.20 -21.82 -21.13
CA ASP B 151 39.03 -21.50 -20.31
C ASP B 151 39.44 -20.70 -19.09
N ILE B 152 38.74 -19.60 -18.84
CA ILE B 152 39.05 -18.69 -17.74
C ILE B 152 37.80 -18.58 -16.86
N GLU B 153 37.99 -18.80 -15.56
CA GLU B 153 36.93 -18.66 -14.57
C GLU B 153 37.38 -17.69 -13.50
N PHE B 154 36.62 -16.62 -13.29
CA PHE B 154 36.92 -15.65 -12.26
C PHE B 154 35.64 -15.28 -11.52
N PHE B 155 35.79 -14.88 -10.27
CA PHE B 155 34.66 -14.62 -9.39
C PHE B 155 34.83 -13.30 -8.66
N CYS B 156 33.71 -12.64 -8.40
CA CYS B 156 33.66 -11.43 -7.60
C CYS B 156 32.56 -11.58 -6.56
N PHE B 157 32.87 -11.23 -5.31
CA PHE B 157 31.98 -11.44 -4.18
C PHE B 157 31.53 -10.11 -3.61
N CYS B 158 30.23 -10.00 -3.35
CA CYS B 158 29.65 -8.85 -2.65
C CYS B 158 29.12 -9.36 -1.31
N ASP B 159 29.78 -8.96 -0.22
CA ASP B 159 29.49 -9.48 1.11
C ASP B 159 28.81 -8.41 1.95
N ASN B 160 27.62 -8.70 2.44
CA ASN B 160 26.91 -7.86 3.39
C ASN B 160 26.53 -8.60 4.65
N THR B 161 27.09 -9.80 4.87
CA THR B 161 26.73 -10.60 6.03
C THR B 161 27.17 -9.96 7.35
N GLU B 162 28.10 -9.02 7.30
CA GLU B 162 28.58 -8.37 8.52
C GLU B 162 27.57 -7.39 9.10
N LYS B 163 26.48 -7.11 8.39
CA LYS B 163 25.46 -6.18 8.87
C LYS B 163 24.69 -6.85 10.00
N VAL B 164 25.11 -6.58 11.24
CA VAL B 164 24.51 -7.21 12.42
C VAL B 164 23.43 -6.27 12.92
N ILE B 165 22.20 -6.50 12.46
CA ILE B 165 21.03 -5.76 12.90
C ILE B 165 20.13 -6.74 13.65
N SER B 166 20.10 -6.61 14.98
CA SER B 166 19.33 -7.52 15.83
C SER B 166 19.73 -8.97 15.57
N SER B 167 21.03 -9.20 15.39
CA SER B 167 21.61 -10.51 15.11
C SER B 167 21.16 -11.08 13.77
N ILE B 168 20.54 -10.28 12.91
CA ILE B 168 20.09 -10.72 11.60
C ILE B 168 21.22 -10.43 10.62
N GLU B 169 21.94 -11.47 10.22
CA GLU B 169 23.03 -11.31 9.28
C GLU B 169 22.51 -11.05 7.88
N GLY B 170 23.30 -10.32 7.10
CA GLY B 170 22.96 -10.03 5.72
C GLY B 170 23.23 -11.21 4.81
N ARG B 171 22.92 -11.02 3.55
CA ARG B 171 23.11 -12.05 2.52
C ARG B 171 24.38 -11.77 1.72
N SER B 172 24.85 -12.79 1.03
CA SER B 172 26.05 -12.72 0.21
C SER B 172 25.69 -12.93 -1.26
N ALA B 173 26.30 -12.12 -2.12
CA ALA B 173 26.09 -12.19 -3.55
C ALA B 173 27.43 -12.42 -4.25
N MET B 174 27.38 -13.11 -5.38
CA MET B 174 28.58 -13.46 -6.12
C MET B 174 28.28 -13.42 -7.61
N VAL B 175 29.24 -12.93 -8.39
CA VAL B 175 29.13 -12.85 -9.85
C VAL B 175 30.04 -13.91 -10.43
N HIS B 176 29.46 -14.93 -11.06
CA HIS B 176 30.21 -16.01 -11.67
C HIS B 176 30.28 -15.78 -13.17
N VAL B 177 31.51 -15.71 -13.70
CA VAL B 177 31.74 -15.50 -15.13
C VAL B 177 32.78 -16.55 -15.54
N ARG B 178 32.32 -17.68 -16.05
CA ARG B 178 33.20 -18.73 -16.57
C ARG B 178 33.41 -18.47 -18.05
N VAL B 179 34.53 -17.80 -18.38
CA VAL B 179 34.83 -17.46 -19.76
C VAL B 179 35.42 -18.69 -20.44
N LEU B 180 34.54 -19.50 -21.04
CA LEU B 180 35.00 -20.70 -21.75
C LEU B 180 35.67 -20.31 -23.06
N LYS B 181 36.84 -20.86 -23.30
CA LYS B 181 37.46 -20.73 -24.62
C LYS B 181 36.50 -21.29 -25.66
N TYR B 182 36.33 -20.54 -26.75
CA TYR B 182 35.33 -20.91 -27.75
C TYR B 182 35.65 -22.30 -28.28
N PRO B 183 34.72 -23.26 -28.23
CA PRO B 183 35.05 -24.65 -28.58
C PRO B 183 35.10 -24.89 -30.08
N HIS B 184 35.74 -23.99 -30.83
CA HIS B 184 35.94 -24.15 -32.25
C HIS B 184 37.17 -23.35 -32.66
N ASN B 185 37.70 -23.68 -33.84
CA ASN B 185 38.83 -22.94 -34.38
C ASN B 185 38.41 -21.52 -34.74
N ILE B 186 39.36 -20.60 -34.67
CA ILE B 186 39.14 -19.20 -34.99
C ILE B 186 39.75 -18.92 -36.36
N LEU B 187 38.92 -18.55 -37.31
CA LEU B 187 39.37 -18.20 -38.67
C LEU B 187 39.41 -16.68 -38.73
N PHE B 188 40.57 -16.12 -38.36
CA PHE B 188 40.73 -14.68 -38.29
C PHE B 188 41.30 -14.12 -39.58
N THR B 189 40.69 -13.04 -40.07
CA THR B 189 41.15 -12.34 -41.26
C THR B 189 41.52 -10.91 -40.86
N ASN B 190 42.67 -10.46 -41.31
CA ASN B 190 43.22 -9.16 -40.94
C ASN B 190 43.19 -8.23 -42.14
N LEU B 191 42.50 -7.11 -42.00
CA LEU B 191 42.47 -6.05 -43.01
C LEU B 191 42.61 -4.69 -42.34
N THR B 192 43.57 -4.58 -41.42
CA THR B 192 43.81 -3.36 -40.67
C THR B 192 45.30 -3.04 -40.65
N ASN B 193 45.62 -1.83 -40.22
CA ASN B 193 46.99 -1.38 -40.06
C ASN B 193 47.54 -1.72 -38.67
N ASP B 194 46.78 -2.43 -37.85
CA ASP B 194 47.19 -2.82 -36.51
C ASP B 194 47.42 -4.32 -36.46
N LEU B 195 48.25 -4.74 -35.51
CA LEU B 195 48.63 -6.13 -35.34
C LEU B 195 47.89 -6.72 -34.15
N PHE B 196 47.33 -7.91 -34.33
CA PHE B 196 46.67 -8.64 -33.26
C PHE B 196 47.61 -9.77 -32.83
N THR B 197 48.25 -9.60 -31.68
CA THR B 197 49.31 -10.51 -31.27
C THR B 197 48.79 -11.94 -31.07
N TYR B 198 47.63 -12.08 -30.42
CA TYR B 198 47.14 -13.36 -29.95
C TYR B 198 46.17 -14.03 -30.91
N LEU B 199 46.03 -13.52 -32.12
CA LEU B 199 45.08 -14.13 -33.03
C LEU B 199 45.80 -15.06 -34.00
N PRO B 200 45.12 -16.11 -34.49
CA PRO B 200 45.78 -17.03 -35.42
C PRO B 200 46.25 -16.36 -36.70
N LYS B 201 45.58 -15.30 -37.14
CA LYS B 201 45.95 -14.60 -38.36
C LYS B 201 46.01 -15.57 -39.55
N THR B 202 44.97 -16.40 -39.67
CA THR B 202 44.92 -17.38 -40.74
C THR B 202 44.92 -16.72 -42.10
N TYR B 203 44.17 -15.62 -42.25
CA TYR B 203 44.05 -14.91 -43.51
C TYR B 203 44.38 -13.44 -43.30
N ASN B 204 44.78 -12.78 -44.38
CA ASN B 204 45.11 -11.36 -44.36
C ASN B 204 44.77 -10.77 -45.72
N GLU B 205 45.28 -9.56 -45.97
CA GLU B 205 44.97 -8.88 -47.22
C GLU B 205 45.50 -9.65 -48.43
N SER B 206 46.62 -10.37 -48.27
CA SER B 206 47.21 -11.08 -49.39
C SER B 206 46.33 -12.21 -49.90
N ASN B 207 45.35 -12.65 -49.11
CA ASN B 207 44.48 -13.76 -49.49
C ASN B 207 43.22 -13.30 -50.23
N PHE B 208 43.08 -12.00 -50.49
CA PHE B 208 41.90 -11.47 -51.16
C PHE B 208 42.18 -11.41 -52.66
N VAL B 209 41.62 -12.36 -53.40
CA VAL B 209 41.75 -12.39 -54.85
C VAL B 209 40.69 -11.45 -55.44
N SER B 210 41.15 -10.45 -56.19
CA SER B 210 40.26 -9.44 -56.75
C SER B 210 39.46 -8.76 -55.65
N ASN B 211 40.10 -8.52 -54.51
CA ASN B 211 39.47 -7.90 -53.35
C ASN B 211 38.29 -8.72 -52.85
N VAL B 212 38.34 -10.03 -53.04
CA VAL B 212 37.29 -10.95 -52.59
C VAL B 212 37.96 -12.12 -51.88
N LEU B 213 37.48 -12.44 -50.69
CA LEU B 213 37.96 -13.58 -49.92
C LEU B 213 36.78 -14.47 -49.56
N GLU B 214 36.91 -15.77 -49.82
CA GLU B 214 35.90 -16.75 -49.47
C GLU B 214 36.54 -17.83 -48.60
N VAL B 215 35.92 -18.09 -47.45
CA VAL B 215 36.43 -19.06 -46.49
C VAL B 215 35.31 -20.00 -46.09
N GLU B 216 35.69 -21.16 -45.57
CA GLU B 216 34.75 -22.18 -45.12
C GLU B 216 34.85 -22.32 -43.61
N LEU B 217 33.69 -22.37 -42.96
CA LEU B 217 33.60 -22.46 -41.51
C LEU B 217 32.89 -23.75 -41.12
N ASN B 218 33.45 -24.47 -40.15
CA ASN B 218 32.80 -25.68 -39.67
C ASN B 218 31.64 -25.32 -38.76
N ASP B 219 30.84 -26.34 -38.41
CA ASP B 219 29.67 -26.14 -37.58
C ASP B 219 30.05 -25.47 -36.26
N GLY B 220 29.60 -24.23 -36.06
CA GLY B 220 29.88 -23.49 -34.85
C GLY B 220 31.16 -22.69 -34.87
N GLU B 221 31.93 -22.74 -35.94
CA GLU B 221 33.20 -22.02 -35.99
C GLU B 221 32.96 -20.51 -35.84
N LEU B 222 33.87 -19.86 -35.13
CA LEU B 222 33.82 -18.42 -34.92
C LEU B 222 34.72 -17.75 -35.95
N PHE B 223 34.14 -16.89 -36.78
CA PHE B 223 34.88 -16.14 -37.78
C PHE B 223 35.04 -14.70 -37.29
N VAL B 224 36.25 -14.17 -37.41
CA VAL B 224 36.56 -12.81 -36.97
C VAL B 224 37.24 -12.08 -38.12
N LEU B 225 36.79 -10.86 -38.40
CA LEU B 225 37.36 -10.00 -39.43
C LEU B 225 37.82 -8.70 -38.80
N ALA B 226 39.03 -8.27 -39.16
CA ALA B 226 39.57 -6.99 -38.71
C ALA B 226 39.42 -5.97 -39.83
N CYS B 227 38.80 -4.83 -39.52
CA CYS B 227 38.62 -3.78 -40.52
C CYS B 227 38.21 -2.47 -39.85
N GLU B 228 38.90 -1.38 -40.20
CA GLU B 228 38.63 -0.10 -39.55
C GLU B 228 37.27 0.46 -39.97
N LEU B 229 36.88 0.28 -41.22
CA LEU B 229 35.62 0.81 -41.75
C LEU B 229 34.86 -0.32 -42.41
N ILE B 230 33.69 -0.65 -41.87
CA ILE B 230 32.86 -1.75 -42.35
C ILE B 230 31.45 -1.25 -42.58
N ASN B 231 30.72 -1.99 -43.41
CA ASN B 231 29.30 -1.72 -43.61
C ASN B 231 28.51 -2.06 -42.37
N LYS B 232 27.46 -1.28 -42.10
CA LYS B 232 26.63 -1.52 -40.93
C LYS B 232 25.99 -2.91 -40.97
N LYS B 233 25.86 -3.50 -42.16
CA LYS B 233 25.27 -4.83 -42.32
C LYS B 233 26.35 -5.90 -42.51
N CYS B 234 27.55 -5.68 -41.96
CA CYS B 234 28.63 -6.64 -42.12
C CYS B 234 28.22 -8.00 -41.57
N PHE B 235 28.07 -8.98 -42.46
CA PHE B 235 27.65 -10.33 -42.13
C PHE B 235 26.23 -10.38 -41.59
N GLN B 236 25.49 -9.27 -41.62
CA GLN B 236 24.10 -9.25 -41.22
C GLN B 236 23.16 -9.54 -42.38
N GLU B 237 23.57 -9.21 -43.61
CA GLU B 237 22.79 -9.46 -44.80
C GLU B 237 23.60 -10.31 -45.78
N GLY B 238 22.90 -10.89 -46.74
CA GLY B 238 23.56 -11.74 -47.72
C GLY B 238 22.58 -12.22 -48.76
N LYS B 239 23.05 -13.14 -49.59
CA LYS B 239 22.25 -13.71 -50.68
C LYS B 239 21.55 -14.99 -50.29
N GLU B 240 22.25 -15.90 -49.58
CA GLU B 240 21.69 -17.17 -49.16
C GLU B 240 21.98 -17.44 -47.69
N LYS B 241 22.10 -16.39 -46.89
CA LYS B 241 22.42 -16.52 -45.47
C LYS B 241 21.18 -16.80 -44.61
N ALA B 242 20.08 -17.26 -45.22
CA ALA B 242 18.88 -17.55 -44.44
C ALA B 242 19.17 -18.53 -43.31
N LEU B 243 20.07 -19.48 -43.54
CA LEU B 243 20.47 -20.42 -42.49
C LEU B 243 21.46 -19.81 -41.51
N TYR B 244 21.98 -18.62 -41.79
CA TYR B 244 22.91 -17.92 -40.91
C TYR B 244 22.20 -16.71 -40.34
N LYS B 245 21.49 -16.93 -39.23
CA LYS B 245 20.84 -15.83 -38.50
C LYS B 245 20.97 -15.93 -36.99
N SER B 246 21.38 -17.07 -36.45
CA SER B 246 21.61 -17.18 -35.01
C SER B 246 22.85 -16.42 -34.57
N ASN B 247 23.64 -15.91 -35.52
CA ASN B 247 24.88 -15.22 -35.18
C ASN B 247 24.59 -14.02 -34.28
N LYS B 248 25.34 -13.92 -33.19
CA LYS B 248 25.30 -12.74 -32.32
C LYS B 248 26.41 -11.77 -32.71
N ILE B 249 26.29 -11.24 -33.92
CA ILE B 249 27.37 -10.43 -34.50
C ILE B 249 27.62 -9.23 -33.60
N ILE B 250 28.87 -9.10 -33.12
CA ILE B 250 29.29 -7.99 -32.28
C ILE B 250 30.58 -7.43 -32.85
N TYR B 251 30.85 -6.16 -32.53
CA TYR B 251 31.97 -5.43 -33.09
C TYR B 251 32.76 -4.77 -31.97
N HIS B 252 34.09 -4.79 -32.10
CA HIS B 252 34.97 -4.21 -31.10
C HIS B 252 36.40 -4.26 -31.61
N LYS B 253 37.20 -3.28 -31.19
CA LYS B 253 38.64 -3.24 -31.46
C LYS B 253 38.88 -3.54 -32.96
N ASN B 254 38.15 -2.83 -33.80
CA ASN B 254 38.21 -2.97 -35.25
C ASN B 254 37.92 -4.39 -35.72
N LEU B 255 37.38 -5.25 -34.84
CA LEU B 255 37.14 -6.65 -35.13
C LEU B 255 35.64 -6.91 -35.23
N THR B 256 35.24 -7.66 -36.25
CA THR B 256 33.86 -8.12 -36.41
C THR B 256 33.83 -9.61 -36.15
N ILE B 257 33.04 -10.02 -35.16
CA ILE B 257 32.97 -11.41 -34.73
C ILE B 257 31.71 -12.04 -35.30
N PHE B 258 31.86 -13.18 -35.96
CA PHE B 258 30.76 -13.88 -36.62
C PHE B 258 30.69 -15.29 -36.07
N LYS B 259 29.71 -15.56 -35.20
CA LYS B 259 29.54 -16.86 -34.58
C LYS B 259 28.67 -17.72 -35.46
N ALA B 260 29.27 -18.73 -36.11
CA ALA B 260 28.53 -19.56 -37.03
C ALA B 260 27.49 -20.38 -36.28
N PRO B 261 26.30 -20.58 -36.85
CA PRO B 261 25.30 -21.42 -36.19
C PRO B 261 25.71 -22.89 -36.19
N PHE B 262 25.17 -23.62 -35.22
CA PHE B 262 25.56 -25.02 -35.06
C PHE B 262 25.17 -25.87 -36.26
N TYR B 263 23.96 -25.67 -36.80
CA TYR B 263 23.42 -26.54 -37.82
C TYR B 263 22.97 -25.75 -39.04
N VAL B 264 23.21 -26.33 -40.22
CA VAL B 264 22.72 -25.80 -41.48
C VAL B 264 22.18 -26.96 -42.32
N THR B 265 21.29 -26.63 -43.26
CA THR B 265 20.69 -27.62 -44.13
C THR B 265 21.27 -27.65 -45.52
N SER B 266 21.99 -26.60 -45.94
CA SER B 266 22.58 -26.54 -47.26
C SER B 266 23.98 -25.96 -47.16
N LYS B 267 24.82 -26.31 -48.13
CA LYS B 267 26.20 -25.85 -48.14
C LYS B 267 26.30 -24.38 -48.56
N ASP B 268 25.47 -23.97 -49.53
CA ASP B 268 25.56 -22.63 -50.10
C ASP B 268 24.82 -21.63 -49.21
N VAL B 269 25.45 -21.31 -48.09
CA VAL B 269 24.96 -20.29 -47.16
C VAL B 269 25.90 -19.11 -47.33
N ASN B 270 25.50 -18.17 -48.19
CA ASN B 270 26.36 -17.04 -48.55
C ASN B 270 26.08 -15.86 -47.63
N THR B 271 27.02 -15.58 -46.74
CA THR B 271 26.97 -14.41 -45.87
C THR B 271 28.08 -13.45 -46.29
N GLU B 272 27.72 -12.20 -46.57
CA GLU B 272 28.63 -11.25 -47.18
C GLU B 272 28.86 -10.06 -46.25
N CYS B 273 30.07 -9.50 -46.35
CA CYS B 273 30.43 -8.27 -45.65
C CYS B 273 31.37 -7.47 -46.54
N THR B 274 31.40 -6.16 -46.32
CA THR B 274 32.22 -5.25 -47.10
C THR B 274 33.15 -4.48 -46.18
N CYS B 275 34.43 -4.41 -46.55
CA CYS B 275 35.44 -3.68 -45.81
C CYS B 275 36.10 -2.66 -46.73
N LYS B 276 36.30 -1.45 -46.20
CA LYS B 276 36.86 -0.34 -46.96
C LYS B 276 38.34 -0.11 -46.65
N PHE B 277 39.06 -1.17 -46.29
CA PHE B 277 40.48 -1.04 -45.98
C PHE B 277 41.25 -0.55 -47.20
N LYS B 278 42.11 0.45 -46.98
CA LYS B 278 42.93 1.03 -48.04
C LYS B 278 42.09 1.50 -49.22
N ASN B 279 40.90 2.02 -48.93
CA ASN B 279 39.98 2.54 -49.95
C ASN B 279 39.62 1.49 -51.00
N ASN B 280 39.71 0.21 -50.63
CA ASN B 280 39.39 -0.89 -51.53
C ASN B 280 38.16 -1.63 -51.01
N ASN B 281 37.26 -1.99 -51.92
CA ASN B 281 36.01 -2.65 -51.56
C ASN B 281 36.27 -4.15 -51.39
N TYR B 282 36.90 -4.49 -50.27
CA TYR B 282 37.14 -5.89 -49.94
C TYR B 282 35.83 -6.58 -49.61
N LYS B 283 35.67 -7.80 -50.12
CA LYS B 283 34.48 -8.61 -49.91
C LYS B 283 34.85 -9.88 -49.17
N ILE B 284 34.09 -10.21 -48.13
CA ILE B 284 34.31 -11.40 -47.32
C ILE B 284 33.06 -12.26 -47.38
N VAL B 285 33.24 -13.53 -47.74
CA VAL B 285 32.14 -14.48 -47.87
C VAL B 285 32.41 -15.65 -46.93
N LEU B 286 31.41 -16.02 -46.13
CA LEU B 286 31.51 -17.11 -45.18
C LEU B 286 30.50 -18.18 -45.55
N LYS B 287 30.95 -19.43 -45.63
CA LYS B 287 30.09 -20.56 -45.95
C LYS B 287 30.42 -21.73 -45.03
N PRO B 288 29.44 -22.57 -44.73
CA PRO B 288 29.68 -23.69 -43.82
C PRO B 288 30.51 -24.78 -44.45
N LYS B 289 31.18 -25.55 -43.59
CA LYS B 289 31.78 -26.82 -43.97
C LYS B 289 30.67 -27.86 -43.91
N TYR B 290 29.94 -28.00 -45.01
CA TYR B 290 28.67 -28.70 -44.99
C TYR B 290 28.84 -30.15 -44.55
N GLU B 291 28.22 -30.49 -43.43
CA GLU B 291 28.11 -31.87 -42.97
C GLU B 291 26.84 -31.97 -42.14
N LYS B 292 25.75 -32.42 -42.77
CA LYS B 292 24.46 -32.46 -42.08
C LYS B 292 24.55 -33.36 -40.87
N LYS B 293 24.05 -32.86 -39.74
CA LYS B 293 24.09 -33.60 -38.47
C LYS B 293 22.81 -34.41 -38.33
N VAL B 294 22.96 -35.73 -38.16
CA VAL B 294 21.81 -36.57 -37.90
C VAL B 294 21.20 -36.14 -36.58
N ILE B 295 19.93 -35.75 -36.60
CA ILE B 295 19.28 -35.20 -35.42
C ILE B 295 19.05 -36.33 -34.43
N HIS B 296 19.69 -36.25 -33.26
CA HIS B 296 19.48 -37.21 -32.19
C HIS B 296 18.19 -36.87 -31.43
N GLY B 297 17.09 -36.84 -32.20
CA GLY B 297 15.79 -36.50 -31.67
C GLY B 297 14.71 -37.43 -32.18
N CYS B 298 13.57 -36.88 -32.58
CA CYS B 298 12.42 -37.69 -32.96
C CYS B 298 11.68 -36.99 -34.08
N ASN B 299 11.06 -37.78 -34.96
CA ASN B 299 10.32 -37.27 -36.11
C ASN B 299 8.94 -37.90 -36.11
N PHE B 300 7.93 -37.13 -35.71
CA PHE B 300 6.56 -37.60 -35.69
C PHE B 300 5.83 -37.37 -37.01
N SER B 301 6.45 -36.66 -37.95
CA SER B 301 5.83 -36.36 -39.23
C SER B 301 6.11 -37.48 -40.23
N SER B 302 5.11 -37.78 -41.07
CA SER B 302 5.28 -38.81 -42.09
C SER B 302 6.32 -38.42 -43.13
N ASN B 303 6.65 -37.13 -43.23
CA ASN B 303 7.64 -36.64 -44.20
C ASN B 303 9.04 -36.94 -43.64
N VAL B 304 9.45 -38.20 -43.77
CA VAL B 304 10.78 -38.61 -43.31
C VAL B 304 11.87 -38.30 -44.31
N SER B 305 11.52 -37.74 -45.47
CA SER B 305 12.49 -37.38 -46.50
C SER B 305 12.69 -35.87 -46.59
N SER B 306 12.39 -35.14 -45.51
CA SER B 306 12.52 -33.69 -45.52
C SER B 306 14.01 -33.31 -45.50
N LYS B 307 14.27 -32.00 -45.44
CA LYS B 307 15.64 -31.52 -45.44
C LYS B 307 16.41 -31.96 -44.20
N HIS B 308 15.72 -32.39 -43.15
CA HIS B 308 16.34 -32.81 -41.90
C HIS B 308 16.32 -34.32 -41.79
N THR B 309 17.22 -34.84 -40.95
CA THR B 309 17.34 -36.27 -40.69
C THR B 309 17.27 -36.49 -39.19
N PHE B 310 16.45 -37.45 -38.77
CA PHE B 310 16.21 -37.74 -37.35
C PHE B 310 16.59 -39.18 -37.05
N THR B 311 17.21 -39.38 -35.89
CA THR B 311 17.58 -40.73 -35.47
C THR B 311 16.35 -41.61 -35.28
N ASP B 312 15.31 -41.06 -34.65
CA ASP B 312 14.09 -41.79 -34.36
C ASP B 312 12.93 -41.21 -35.16
N SER B 313 12.06 -42.08 -35.66
CA SER B 313 10.89 -41.66 -36.43
C SER B 313 9.71 -42.51 -36.01
N LEU B 314 8.56 -41.86 -35.78
CA LEU B 314 7.34 -42.56 -35.40
C LEU B 314 6.16 -41.73 -35.92
N ASP B 315 5.65 -42.10 -37.08
CA ASP B 315 4.61 -41.31 -37.75
C ASP B 315 3.35 -41.24 -36.89
N ILE B 316 2.82 -40.04 -36.73
CA ILE B 316 1.54 -39.87 -36.05
C ILE B 316 0.40 -40.42 -36.91
N SER B 317 0.49 -40.20 -38.22
CA SER B 317 -0.53 -40.71 -39.14
C SER B 317 -0.56 -42.23 -39.09
N LEU B 318 -1.60 -42.80 -39.71
CA LEU B 318 -1.81 -44.24 -39.72
C LEU B 318 -1.96 -44.79 -38.30
N VAL B 319 -2.52 -43.97 -37.41
CA VAL B 319 -2.78 -44.35 -36.04
C VAL B 319 -4.24 -44.04 -35.74
N ASP B 320 -5.01 -45.07 -35.38
CA ASP B 320 -6.44 -44.94 -35.14
C ASP B 320 -6.73 -45.11 -33.65
N ASP B 321 -8.00 -44.87 -33.31
CA ASP B 321 -8.49 -45.00 -31.93
C ASP B 321 -7.78 -44.05 -30.97
N SER B 322 -7.21 -42.96 -31.50
CA SER B 322 -6.50 -41.99 -30.67
C SER B 322 -5.42 -42.66 -29.83
N ALA B 323 -4.74 -43.63 -30.42
CA ALA B 323 -3.67 -44.33 -29.72
C ALA B 323 -2.47 -43.41 -29.56
N HIS B 324 -1.96 -43.31 -28.33
CA HIS B 324 -0.82 -42.46 -28.06
C HIS B 324 0.48 -43.12 -28.47
N ILE B 325 1.43 -42.32 -28.91
CA ILE B 325 2.74 -42.79 -29.34
C ILE B 325 3.82 -42.03 -28.57
N SER B 326 4.99 -42.65 -28.45
CA SER B 326 6.09 -42.05 -27.73
C SER B 326 7.40 -42.57 -28.30
N CYS B 327 8.46 -41.82 -28.04
CA CYS B 327 9.80 -42.12 -28.55
C CYS B 327 10.83 -41.61 -27.56
N ASN B 328 11.54 -42.52 -26.90
CA ASN B 328 12.47 -42.16 -25.83
C ASN B 328 13.86 -41.99 -26.45
N VAL B 329 14.21 -40.75 -26.74
CA VAL B 329 15.53 -40.42 -27.27
C VAL B 329 16.51 -40.29 -26.10
N HIS B 330 17.71 -40.87 -26.27
CA HIS B 330 18.71 -40.86 -25.22
C HIS B 330 20.07 -40.50 -25.81
N LEU B 331 20.82 -39.67 -25.10
CA LEU B 331 22.16 -39.26 -25.49
C LEU B 331 23.09 -39.38 -24.29
N SER B 332 24.33 -39.78 -24.56
CA SER B 332 25.33 -39.90 -23.49
C SER B 332 26.72 -39.88 -24.13
N GLU B 333 27.46 -38.80 -23.89
CA GLU B 333 28.83 -38.68 -24.37
C GLU B 333 29.56 -37.67 -23.50
N PRO B 334 30.89 -37.75 -23.40
CA PRO B 334 31.64 -36.77 -22.62
C PRO B 334 31.44 -35.35 -23.16
N LYS B 335 31.75 -35.16 -24.44
CA LYS B 335 31.52 -33.90 -25.13
C LYS B 335 30.37 -34.09 -26.12
N TYR B 336 29.62 -33.02 -26.33
CA TYR B 336 28.44 -33.06 -27.18
C TYR B 336 28.66 -32.18 -28.41
N ASN B 337 28.53 -32.78 -29.59
CA ASN B 337 28.47 -32.07 -30.86
C ASN B 337 27.25 -32.50 -31.64
N HIS B 338 26.16 -32.79 -30.93
CA HIS B 338 24.97 -33.40 -31.50
C HIS B 338 23.90 -32.35 -31.77
N LEU B 339 22.89 -32.76 -32.54
CA LEU B 339 21.74 -31.93 -32.85
C LEU B 339 20.48 -32.65 -32.35
N VAL B 340 19.75 -31.99 -31.45
CA VAL B 340 18.55 -32.57 -30.84
C VAL B 340 17.37 -31.68 -31.19
N GLY B 341 16.30 -32.30 -31.67
CA GLY B 341 15.12 -31.55 -32.05
C GLY B 341 13.93 -32.45 -32.23
N LEU B 342 12.81 -31.85 -32.63
CA LEU B 342 11.56 -32.57 -32.82
C LEU B 342 10.85 -32.04 -34.05
N ASN B 343 10.32 -32.95 -34.87
CA ASN B 343 9.50 -32.62 -36.02
C ASN B 343 8.14 -33.28 -35.84
N CYS B 344 7.07 -32.49 -35.95
CA CYS B 344 5.73 -33.03 -35.73
C CYS B 344 4.69 -32.10 -36.33
N PRO B 345 3.64 -32.62 -36.95
CA PRO B 345 2.52 -31.75 -37.36
C PRO B 345 1.70 -31.29 -36.17
N GLY B 346 1.02 -30.16 -36.36
CA GLY B 346 0.18 -29.61 -35.33
C GLY B 346 0.87 -28.58 -34.46
N ASP B 347 0.49 -28.49 -33.19
CA ASP B 347 1.05 -27.53 -32.25
C ASP B 347 1.70 -28.27 -31.09
N ILE B 348 2.76 -27.67 -30.55
CA ILE B 348 3.53 -28.25 -29.46
C ILE B 348 3.14 -27.55 -28.16
N ILE B 349 2.81 -28.34 -27.14
CA ILE B 349 2.38 -27.80 -25.85
C ILE B 349 3.36 -28.26 -24.77
N PRO B 350 4.16 -27.35 -24.17
CA PRO B 350 4.29 -25.92 -24.47
C PRO B 350 5.06 -25.70 -25.77
N ASP B 351 5.10 -24.47 -26.29
CA ASP B 351 5.78 -24.23 -27.54
C ASP B 351 7.29 -24.34 -27.34
N CYS B 352 7.84 -25.52 -27.61
CA CYS B 352 9.27 -25.76 -27.46
C CYS B 352 10.05 -24.90 -28.46
N PHE B 353 11.32 -24.61 -28.14
CA PHE B 353 12.05 -25.15 -26.99
C PHE B 353 12.23 -24.13 -25.85
N PHE B 354 11.71 -22.92 -26.02
CA PHE B 354 11.90 -21.91 -24.99
C PHE B 354 11.22 -22.31 -23.68
N GLN B 355 10.24 -23.22 -23.74
CA GLN B 355 9.64 -23.81 -22.55
C GLN B 355 9.36 -25.28 -22.84
N VAL B 356 9.75 -26.15 -21.90
CA VAL B 356 9.59 -27.59 -22.05
C VAL B 356 9.10 -28.17 -20.73
N TYR B 357 8.47 -29.33 -20.82
CA TYR B 357 7.94 -30.00 -19.64
C TYR B 357 9.06 -30.51 -18.74
N GLN B 358 8.79 -30.51 -17.45
CA GLN B 358 9.68 -31.16 -16.49
C GLN B 358 9.41 -32.66 -16.48
N PRO B 359 10.42 -33.50 -16.69
CA PRO B 359 10.15 -34.94 -16.86
C PRO B 359 9.54 -35.62 -15.63
N GLU B 360 9.67 -35.02 -14.45
CA GLU B 360 9.25 -35.67 -13.20
C GLU B 360 7.74 -35.51 -13.05
N SER B 361 6.99 -36.43 -13.66
CA SER B 361 5.55 -36.47 -13.48
C SER B 361 5.00 -37.71 -14.18
N GLU B 362 3.94 -38.28 -13.62
CA GLU B 362 3.27 -39.41 -14.27
C GLU B 362 2.60 -38.96 -15.56
N GLU B 363 2.01 -37.78 -15.58
CA GLU B 363 1.43 -37.18 -16.77
C GLU B 363 2.10 -35.83 -16.99
N LEU B 364 2.64 -35.64 -18.19
CA LEU B 364 3.44 -34.45 -18.50
C LEU B 364 2.50 -33.31 -18.90
N GLU B 365 1.83 -32.76 -17.90
CA GLU B 365 0.84 -31.71 -18.05
C GLU B 365 1.48 -30.34 -17.81
N PRO B 366 0.73 -29.26 -18.00
CA PRO B 366 1.34 -27.92 -17.86
C PRO B 366 2.01 -27.68 -16.52
N SER B 367 1.59 -28.40 -15.47
CA SER B 367 2.22 -28.23 -14.17
C SER B 367 3.72 -28.47 -14.21
N ASN B 368 4.22 -29.12 -15.26
CA ASN B 368 5.65 -29.42 -15.40
C ASN B 368 6.37 -28.45 -16.34
N ILE B 369 5.71 -27.36 -16.75
CA ILE B 369 6.32 -26.43 -17.68
C ILE B 369 7.56 -25.81 -17.03
N VAL B 370 8.68 -25.85 -17.76
CA VAL B 370 9.93 -25.28 -17.30
C VAL B 370 10.76 -24.84 -18.50
N TYR B 371 11.64 -23.87 -18.29
CA TYR B 371 12.49 -23.40 -19.36
C TYR B 371 13.57 -24.44 -19.69
N LEU B 372 13.79 -24.65 -20.99
CA LEU B 372 14.84 -25.57 -21.40
C LEU B 372 16.22 -25.07 -21.00
N ASP B 373 16.44 -23.75 -21.07
CA ASP B 373 17.72 -23.19 -20.67
C ASP B 373 18.09 -23.58 -19.25
N SER B 374 17.10 -23.77 -18.39
CA SER B 374 17.33 -24.23 -17.02
C SER B 374 17.22 -25.75 -16.89
N GLN B 375 16.44 -26.39 -17.76
CA GLN B 375 16.26 -27.83 -17.66
C GLN B 375 17.57 -28.57 -17.91
N ILE B 376 18.34 -28.14 -18.91
CA ILE B 376 19.59 -28.79 -19.27
C ILE B 376 20.80 -27.97 -18.85
N ASN B 377 20.60 -26.94 -18.03
CA ASN B 377 21.69 -26.20 -17.39
C ASN B 377 22.59 -25.50 -18.41
N ILE B 378 22.13 -25.31 -19.64
CA ILE B 378 22.90 -24.64 -20.68
C ILE B 378 22.09 -23.45 -21.19
N GLY B 379 22.70 -22.26 -21.16
CA GLY B 379 22.08 -21.08 -21.71
C GLY B 379 22.58 -20.76 -23.10
N ASP B 380 23.61 -21.49 -23.54
CA ASP B 380 24.18 -21.31 -24.87
C ASP B 380 23.56 -22.24 -25.91
N ILE B 381 22.30 -22.63 -25.71
CA ILE B 381 21.65 -23.55 -26.63
C ILE B 381 21.51 -22.87 -27.99
N GLU B 382 21.97 -23.55 -29.04
CA GLU B 382 21.94 -23.01 -30.40
C GLU B 382 20.58 -23.33 -31.01
N TYR B 383 19.60 -22.50 -30.68
CA TYR B 383 18.23 -22.74 -31.14
C TYR B 383 18.16 -22.66 -32.66
N TYR B 384 17.34 -23.54 -33.24
CA TYR B 384 17.11 -23.53 -34.69
C TYR B 384 15.70 -24.04 -34.93
N GLU B 385 14.83 -23.18 -35.46
CA GLU B 385 13.43 -23.50 -35.68
C GLU B 385 13.10 -23.36 -37.17
N ASP B 386 12.28 -24.29 -37.66
CA ASP B 386 11.85 -24.28 -39.05
C ASP B 386 10.47 -24.91 -39.13
N ALA B 387 9.81 -24.71 -40.26
CA ALA B 387 8.47 -25.23 -40.47
C ALA B 387 8.28 -25.59 -41.93
N GLU B 388 7.60 -26.71 -42.18
CA GLU B 388 7.25 -27.15 -43.52
C GLU B 388 5.75 -27.41 -43.54
N GLY B 389 5.01 -26.51 -44.19
CA GLY B 389 3.55 -26.63 -44.17
C GLY B 389 3.05 -26.56 -42.75
N ASP B 390 2.32 -27.58 -42.33
CA ASP B 390 1.80 -27.67 -40.96
C ASP B 390 2.75 -28.37 -40.00
N ASP B 391 3.93 -28.77 -40.48
CA ASP B 391 4.90 -29.49 -39.65
C ASP B 391 5.81 -28.48 -38.95
N LYS B 392 5.77 -28.47 -37.62
CA LYS B 392 6.64 -27.62 -36.82
C LYS B 392 7.93 -28.38 -36.52
N ILE B 393 9.06 -27.76 -36.88
CA ILE B 393 10.37 -28.36 -36.69
C ILE B 393 11.15 -27.48 -35.72
N LYS B 394 11.50 -28.05 -34.57
CA LYS B 394 12.28 -27.37 -33.54
C LYS B 394 13.57 -28.15 -33.31
N LEU B 395 14.70 -27.51 -33.58
CA LEU B 395 16.01 -28.12 -33.41
C LEU B 395 16.91 -27.20 -32.62
N PHE B 396 17.86 -27.79 -31.90
CA PHE B 396 18.83 -27.01 -31.14
C PHE B 396 20.12 -27.78 -31.03
N GLY B 397 21.24 -27.07 -31.06
CA GLY B 397 22.56 -27.67 -31.02
C GLY B 397 23.13 -27.63 -29.61
N ILE B 398 23.91 -28.67 -29.29
CA ILE B 398 24.58 -28.79 -27.99
C ILE B 398 26.08 -28.85 -28.25
N VAL B 399 26.81 -27.90 -27.66
CA VAL B 399 28.25 -27.84 -27.78
C VAL B 399 28.85 -27.82 -26.37
N GLY B 400 29.79 -28.71 -26.12
CA GLY B 400 30.42 -28.82 -24.81
C GLY B 400 29.84 -29.99 -24.03
N SER B 401 29.47 -29.72 -22.77
CA SER B 401 28.90 -30.75 -21.91
C SER B 401 27.98 -30.09 -20.89
N ILE B 402 27.09 -30.90 -20.33
CA ILE B 402 26.13 -30.44 -19.32
C ILE B 402 26.67 -30.87 -17.96
N PRO B 403 26.71 -29.96 -16.96
CA PRO B 403 27.28 -30.34 -15.67
C PRO B 403 26.53 -31.45 -14.96
N LYS B 404 25.26 -31.67 -15.29
CA LYS B 404 24.46 -32.70 -14.64
C LYS B 404 23.64 -33.43 -15.68
N THR B 405 23.27 -34.68 -15.35
CA THR B 405 22.38 -35.44 -16.21
C THR B 405 20.99 -34.81 -16.20
N THR B 406 20.41 -34.64 -17.38
CA THR B 406 19.13 -33.95 -17.53
C THR B 406 18.31 -34.61 -18.62
N SER B 407 17.00 -34.35 -18.57
CA SER B 407 16.08 -34.84 -19.59
C SER B 407 14.92 -33.87 -19.70
N PHE B 408 14.27 -33.88 -20.86
CA PHE B 408 13.14 -33.00 -21.12
C PHE B 408 12.18 -33.69 -22.07
N THR B 409 10.94 -33.23 -22.07
CA THR B 409 9.89 -33.84 -22.89
C THR B 409 9.05 -32.75 -23.55
N CYS B 410 8.84 -32.88 -24.86
CA CYS B 410 7.96 -32.02 -25.62
C CYS B 410 6.78 -32.84 -26.13
N ILE B 411 5.57 -32.41 -25.82
CA ILE B 411 4.35 -33.11 -26.24
C ILE B 411 3.81 -32.42 -27.48
N CYS B 412 3.49 -33.20 -28.51
CA CYS B 412 2.87 -32.71 -29.73
C CYS B 412 1.45 -33.26 -29.80
N LYS B 413 0.48 -32.36 -29.88
CA LYS B 413 -0.93 -32.72 -29.89
C LYS B 413 -1.61 -32.17 -31.13
N LYS B 414 -2.45 -33.00 -31.75
CA LYS B 414 -3.23 -32.59 -32.91
C LYS B 414 -4.55 -33.35 -32.89
N ASP B 415 -5.64 -32.60 -33.01
CA ASP B 415 -6.98 -33.20 -33.02
C ASP B 415 -7.21 -34.01 -31.74
N LYS B 416 -7.32 -35.33 -31.86
CA LYS B 416 -7.59 -36.20 -30.72
C LYS B 416 -6.43 -37.11 -30.38
N LYS B 417 -5.30 -37.01 -31.08
CA LYS B 417 -4.14 -37.85 -30.84
C LYS B 417 -2.96 -36.98 -30.43
N SER B 418 -2.10 -37.55 -29.59
CA SER B 418 -0.93 -36.85 -29.08
C SER B 418 0.30 -37.72 -29.23
N ALA B 419 1.44 -37.07 -29.44
CA ALA B 419 2.74 -37.75 -29.56
C ALA B 419 3.68 -37.19 -28.50
N TYR B 420 4.36 -38.09 -27.80
CA TYR B 420 5.23 -37.72 -26.69
C TYR B 420 6.69 -37.84 -27.13
N MET B 421 7.43 -36.74 -27.02
CA MET B 421 8.84 -36.69 -27.36
C MET B 421 9.64 -36.53 -26.07
N THR B 422 10.67 -37.37 -25.91
CA THR B 422 11.51 -37.36 -24.72
C THR B 422 12.97 -37.46 -25.12
N VAL B 423 13.81 -36.61 -24.54
CA VAL B 423 15.25 -36.65 -24.72
C VAL B 423 15.89 -36.77 -23.35
N THR B 424 16.81 -37.73 -23.20
CA THR B 424 17.57 -37.93 -21.97
C THR B 424 19.04 -37.72 -22.30
N ILE B 425 19.60 -36.62 -21.82
CA ILE B 425 20.98 -36.25 -22.11
C ILE B 425 21.80 -36.62 -20.88
N ASP B 426 22.39 -37.81 -20.91
CA ASP B 426 23.20 -38.30 -19.79
C ASP B 426 24.67 -38.03 -20.06
N SER B 427 25.04 -36.76 -19.92
CA SER B 427 26.42 -36.34 -20.11
C SER B 427 27.30 -36.91 -19.01
N ALA B 428 28.59 -37.08 -19.32
CA ALA B 428 29.54 -37.61 -18.36
C ALA B 428 29.88 -36.55 -17.30
N TYR B 429 28.95 -36.30 -16.39
CA TYR B 429 29.14 -35.30 -15.36
C TYR B 429 28.35 -35.74 -14.12
N TYR B 430 28.15 -34.83 -13.19
CA TYR B 430 27.41 -35.12 -11.95
C TYR B 430 28.18 -36.12 -11.10
#